data_182L
# 
_entry.id   182L 
# 
_audit_conform.dict_name       mmcif_pdbx.dic 
_audit_conform.dict_version    5.385 
_audit_conform.dict_location   http://mmcif.pdb.org/dictionaries/ascii/mmcif_pdbx.dic 
# 
loop_
_database_2.database_id 
_database_2.database_code 
_database_2.pdbx_database_accession 
_database_2.pdbx_DOI 
PDB   182L         pdb_0000182l 10.2210/pdb182l/pdb 
WWPDB D_1000170184 ?            ?                   
# 
loop_
_pdbx_audit_revision_history.ordinal 
_pdbx_audit_revision_history.data_content_type 
_pdbx_audit_revision_history.major_revision 
_pdbx_audit_revision_history.minor_revision 
_pdbx_audit_revision_history.revision_date 
1 'Structure model' 1 0 1995-07-10 
2 'Structure model' 1 1 2008-03-03 
3 'Structure model' 1 2 2011-07-13 
4 'Structure model' 1 3 2017-11-29 
5 'Structure model' 1 4 2024-02-07 
# 
_pdbx_audit_revision_details.ordinal             1 
_pdbx_audit_revision_details.revision_ordinal    1 
_pdbx_audit_revision_details.data_content_type   'Structure model' 
_pdbx_audit_revision_details.provider            repository 
_pdbx_audit_revision_details.type                'Initial release' 
_pdbx_audit_revision_details.description         ? 
_pdbx_audit_revision_details.details             ? 
# 
loop_
_pdbx_audit_revision_group.ordinal 
_pdbx_audit_revision_group.revision_ordinal 
_pdbx_audit_revision_group.data_content_type 
_pdbx_audit_revision_group.group 
1 2 'Structure model' 'Version format compliance' 
2 3 'Structure model' 'Version format compliance' 
3 4 'Structure model' 'Derived calculations'      
4 4 'Structure model' Other                       
5 5 'Structure model' 'Data collection'           
6 5 'Structure model' 'Database references'       
7 5 'Structure model' 'Derived calculations'      
# 
loop_
_pdbx_audit_revision_category.ordinal 
_pdbx_audit_revision_category.revision_ordinal 
_pdbx_audit_revision_category.data_content_type 
_pdbx_audit_revision_category.category 
1 4 'Structure model' pdbx_database_status 
2 4 'Structure model' struct_conf          
3 4 'Structure model' struct_conf_type     
4 5 'Structure model' chem_comp_atom       
5 5 'Structure model' chem_comp_bond       
6 5 'Structure model' database_2           
7 5 'Structure model' struct_ref_seq_dif   
8 5 'Structure model' struct_site          
# 
loop_
_pdbx_audit_revision_item.ordinal 
_pdbx_audit_revision_item.revision_ordinal 
_pdbx_audit_revision_item.data_content_type 
_pdbx_audit_revision_item.item 
1 4 'Structure model' '_pdbx_database_status.process_site'  
2 5 'Structure model' '_database_2.pdbx_DOI'                
3 5 'Structure model' '_database_2.pdbx_database_accession' 
4 5 'Structure model' '_struct_ref_seq_dif.details'         
5 5 'Structure model' '_struct_site.pdbx_auth_asym_id'      
6 5 'Structure model' '_struct_site.pdbx_auth_comp_id'      
7 5 'Structure model' '_struct_site.pdbx_auth_seq_id'       
# 
_pdbx_database_status.status_code                     REL 
_pdbx_database_status.entry_id                        182L 
_pdbx_database_status.recvd_initial_deposition_date   1995-04-19 
_pdbx_database_status.deposit_site                    ? 
_pdbx_database_status.process_site                    BNL 
_pdbx_database_status.SG_entry                        . 
_pdbx_database_status.status_code_sf                  REL 
_pdbx_database_status.pdb_format_compatible           Y 
_pdbx_database_status.status_code_mr                  ? 
_pdbx_database_status.status_code_cs                  ? 
_pdbx_database_status.methods_development_category    ? 
_pdbx_database_status.status_code_nmr_data            ? 
# 
loop_
_audit_author.name 
_audit_author.pdbx_ordinal 
'Morton, A.'     1 
'Matthews, B.W.' 2 
# 
loop_
_citation.id 
_citation.title 
_citation.journal_abbrev 
_citation.journal_volume 
_citation.page_first 
_citation.page_last 
_citation.year 
_citation.journal_id_ASTM 
_citation.country 
_citation.journal_id_ISSN 
_citation.journal_id_CSD 
_citation.book_publisher 
_citation.pdbx_database_id_PubMed 
_citation.pdbx_database_id_DOI 
primary 'Specificity of ligand binding in a buried nonpolar cavity of T4 lysozyme: linkage of dynamics and structural plasticity.' 
Biochemistry      34  8576 8588 1995 BICHAW US 0006-2960 0033 ? 7612599 10.1021/bi00027a007 
1       'Energetic Origins of Specificity of Ligand Binding in an Interior Cavity of T4 Lysozyme'                                  
'To be Published' ?   ?    ?    ?    ?      ?  ?         0353 ? ?       ?                   
2       'Structure of Bacteriophage T4 Lysozyme Refined at 1.7 Angstroms Resolution'                                               
J.Mol.Biol.       193 189  ?    1987 JMOBAK UK 0022-2836 0070 ? ?       ?                   
# 
loop_
_citation_author.citation_id 
_citation_author.name 
_citation_author.ordinal 
_citation_author.identifier_ORCID 
primary 'Morton, A.'     1 ? 
primary 'Matthews, B.W.' 2 ? 
1       'Morton, A.'     3 ? 
1       'Baase, W.A.'    4 ? 
1       'Matthews, B.W.' 5 ? 
2       'Weaver, L.H.'   6 ? 
2       'Matthews, B.W.' 7 ? 
# 
loop_
_entity.id 
_entity.type 
_entity.src_method 
_entity.pdbx_description 
_entity.formula_weight 
_entity.pdbx_number_of_molecules 
_entity.pdbx_ec 
_entity.pdbx_mutation 
_entity.pdbx_fragment 
_entity.details 
1 polymer     man 'T4 LYSOZYME'              18586.283 1   3.2.1.17 ? ? ? 
2 non-polymer syn 'CHLORIDE ION'             35.453    2   ?        ? ? ? 
3 non-polymer syn '2-HYDROXYETHYL DISULFIDE' 154.251   1   ?        ? ? ? 
4 non-polymer syn BENZOFURAN                 118.133   1   ?        ? ? ? 
5 water       nat water                      18.015    128 ?        ? ? ? 
# 
_entity_poly.entity_id                      1 
_entity_poly.type                           'polypeptide(L)' 
_entity_poly.nstd_linkage                   no 
_entity_poly.nstd_monomer                   no 
_entity_poly.pdbx_seq_one_letter_code       
;MNIFEMLRIDEGLRLKIYKDTEGYYTIGIGHLLTKSPSLNAAKSELDKAIGRNTNGVITKDEAEKLFNQDVDAAVRGILR
NAKLKPVYDSLDAVRRAAAINMVFQMGETGVAGFTNSLRMLQQKRWDEAAVNLAKSRWYNQTPNRAKRVITTFRTGTWDA
YKNL
;
_entity_poly.pdbx_seq_one_letter_code_can   
;MNIFEMLRIDEGLRLKIYKDTEGYYTIGIGHLLTKSPSLNAAKSELDKAIGRNTNGVITKDEAEKLFNQDVDAAVRGILR
NAKLKPVYDSLDAVRRAAAINMVFQMGETGVAGFTNSLRMLQQKRWDEAAVNLAKSRWYNQTPNRAKRVITTFRTGTWDA
YKNL
;
_entity_poly.pdbx_strand_id                 A 
_entity_poly.pdbx_target_identifier         ? 
# 
loop_
_pdbx_entity_nonpoly.entity_id 
_pdbx_entity_nonpoly.name 
_pdbx_entity_nonpoly.comp_id 
2 'CHLORIDE ION'             CL  
3 '2-HYDROXYETHYL DISULFIDE' HED 
4 BENZOFURAN                 BZF 
5 water                      HOH 
# 
loop_
_entity_poly_seq.entity_id 
_entity_poly_seq.num 
_entity_poly_seq.mon_id 
_entity_poly_seq.hetero 
1 1   MET n 
1 2   ASN n 
1 3   ILE n 
1 4   PHE n 
1 5   GLU n 
1 6   MET n 
1 7   LEU n 
1 8   ARG n 
1 9   ILE n 
1 10  ASP n 
1 11  GLU n 
1 12  GLY n 
1 13  LEU n 
1 14  ARG n 
1 15  LEU n 
1 16  LYS n 
1 17  ILE n 
1 18  TYR n 
1 19  LYS n 
1 20  ASP n 
1 21  THR n 
1 22  GLU n 
1 23  GLY n 
1 24  TYR n 
1 25  TYR n 
1 26  THR n 
1 27  ILE n 
1 28  GLY n 
1 29  ILE n 
1 30  GLY n 
1 31  HIS n 
1 32  LEU n 
1 33  LEU n 
1 34  THR n 
1 35  LYS n 
1 36  SER n 
1 37  PRO n 
1 38  SER n 
1 39  LEU n 
1 40  ASN n 
1 41  ALA n 
1 42  ALA n 
1 43  LYS n 
1 44  SER n 
1 45  GLU n 
1 46  LEU n 
1 47  ASP n 
1 48  LYS n 
1 49  ALA n 
1 50  ILE n 
1 51  GLY n 
1 52  ARG n 
1 53  ASN n 
1 54  THR n 
1 55  ASN n 
1 56  GLY n 
1 57  VAL n 
1 58  ILE n 
1 59  THR n 
1 60  LYS n 
1 61  ASP n 
1 62  GLU n 
1 63  ALA n 
1 64  GLU n 
1 65  LYS n 
1 66  LEU n 
1 67  PHE n 
1 68  ASN n 
1 69  GLN n 
1 70  ASP n 
1 71  VAL n 
1 72  ASP n 
1 73  ALA n 
1 74  ALA n 
1 75  VAL n 
1 76  ARG n 
1 77  GLY n 
1 78  ILE n 
1 79  LEU n 
1 80  ARG n 
1 81  ASN n 
1 82  ALA n 
1 83  LYS n 
1 84  LEU n 
1 85  LYS n 
1 86  PRO n 
1 87  VAL n 
1 88  TYR n 
1 89  ASP n 
1 90  SER n 
1 91  LEU n 
1 92  ASP n 
1 93  ALA n 
1 94  VAL n 
1 95  ARG n 
1 96  ARG n 
1 97  ALA n 
1 98  ALA n 
1 99  ALA n 
1 100 ILE n 
1 101 ASN n 
1 102 MET n 
1 103 VAL n 
1 104 PHE n 
1 105 GLN n 
1 106 MET n 
1 107 GLY n 
1 108 GLU n 
1 109 THR n 
1 110 GLY n 
1 111 VAL n 
1 112 ALA n 
1 113 GLY n 
1 114 PHE n 
1 115 THR n 
1 116 ASN n 
1 117 SER n 
1 118 LEU n 
1 119 ARG n 
1 120 MET n 
1 121 LEU n 
1 122 GLN n 
1 123 GLN n 
1 124 LYS n 
1 125 ARG n 
1 126 TRP n 
1 127 ASP n 
1 128 GLU n 
1 129 ALA n 
1 130 ALA n 
1 131 VAL n 
1 132 ASN n 
1 133 LEU n 
1 134 ALA n 
1 135 LYS n 
1 136 SER n 
1 137 ARG n 
1 138 TRP n 
1 139 TYR n 
1 140 ASN n 
1 141 GLN n 
1 142 THR n 
1 143 PRO n 
1 144 ASN n 
1 145 ARG n 
1 146 ALA n 
1 147 LYS n 
1 148 ARG n 
1 149 VAL n 
1 150 ILE n 
1 151 THR n 
1 152 THR n 
1 153 PHE n 
1 154 ARG n 
1 155 THR n 
1 156 GLY n 
1 157 THR n 
1 158 TRP n 
1 159 ASP n 
1 160 ALA n 
1 161 TYR n 
1 162 LYS n 
1 163 ASN n 
1 164 LEU n 
# 
_entity_src_gen.entity_id                          1 
_entity_src_gen.pdbx_src_id                        1 
_entity_src_gen.pdbx_alt_source_flag               sample 
_entity_src_gen.pdbx_seq_type                      ? 
_entity_src_gen.pdbx_beg_seq_num                   ? 
_entity_src_gen.pdbx_end_seq_num                   ? 
_entity_src_gen.gene_src_common_name               ? 
_entity_src_gen.gene_src_genus                     'T4-like viruses' 
_entity_src_gen.pdbx_gene_src_gene                 ? 
_entity_src_gen.gene_src_species                   'Enterobacteria phage T4 sensu lato' 
_entity_src_gen.gene_src_strain                    ? 
_entity_src_gen.gene_src_tissue                    ? 
_entity_src_gen.gene_src_tissue_fraction           ? 
_entity_src_gen.gene_src_details                   ? 
_entity_src_gen.pdbx_gene_src_fragment             ? 
_entity_src_gen.pdbx_gene_src_scientific_name      'Enterobacteria phage T4' 
_entity_src_gen.pdbx_gene_src_ncbi_taxonomy_id     10665 
_entity_src_gen.pdbx_gene_src_variant              ? 
_entity_src_gen.pdbx_gene_src_cell_line            ? 
_entity_src_gen.pdbx_gene_src_atcc                 ? 
_entity_src_gen.pdbx_gene_src_organ                ? 
_entity_src_gen.pdbx_gene_src_organelle            ? 
_entity_src_gen.pdbx_gene_src_cell                 ? 
_entity_src_gen.pdbx_gene_src_cellular_location    ? 
_entity_src_gen.host_org_common_name               ? 
_entity_src_gen.pdbx_host_org_scientific_name      ? 
_entity_src_gen.pdbx_host_org_ncbi_taxonomy_id     ? 
_entity_src_gen.host_org_genus                     ? 
_entity_src_gen.pdbx_host_org_gene                 ? 
_entity_src_gen.pdbx_host_org_organ                ? 
_entity_src_gen.host_org_species                   ? 
_entity_src_gen.pdbx_host_org_tissue               ? 
_entity_src_gen.pdbx_host_org_tissue_fraction      ? 
_entity_src_gen.pdbx_host_org_strain               ? 
_entity_src_gen.pdbx_host_org_variant              ? 
_entity_src_gen.pdbx_host_org_cell_line            ? 
_entity_src_gen.pdbx_host_org_atcc                 ? 
_entity_src_gen.pdbx_host_org_culture_collection   ? 
_entity_src_gen.pdbx_host_org_cell                 ? 
_entity_src_gen.pdbx_host_org_organelle            ? 
_entity_src_gen.pdbx_host_org_cellular_location    ? 
_entity_src_gen.pdbx_host_org_vector_type          PLASMID 
_entity_src_gen.pdbx_host_org_vector               ? 
_entity_src_gen.host_org_details                   ? 
_entity_src_gen.expression_system_id               ? 
_entity_src_gen.plasmid_name                       M13 
_entity_src_gen.plasmid_details                    ? 
_entity_src_gen.pdbx_description                   ? 
# 
loop_
_chem_comp.id 
_chem_comp.type 
_chem_comp.mon_nstd_flag 
_chem_comp.name 
_chem_comp.pdbx_synonyms 
_chem_comp.formula 
_chem_comp.formula_weight 
ALA 'L-peptide linking' y ALANINE                    ? 'C3 H7 N O2'     89.093  
ARG 'L-peptide linking' y ARGININE                   ? 'C6 H15 N4 O2 1' 175.209 
ASN 'L-peptide linking' y ASPARAGINE                 ? 'C4 H8 N2 O3'    132.118 
ASP 'L-peptide linking' y 'ASPARTIC ACID'            ? 'C4 H7 N O4'     133.103 
BZF non-polymer         . BENZOFURAN                 ? 'C8 H6 O'        118.133 
CL  non-polymer         . 'CHLORIDE ION'             ? 'Cl -1'          35.453  
CYS 'L-peptide linking' y CYSTEINE                   ? 'C3 H7 N O2 S'   121.158 
GLN 'L-peptide linking' y GLUTAMINE                  ? 'C5 H10 N2 O3'   146.144 
GLU 'L-peptide linking' y 'GLUTAMIC ACID'            ? 'C5 H9 N O4'     147.129 
GLY 'peptide linking'   y GLYCINE                    ? 'C2 H5 N O2'     75.067  
HED non-polymer         . '2-HYDROXYETHYL DISULFIDE' ? 'C4 H10 O2 S2'   154.251 
HIS 'L-peptide linking' y HISTIDINE                  ? 'C6 H10 N3 O2 1' 156.162 
HOH non-polymer         . WATER                      ? 'H2 O'           18.015  
ILE 'L-peptide linking' y ISOLEUCINE                 ? 'C6 H13 N O2'    131.173 
LEU 'L-peptide linking' y LEUCINE                    ? 'C6 H13 N O2'    131.173 
LYS 'L-peptide linking' y LYSINE                     ? 'C6 H15 N2 O2 1' 147.195 
MET 'L-peptide linking' y METHIONINE                 ? 'C5 H11 N O2 S'  149.211 
PHE 'L-peptide linking' y PHENYLALANINE              ? 'C9 H11 N O2'    165.189 
PRO 'L-peptide linking' y PROLINE                    ? 'C5 H9 N O2'     115.130 
SER 'L-peptide linking' y SERINE                     ? 'C3 H7 N O3'     105.093 
THR 'L-peptide linking' y THREONINE                  ? 'C4 H9 N O3'     119.119 
TRP 'L-peptide linking' y TRYPTOPHAN                 ? 'C11 H12 N2 O2'  204.225 
TYR 'L-peptide linking' y TYROSINE                   ? 'C9 H11 N O3'    181.189 
VAL 'L-peptide linking' y VALINE                     ? 'C5 H11 N O2'    117.146 
# 
loop_
_pdbx_poly_seq_scheme.asym_id 
_pdbx_poly_seq_scheme.entity_id 
_pdbx_poly_seq_scheme.seq_id 
_pdbx_poly_seq_scheme.mon_id 
_pdbx_poly_seq_scheme.ndb_seq_num 
_pdbx_poly_seq_scheme.pdb_seq_num 
_pdbx_poly_seq_scheme.auth_seq_num 
_pdbx_poly_seq_scheme.pdb_mon_id 
_pdbx_poly_seq_scheme.auth_mon_id 
_pdbx_poly_seq_scheme.pdb_strand_id 
_pdbx_poly_seq_scheme.pdb_ins_code 
_pdbx_poly_seq_scheme.hetero 
A 1 1   MET 1   1   1   MET MET A . n 
A 1 2   ASN 2   2   2   ASN ASN A . n 
A 1 3   ILE 3   3   3   ILE ILE A . n 
A 1 4   PHE 4   4   4   PHE PHE A . n 
A 1 5   GLU 5   5   5   GLU GLU A . n 
A 1 6   MET 6   6   6   MET MET A . n 
A 1 7   LEU 7   7   7   LEU LEU A . n 
A 1 8   ARG 8   8   8   ARG ARG A . n 
A 1 9   ILE 9   9   9   ILE ILE A . n 
A 1 10  ASP 10  10  10  ASP ASP A . n 
A 1 11  GLU 11  11  11  GLU GLU A . n 
A 1 12  GLY 12  12  12  GLY GLY A . n 
A 1 13  LEU 13  13  13  LEU LEU A . n 
A 1 14  ARG 14  14  14  ARG ARG A . n 
A 1 15  LEU 15  15  15  LEU LEU A . n 
A 1 16  LYS 16  16  16  LYS LYS A . n 
A 1 17  ILE 17  17  17  ILE ILE A . n 
A 1 18  TYR 18  18  18  TYR TYR A . n 
A 1 19  LYS 19  19  19  LYS LYS A . n 
A 1 20  ASP 20  20  20  ASP ASP A . n 
A 1 21  THR 21  21  21  THR THR A . n 
A 1 22  GLU 22  22  22  GLU GLU A . n 
A 1 23  GLY 23  23  23  GLY GLY A . n 
A 1 24  TYR 24  24  24  TYR TYR A . n 
A 1 25  TYR 25  25  25  TYR TYR A . n 
A 1 26  THR 26  26  26  THR THR A . n 
A 1 27  ILE 27  27  27  ILE ILE A . n 
A 1 28  GLY 28  28  28  GLY GLY A . n 
A 1 29  ILE 29  29  29  ILE ILE A . n 
A 1 30  GLY 30  30  30  GLY GLY A . n 
A 1 31  HIS 31  31  31  HIS HIS A . n 
A 1 32  LEU 32  32  32  LEU LEU A . n 
A 1 33  LEU 33  33  33  LEU LEU A . n 
A 1 34  THR 34  34  34  THR THR A . n 
A 1 35  LYS 35  35  35  LYS LYS A . n 
A 1 36  SER 36  36  36  SER SER A . n 
A 1 37  PRO 37  37  37  PRO PRO A . n 
A 1 38  SER 38  38  38  SER SER A . n 
A 1 39  LEU 39  39  39  LEU LEU A . n 
A 1 40  ASN 40  40  40  ASN ASN A . n 
A 1 41  ALA 41  41  41  ALA ALA A . n 
A 1 42  ALA 42  42  42  ALA ALA A . n 
A 1 43  LYS 43  43  43  LYS LYS A . n 
A 1 44  SER 44  44  44  SER SER A . n 
A 1 45  GLU 45  45  45  GLU GLU A . n 
A 1 46  LEU 46  46  46  LEU LEU A . n 
A 1 47  ASP 47  47  47  ASP ASP A . n 
A 1 48  LYS 48  48  48  LYS LYS A . n 
A 1 49  ALA 49  49  49  ALA ALA A . n 
A 1 50  ILE 50  50  50  ILE ILE A . n 
A 1 51  GLY 51  51  51  GLY GLY A . n 
A 1 52  ARG 52  52  52  ARG ARG A . n 
A 1 53  ASN 53  53  53  ASN ASN A . n 
A 1 54  THR 54  54  54  THR THR A . n 
A 1 55  ASN 55  55  55  ASN ASN A . n 
A 1 56  GLY 56  56  56  GLY GLY A . n 
A 1 57  VAL 57  57  57  VAL VAL A . n 
A 1 58  ILE 58  58  58  ILE ILE A . n 
A 1 59  THR 59  59  59  THR THR A . n 
A 1 60  LYS 60  60  60  LYS LYS A . n 
A 1 61  ASP 61  61  61  ASP ASP A . n 
A 1 62  GLU 62  62  62  GLU GLU A . n 
A 1 63  ALA 63  63  63  ALA ALA A . n 
A 1 64  GLU 64  64  64  GLU GLU A . n 
A 1 65  LYS 65  65  65  LYS LYS A . n 
A 1 66  LEU 66  66  66  LEU LEU A . n 
A 1 67  PHE 67  67  67  PHE PHE A . n 
A 1 68  ASN 68  68  68  ASN ASN A . n 
A 1 69  GLN 69  69  69  GLN GLN A . n 
A 1 70  ASP 70  70  70  ASP ASP A . n 
A 1 71  VAL 71  71  71  VAL VAL A . n 
A 1 72  ASP 72  72  72  ASP ASP A . n 
A 1 73  ALA 73  73  73  ALA ALA A . n 
A 1 74  ALA 74  74  74  ALA ALA A . n 
A 1 75  VAL 75  75  75  VAL VAL A . n 
A 1 76  ARG 76  76  76  ARG ARG A . n 
A 1 77  GLY 77  77  77  GLY GLY A . n 
A 1 78  ILE 78  78  78  ILE ILE A . n 
A 1 79  LEU 79  79  79  LEU LEU A . n 
A 1 80  ARG 80  80  80  ARG ARG A . n 
A 1 81  ASN 81  81  81  ASN ASN A . n 
A 1 82  ALA 82  82  82  ALA ALA A . n 
A 1 83  LYS 83  83  83  LYS LYS A . n 
A 1 84  LEU 84  84  84  LEU LEU A . n 
A 1 85  LYS 85  85  85  LYS LYS A . n 
A 1 86  PRO 86  86  86  PRO PRO A . n 
A 1 87  VAL 87  87  87  VAL VAL A . n 
A 1 88  TYR 88  88  88  TYR TYR A . n 
A 1 89  ASP 89  89  89  ASP ASP A . n 
A 1 90  SER 90  90  90  SER SER A . n 
A 1 91  LEU 91  91  91  LEU LEU A . n 
A 1 92  ASP 92  92  92  ASP ASP A . n 
A 1 93  ALA 93  93  93  ALA ALA A . n 
A 1 94  VAL 94  94  94  VAL VAL A . n 
A 1 95  ARG 95  95  95  ARG ARG A . n 
A 1 96  ARG 96  96  96  ARG ARG A . n 
A 1 97  ALA 97  97  97  ALA ALA A . n 
A 1 98  ALA 98  98  98  ALA ALA A . n 
A 1 99  ALA 99  99  99  ALA ALA A . n 
A 1 100 ILE 100 100 100 ILE ILE A . n 
A 1 101 ASN 101 101 101 ASN ASN A . n 
A 1 102 MET 102 102 102 MET MET A . n 
A 1 103 VAL 103 103 103 VAL VAL A . n 
A 1 104 PHE 104 104 104 PHE PHE A . n 
A 1 105 GLN 105 105 105 GLN GLN A . n 
A 1 106 MET 106 106 106 MET MET A . n 
A 1 107 GLY 107 107 107 GLY GLY A . n 
A 1 108 GLU 108 108 108 GLU GLU A . n 
A 1 109 THR 109 109 109 THR THR A . n 
A 1 110 GLY 110 110 110 GLY GLY A . n 
A 1 111 VAL 111 111 111 VAL VAL A . n 
A 1 112 ALA 112 112 112 ALA ALA A . n 
A 1 113 GLY 113 113 113 GLY GLY A . n 
A 1 114 PHE 114 114 114 PHE PHE A . n 
A 1 115 THR 115 115 115 THR THR A . n 
A 1 116 ASN 116 116 116 ASN ASN A . n 
A 1 117 SER 117 117 117 SER SER A . n 
A 1 118 LEU 118 118 118 LEU LEU A . n 
A 1 119 ARG 119 119 119 ARG ARG A . n 
A 1 120 MET 120 120 120 MET MET A . n 
A 1 121 LEU 121 121 121 LEU LEU A . n 
A 1 122 GLN 122 122 122 GLN GLN A . n 
A 1 123 GLN 123 123 123 GLN GLN A . n 
A 1 124 LYS 124 124 124 LYS LYS A . n 
A 1 125 ARG 125 125 125 ARG ARG A . n 
A 1 126 TRP 126 126 126 TRP TRP A . n 
A 1 127 ASP 127 127 127 ASP ASP A . n 
A 1 128 GLU 128 128 128 GLU GLU A . n 
A 1 129 ALA 129 129 129 ALA ALA A . n 
A 1 130 ALA 130 130 130 ALA ALA A . n 
A 1 131 VAL 131 131 131 VAL VAL A . n 
A 1 132 ASN 132 132 132 ASN ASN A . n 
A 1 133 LEU 133 133 133 LEU LEU A . n 
A 1 134 ALA 134 134 134 ALA ALA A . n 
A 1 135 LYS 135 135 135 LYS LYS A . n 
A 1 136 SER 136 136 136 SER SER A . n 
A 1 137 ARG 137 137 137 ARG ARG A . n 
A 1 138 TRP 138 138 138 TRP TRP A . n 
A 1 139 TYR 139 139 139 TYR TYR A . n 
A 1 140 ASN 140 140 140 ASN ASN A . n 
A 1 141 GLN 141 141 141 GLN GLN A . n 
A 1 142 THR 142 142 142 THR THR A . n 
A 1 143 PRO 143 143 143 PRO PRO A . n 
A 1 144 ASN 144 144 144 ASN ASN A . n 
A 1 145 ARG 145 145 145 ARG ARG A . n 
A 1 146 ALA 146 146 146 ALA ALA A . n 
A 1 147 LYS 147 147 147 LYS LYS A . n 
A 1 148 ARG 148 148 148 ARG ARG A . n 
A 1 149 VAL 149 149 149 VAL VAL A . n 
A 1 150 ILE 150 150 150 ILE ILE A . n 
A 1 151 THR 151 151 151 THR THR A . n 
A 1 152 THR 152 152 152 THR THR A . n 
A 1 153 PHE 153 153 153 PHE PHE A . n 
A 1 154 ARG 154 154 154 ARG ARG A . n 
A 1 155 THR 155 155 155 THR THR A . n 
A 1 156 GLY 156 156 156 GLY GLY A . n 
A 1 157 THR 157 157 157 THR THR A . n 
A 1 158 TRP 158 158 158 TRP TRP A . n 
A 1 159 ASP 159 159 159 ASP ASP A . n 
A 1 160 ALA 160 160 160 ALA ALA A . n 
A 1 161 TYR 161 161 161 TYR TYR A . n 
A 1 162 LYS 162 162 162 LYS LYS A . n 
A 1 163 ASN 163 163 ?   ?   ?   A . n 
A 1 164 LEU 164 164 ?   ?   ?   A . n 
# 
loop_
_pdbx_nonpoly_scheme.asym_id 
_pdbx_nonpoly_scheme.entity_id 
_pdbx_nonpoly_scheme.mon_id 
_pdbx_nonpoly_scheme.ndb_seq_num 
_pdbx_nonpoly_scheme.pdb_seq_num 
_pdbx_nonpoly_scheme.auth_seq_num 
_pdbx_nonpoly_scheme.pdb_mon_id 
_pdbx_nonpoly_scheme.auth_mon_id 
_pdbx_nonpoly_scheme.pdb_strand_id 
_pdbx_nonpoly_scheme.pdb_ins_code 
B 2 CL  1   173 173 CL  CL  A . 
C 2 CL  1   178 178 CL  CL  A . 
D 3 HED 1   170 170 HED HED A . 
E 4 BZF 1   401 401 BZF BZF A . 
F 5 HOH 1   171 171 HOH HOH A . 
F 5 HOH 2   172 172 HOH HOH A . 
F 5 HOH 3   174 174 HOH HOH A . 
F 5 HOH 4   175 175 HOH HOH A . 
F 5 HOH 5   176 176 HOH HOH A . 
F 5 HOH 6   177 177 HOH HOH A . 
F 5 HOH 7   179 179 HOH HOH A . 
F 5 HOH 8   180 180 HOH HOH A . 
F 5 HOH 9   181 181 HOH HOH A . 
F 5 HOH 10  182 182 HOH HOH A . 
F 5 HOH 11  183 183 HOH HOH A . 
F 5 HOH 12  184 184 HOH HOH A . 
F 5 HOH 13  185 185 HOH HOH A . 
F 5 HOH 14  186 186 HOH HOH A . 
F 5 HOH 15  187 187 HOH HOH A . 
F 5 HOH 16  188 188 HOH HOH A . 
F 5 HOH 17  189 189 HOH HOH A . 
F 5 HOH 18  190 190 HOH HOH A . 
F 5 HOH 19  191 191 HOH HOH A . 
F 5 HOH 20  192 192 HOH HOH A . 
F 5 HOH 21  193 193 HOH HOH A . 
F 5 HOH 22  194 194 HOH HOH A . 
F 5 HOH 23  195 195 HOH HOH A . 
F 5 HOH 24  196 196 HOH HOH A . 
F 5 HOH 25  197 197 HOH HOH A . 
F 5 HOH 26  200 200 HOH HOH A . 
F 5 HOH 27  201 201 HOH HOH A . 
F 5 HOH 28  202 202 HOH HOH A . 
F 5 HOH 29  203 203 HOH HOH A . 
F 5 HOH 30  204 204 HOH HOH A . 
F 5 HOH 31  207 207 HOH HOH A . 
F 5 HOH 32  208 208 HOH HOH A . 
F 5 HOH 33  209 209 HOH HOH A . 
F 5 HOH 34  210 210 HOH HOH A . 
F 5 HOH 35  211 211 HOH HOH A . 
F 5 HOH 36  213 213 HOH HOH A . 
F 5 HOH 37  214 214 HOH HOH A . 
F 5 HOH 38  215 215 HOH HOH A . 
F 5 HOH 39  216 216 HOH HOH A . 
F 5 HOH 40  217 217 HOH HOH A . 
F 5 HOH 41  218 218 HOH HOH A . 
F 5 HOH 42  219 219 HOH HOH A . 
F 5 HOH 43  220 220 HOH HOH A . 
F 5 HOH 44  221 221 HOH HOH A . 
F 5 HOH 45  222 222 HOH HOH A . 
F 5 HOH 46  223 223 HOH HOH A . 
F 5 HOH 47  224 224 HOH HOH A . 
F 5 HOH 48  225 225 HOH HOH A . 
F 5 HOH 49  226 226 HOH HOH A . 
F 5 HOH 50  227 227 HOH HOH A . 
F 5 HOH 51  228 228 HOH HOH A . 
F 5 HOH 52  229 229 HOH HOH A . 
F 5 HOH 53  230 230 HOH HOH A . 
F 5 HOH 54  231 231 HOH HOH A . 
F 5 HOH 55  232 232 HOH HOH A . 
F 5 HOH 56  233 233 HOH HOH A . 
F 5 HOH 57  234 234 HOH HOH A . 
F 5 HOH 58  235 235 HOH HOH A . 
F 5 HOH 59  236 236 HOH HOH A . 
F 5 HOH 60  237 237 HOH HOH A . 
F 5 HOH 61  238 238 HOH HOH A . 
F 5 HOH 62  239 239 HOH HOH A . 
F 5 HOH 63  240 240 HOH HOH A . 
F 5 HOH 64  242 242 HOH HOH A . 
F 5 HOH 65  244 244 HOH HOH A . 
F 5 HOH 66  245 245 HOH HOH A . 
F 5 HOH 67  246 246 HOH HOH A . 
F 5 HOH 68  247 247 HOH HOH A . 
F 5 HOH 69  248 248 HOH HOH A . 
F 5 HOH 70  249 249 HOH HOH A . 
F 5 HOH 71  250 250 HOH HOH A . 
F 5 HOH 72  251 251 HOH HOH A . 
F 5 HOH 73  253 253 HOH HOH A . 
F 5 HOH 74  254 254 HOH HOH A . 
F 5 HOH 75  256 256 HOH HOH A . 
F 5 HOH 76  257 257 HOH HOH A . 
F 5 HOH 77  259 259 HOH HOH A . 
F 5 HOH 78  260 260 HOH HOH A . 
F 5 HOH 79  261 261 HOH HOH A . 
F 5 HOH 80  263 263 HOH HOH A . 
F 5 HOH 81  266 266 HOH HOH A . 
F 5 HOH 82  267 267 HOH HOH A . 
F 5 HOH 83  268 268 HOH HOH A . 
F 5 HOH 84  269 269 HOH HOH A . 
F 5 HOH 85  270 270 HOH HOH A . 
F 5 HOH 86  271 271 HOH HOH A . 
F 5 HOH 87  272 272 HOH HOH A . 
F 5 HOH 88  273 273 HOH HOH A . 
F 5 HOH 89  274 274 HOH HOH A . 
F 5 HOH 90  277 277 HOH HOH A . 
F 5 HOH 91  278 278 HOH HOH A . 
F 5 HOH 92  279 279 HOH HOH A . 
F 5 HOH 93  280 280 HOH HOH A . 
F 5 HOH 94  281 281 HOH HOH A . 
F 5 HOH 95  282 282 HOH HOH A . 
F 5 HOH 96  283 283 HOH HOH A . 
F 5 HOH 97  284 284 HOH HOH A . 
F 5 HOH 98  285 285 HOH HOH A . 
F 5 HOH 99  286 286 HOH HOH A . 
F 5 HOH 100 288 288 HOH HOH A . 
F 5 HOH 101 289 289 HOH HOH A . 
F 5 HOH 102 290 290 HOH HOH A . 
F 5 HOH 103 293 293 HOH HOH A . 
F 5 HOH 104 295 295 HOH HOH A . 
F 5 HOH 105 296 296 HOH HOH A . 
F 5 HOH 106 298 298 HOH HOH A . 
F 5 HOH 107 299 299 HOH HOH A . 
F 5 HOH 108 300 300 HOH HOH A . 
F 5 HOH 109 301 301 HOH HOH A . 
F 5 HOH 110 303 303 HOH HOH A . 
F 5 HOH 111 304 304 HOH HOH A . 
F 5 HOH 112 306 306 HOH HOH A . 
F 5 HOH 113 308 308 HOH HOH A . 
F 5 HOH 114 311 311 HOH HOH A . 
F 5 HOH 115 312 312 HOH HOH A . 
F 5 HOH 116 313 313 HOH HOH A . 
F 5 HOH 117 315 315 HOH HOH A . 
F 5 HOH 118 318 318 HOH HOH A . 
F 5 HOH 119 321 321 HOH HOH A . 
F 5 HOH 120 322 322 HOH HOH A . 
F 5 HOH 121 323 323 HOH HOH A . 
F 5 HOH 122 324 324 HOH HOH A . 
F 5 HOH 123 325 325 HOH HOH A . 
F 5 HOH 124 326 326 HOH HOH A . 
F 5 HOH 125 327 327 HOH HOH A . 
F 5 HOH 126 328 328 HOH HOH A . 
F 5 HOH 127 330 330 HOH HOH A . 
F 5 HOH 128 331 331 HOH HOH A . 
# 
_software.name             TNT 
_software.classification   refinement 
_software.version          . 
_software.citation_id      ? 
_software.pdbx_ordinal     1 
# 
_cell.entry_id           182L 
_cell.length_a           60.900 
_cell.length_b           60.900 
_cell.length_c           97.400 
_cell.angle_alpha        90.00 
_cell.angle_beta         90.00 
_cell.angle_gamma        120.00 
_cell.Z_PDB              6 
_cell.pdbx_unique_axis   ? 
# 
_symmetry.entry_id                         182L 
_symmetry.space_group_name_H-M             'P 32 2 1' 
_symmetry.pdbx_full_space_group_name_H-M   ? 
_symmetry.cell_setting                     ? 
_symmetry.Int_Tables_number                154 
# 
_exptl.entry_id          182L 
_exptl.method            'X-RAY DIFFRACTION' 
_exptl.crystals_number   ? 
# 
_exptl_crystal.id                    1 
_exptl_crystal.density_meas          ? 
_exptl_crystal.density_Matthews      2.80 
_exptl_crystal.density_percent_sol   56.15 
_exptl_crystal.description           ? 
# 
_diffrn.id                     1 
_diffrn.ambient_temp           ? 
_diffrn.ambient_temp_details   ? 
_diffrn.crystal_id             1 
# 
_diffrn_radiation.diffrn_id                        1 
_diffrn_radiation.wavelength_id                    1 
_diffrn_radiation.pdbx_monochromatic_or_laue_m_l   ? 
_diffrn_radiation.monochromator                    ? 
_diffrn_radiation.pdbx_diffrn_protocol             ? 
_diffrn_radiation.pdbx_scattering_type             x-ray 
# 
_diffrn_radiation_wavelength.id           1 
_diffrn_radiation_wavelength.wavelength   . 
_diffrn_radiation_wavelength.wt           1.0 
# 
_refine.entry_id                                 182L 
_refine.ls_number_reflns_obs                     17566 
_refine.ls_number_reflns_all                     ? 
_refine.pdbx_ls_sigma_I                          ? 
_refine.pdbx_ls_sigma_F                          0.0 
_refine.pdbx_data_cutoff_high_absF               ? 
_refine.pdbx_data_cutoff_low_absF                ? 
_refine.pdbx_data_cutoff_high_rms_absF           ? 
_refine.ls_d_res_low                             20.0 
_refine.ls_d_res_high                            1.80 
_refine.ls_percent_reflns_obs                    ? 
_refine.ls_R_factor_obs                          0.1680000 
_refine.ls_R_factor_all                          ? 
_refine.ls_R_factor_R_work                       ? 
_refine.ls_R_factor_R_free                       ? 
_refine.ls_R_factor_R_free_error                 ? 
_refine.ls_R_factor_R_free_error_details         ? 
_refine.ls_percent_reflns_R_free                 ? 
_refine.ls_number_reflns_R_free                  ? 
_refine.ls_number_parameters                     ? 
_refine.ls_number_restraints                     ? 
_refine.occupancy_min                            ? 
_refine.occupancy_max                            ? 
_refine.B_iso_mean                               ? 
_refine.aniso_B[1][1]                            ? 
_refine.aniso_B[2][2]                            ? 
_refine.aniso_B[3][3]                            ? 
_refine.aniso_B[1][2]                            ? 
_refine.aniso_B[1][3]                            ? 
_refine.aniso_B[2][3]                            ? 
_refine.solvent_model_details                    ? 
_refine.solvent_model_param_ksol                 ? 
_refine.solvent_model_param_bsol                 ? 
_refine.pdbx_ls_cross_valid_method               ? 
_refine.details                                  ? 
_refine.pdbx_starting_model                      ? 
_refine.pdbx_method_to_determine_struct          ? 
_refine.pdbx_isotropic_thermal_model             ? 
_refine.pdbx_stereochemistry_target_values       ? 
_refine.pdbx_stereochem_target_val_spec_case     ? 
_refine.pdbx_R_Free_selection_details            ? 
_refine.pdbx_overall_ESU_R                       ? 
_refine.pdbx_overall_ESU_R_Free                  ? 
_refine.overall_SU_ML                            ? 
_refine.overall_SU_B                             ? 
_refine.pdbx_refine_id                           'X-RAY DIFFRACTION' 
_refine.pdbx_diffrn_id                           1 
_refine.pdbx_TLS_residual_ADP_flag               ? 
_refine.correlation_coeff_Fo_to_Fc               ? 
_refine.correlation_coeff_Fo_to_Fc_free          ? 
_refine.pdbx_solvent_vdw_probe_radii             ? 
_refine.pdbx_solvent_ion_probe_radii             ? 
_refine.pdbx_solvent_shrinkage_radii             ? 
_refine.pdbx_overall_phase_error                 ? 
_refine.overall_SU_R_Cruickshank_DPI             ? 
_refine.pdbx_overall_SU_R_free_Cruickshank_DPI   ? 
_refine.pdbx_overall_SU_R_Blow_DPI               ? 
_refine.pdbx_overall_SU_R_free_Blow_DPI          ? 
# 
_refine_hist.pdbx_refine_id                   'X-RAY DIFFRACTION' 
_refine_hist.cycle_id                         LAST 
_refine_hist.pdbx_number_atoms_protein        1289 
_refine_hist.pdbx_number_atoms_nucleic_acid   0 
_refine_hist.pdbx_number_atoms_ligand         19 
_refine_hist.number_atoms_solvent             128 
_refine_hist.number_atoms_total               1436 
_refine_hist.d_res_high                       1.80 
_refine_hist.d_res_low                        20.0 
# 
loop_
_refine_ls_restr.type 
_refine_ls_restr.dev_ideal 
_refine_ls_restr.dev_ideal_target 
_refine_ls_restr.weight 
_refine_ls_restr.number 
_refine_ls_restr.pdbx_refine_id 
_refine_ls_restr.pdbx_restraint_function 
t_bond_d           0.017 ? ? ? 'X-RAY DIFFRACTION' ? 
t_angle_deg        2.1   ? ? ? 'X-RAY DIFFRACTION' ? 
t_dihedral_angle_d ?     ? ? ? 'X-RAY DIFFRACTION' ? 
t_incorr_chiral_ct ?     ? ? ? 'X-RAY DIFFRACTION' ? 
t_pseud_angle      ?     ? ? ? 'X-RAY DIFFRACTION' ? 
t_trig_c_planes    ?     ? ? ? 'X-RAY DIFFRACTION' ? 
t_gen_planes       ?     ? ? ? 'X-RAY DIFFRACTION' ? 
t_it               ?     ? ? ? 'X-RAY DIFFRACTION' ? 
t_nbd              ?     ? ? ? 'X-RAY DIFFRACTION' ? 
# 
_struct.entry_id                  182L 
_struct.title                     
'SPECIFICITY OF LIGAND BINDING IN A BURIED NON-POLAR CAVITY OF T4 LYSOZYME: LINKAGE OF DYNAMICS AND STRUCTURAL PLASTICITY' 
_struct.pdbx_model_details        ? 
_struct.pdbx_CASP_flag            ? 
_struct.pdbx_model_type_details   ? 
# 
_struct_keywords.entry_id        182L 
_struct_keywords.pdbx_keywords   'HYDROLASE (O-GLYCOSYL)' 
_struct_keywords.text            'HYDROLASE (O-GLYCOSYL)' 
# 
loop_
_struct_asym.id 
_struct_asym.pdbx_blank_PDB_chainid_flag 
_struct_asym.pdbx_modified 
_struct_asym.entity_id 
_struct_asym.details 
A N N 1 ? 
B N N 2 ? 
C N N 2 ? 
D N N 3 ? 
E N N 4 ? 
F N N 5 ? 
# 
_struct_ref.id                         1 
_struct_ref.db_name                    UNP 
_struct_ref.db_code                    LYS_BPT4 
_struct_ref.entity_id                  1 
_struct_ref.pdbx_db_accession          P00720 
_struct_ref.pdbx_align_begin           1 
_struct_ref.pdbx_seq_one_letter_code   
;MNIFEMLRIDEGLRLKIYKDTEGYYTIGIGHLLTKSPSLNAAKSELDKAIGRNCNGVITKDEAEKLFNQDVDAAVRGILR
NAKLKPVYDSLDAVRRCALINMVFQMGETGVAGFTNSLRMLQQKRWDEAAVNLAKSRWYNQTPNRAKRVITTFRTGTWDA
YKNL
;
_struct_ref.pdbx_db_isoform            ? 
# 
_struct_ref_seq.align_id                      1 
_struct_ref_seq.ref_id                        1 
_struct_ref_seq.pdbx_PDB_id_code              182L 
_struct_ref_seq.pdbx_strand_id                A 
_struct_ref_seq.seq_align_beg                 1 
_struct_ref_seq.pdbx_seq_align_beg_ins_code   ? 
_struct_ref_seq.seq_align_end                 164 
_struct_ref_seq.pdbx_seq_align_end_ins_code   ? 
_struct_ref_seq.pdbx_db_accession             P00720 
_struct_ref_seq.db_align_beg                  1 
_struct_ref_seq.pdbx_db_align_beg_ins_code    ? 
_struct_ref_seq.db_align_end                  164 
_struct_ref_seq.pdbx_db_align_end_ins_code    ? 
_struct_ref_seq.pdbx_auth_seq_align_beg       1 
_struct_ref_seq.pdbx_auth_seq_align_end       164 
# 
loop_
_struct_ref_seq_dif.align_id 
_struct_ref_seq_dif.pdbx_pdb_id_code 
_struct_ref_seq_dif.mon_id 
_struct_ref_seq_dif.pdbx_pdb_strand_id 
_struct_ref_seq_dif.seq_num 
_struct_ref_seq_dif.pdbx_pdb_ins_code 
_struct_ref_seq_dif.pdbx_seq_db_name 
_struct_ref_seq_dif.pdbx_seq_db_accession_code 
_struct_ref_seq_dif.db_mon_id 
_struct_ref_seq_dif.pdbx_seq_db_seq_num 
_struct_ref_seq_dif.details 
_struct_ref_seq_dif.pdbx_auth_seq_num 
_struct_ref_seq_dif.pdbx_ordinal 
1 182L THR A 54 ? UNP P00720 CYS 54 conflict 54 1 
1 182L ALA A 97 ? UNP P00720 CYS 97 conflict 97 2 
1 182L ALA A 99 ? UNP P00720 LEU 99 conflict 99 3 
# 
_pdbx_struct_assembly.id                   1 
_pdbx_struct_assembly.details              author_defined_assembly 
_pdbx_struct_assembly.method_details       ? 
_pdbx_struct_assembly.oligomeric_details   monomeric 
_pdbx_struct_assembly.oligomeric_count     1 
# 
_pdbx_struct_assembly_gen.assembly_id       1 
_pdbx_struct_assembly_gen.oper_expression   1 
_pdbx_struct_assembly_gen.asym_id_list      A,B,C,D,E,F 
# 
_pdbx_struct_oper_list.id                   1 
_pdbx_struct_oper_list.type                 'identity operation' 
_pdbx_struct_oper_list.name                 1_555 
_pdbx_struct_oper_list.symmetry_operation   x,y,z 
_pdbx_struct_oper_list.matrix[1][1]         1.0000000000 
_pdbx_struct_oper_list.matrix[1][2]         0.0000000000 
_pdbx_struct_oper_list.matrix[1][3]         0.0000000000 
_pdbx_struct_oper_list.vector[1]            0.0000000000 
_pdbx_struct_oper_list.matrix[2][1]         0.0000000000 
_pdbx_struct_oper_list.matrix[2][2]         1.0000000000 
_pdbx_struct_oper_list.matrix[2][3]         0.0000000000 
_pdbx_struct_oper_list.vector[2]            0.0000000000 
_pdbx_struct_oper_list.matrix[3][1]         0.0000000000 
_pdbx_struct_oper_list.matrix[3][2]         0.0000000000 
_pdbx_struct_oper_list.matrix[3][3]         1.0000000000 
_pdbx_struct_oper_list.vector[3]            0.0000000000 
# 
_struct_biol.id   1 
# 
loop_
_struct_conf.conf_type_id 
_struct_conf.id 
_struct_conf.pdbx_PDB_helix_id 
_struct_conf.beg_label_comp_id 
_struct_conf.beg_label_asym_id 
_struct_conf.beg_label_seq_id 
_struct_conf.pdbx_beg_PDB_ins_code 
_struct_conf.end_label_comp_id 
_struct_conf.end_label_asym_id 
_struct_conf.end_label_seq_id 
_struct_conf.pdbx_end_PDB_ins_code 
_struct_conf.beg_auth_comp_id 
_struct_conf.beg_auth_asym_id 
_struct_conf.beg_auth_seq_id 
_struct_conf.end_auth_comp_id 
_struct_conf.end_auth_asym_id 
_struct_conf.end_auth_seq_id 
_struct_conf.pdbx_PDB_helix_class 
_struct_conf.details 
_struct_conf.pdbx_PDB_helix_length 
HELX_P HELX_P1  H1  ILE A 3   ? GLU A 11  ? ILE A 3   GLU A 11  1 ?                        9  
HELX_P HELX_P2  H2  LEU A 39  ? ILE A 50  ? LEU A 39  ILE A 50  1 ?                        12 
HELX_P HELX_P3  H3  LYS A 60  ? ARG A 80  ? LYS A 60  ARG A 80  1 ?                        21 
HELX_P HELX_P4  H4  ALA A 82  ? SER A 90  ? ALA A 82  SER A 90  1 ?                        9  
HELX_P HELX_P5  H5  ALA A 93  ? MET A 106 ? ALA A 93  MET A 106 1 ?                        14 
HELX_P HELX_P6  H6  GLU A 108 ? GLY A 113 ? GLU A 108 GLY A 113 1 'SEE REF. 1 FOR DETAILS' 6  
HELX_P HELX_P7  H7  THR A 115 ? GLN A 123 ? THR A 115 GLN A 123 1 ?                        9  
HELX_P HELX_P8  H8  TRP A 126 ? ALA A 134 ? TRP A 126 ALA A 134 1 ?                        9  
HELX_P HELX_P9  H9  ARG A 137 ? GLN A 141 ? ARG A 137 GLN A 141 1 ?                        5  
HELX_P HELX_P10 H10 PRO A 143 ? THR A 155 ? PRO A 143 THR A 155 1 ?                        13 
# 
_struct_conf_type.id          HELX_P 
_struct_conf_type.criteria    ? 
_struct_conf_type.reference   ? 
# 
_struct_sheet.id               A 
_struct_sheet.type             ? 
_struct_sheet.number_strands   2 
_struct_sheet.details          ? 
# 
_struct_sheet_order.sheet_id     A 
_struct_sheet_order.range_id_1   1 
_struct_sheet_order.range_id_2   2 
_struct_sheet_order.offset       ? 
_struct_sheet_order.sense        anti-parallel 
# 
loop_
_struct_sheet_range.sheet_id 
_struct_sheet_range.id 
_struct_sheet_range.beg_label_comp_id 
_struct_sheet_range.beg_label_asym_id 
_struct_sheet_range.beg_label_seq_id 
_struct_sheet_range.pdbx_beg_PDB_ins_code 
_struct_sheet_range.end_label_comp_id 
_struct_sheet_range.end_label_asym_id 
_struct_sheet_range.end_label_seq_id 
_struct_sheet_range.pdbx_end_PDB_ins_code 
_struct_sheet_range.beg_auth_comp_id 
_struct_sheet_range.beg_auth_asym_id 
_struct_sheet_range.beg_auth_seq_id 
_struct_sheet_range.end_auth_comp_id 
_struct_sheet_range.end_auth_asym_id 
_struct_sheet_range.end_auth_seq_id 
A 1 TYR A 25 ? ILE A 27 ? TYR A 25 ILE A 27 
A 2 HIS A 31 ? THR A 34 ? HIS A 31 THR A 34 
# 
_pdbx_struct_sheet_hbond.sheet_id                A 
_pdbx_struct_sheet_hbond.range_id_1              1 
_pdbx_struct_sheet_hbond.range_id_2              2 
_pdbx_struct_sheet_hbond.range_1_label_atom_id   O 
_pdbx_struct_sheet_hbond.range_1_label_comp_id   TYR 
_pdbx_struct_sheet_hbond.range_1_label_asym_id   A 
_pdbx_struct_sheet_hbond.range_1_label_seq_id    25 
_pdbx_struct_sheet_hbond.range_1_PDB_ins_code    ? 
_pdbx_struct_sheet_hbond.range_1_auth_atom_id    O 
_pdbx_struct_sheet_hbond.range_1_auth_comp_id    TYR 
_pdbx_struct_sheet_hbond.range_1_auth_asym_id    A 
_pdbx_struct_sheet_hbond.range_1_auth_seq_id     25 
_pdbx_struct_sheet_hbond.range_2_label_atom_id   N 
_pdbx_struct_sheet_hbond.range_2_label_comp_id   THR 
_pdbx_struct_sheet_hbond.range_2_label_asym_id   A 
_pdbx_struct_sheet_hbond.range_2_label_seq_id    34 
_pdbx_struct_sheet_hbond.range_2_PDB_ins_code    ? 
_pdbx_struct_sheet_hbond.range_2_auth_atom_id    N 
_pdbx_struct_sheet_hbond.range_2_auth_comp_id    THR 
_pdbx_struct_sheet_hbond.range_2_auth_asym_id    A 
_pdbx_struct_sheet_hbond.range_2_auth_seq_id     34 
# 
loop_
_struct_site.id 
_struct_site.pdbx_evidence_code 
_struct_site.pdbx_auth_asym_id 
_struct_site.pdbx_auth_comp_id 
_struct_site.pdbx_auth_seq_id 
_struct_site.pdbx_auth_ins_code 
_struct_site.pdbx_num_residues 
_struct_site.details 
99A Unknown  ? ?   ?   ? 17 ?                                    
AC1 Software A CL  173 ? 5  'BINDING SITE FOR RESIDUE CL A 173'  
AC2 Software A CL  178 ? 3  'BINDING SITE FOR RESIDUE CL A 178'  
AC3 Software A HED 170 ? 3  'BINDING SITE FOR RESIDUE HED A 170' 
AC4 Software A BZF 401 ? 7  'BINDING SITE FOR RESIDUE BZF A 401' 
# 
loop_
_struct_site_gen.id 
_struct_site_gen.site_id 
_struct_site_gen.pdbx_num_res 
_struct_site_gen.label_comp_id 
_struct_site_gen.label_asym_id 
_struct_site_gen.label_seq_id 
_struct_site_gen.pdbx_auth_ins_code 
_struct_site_gen.auth_comp_id 
_struct_site_gen.auth_asym_id 
_struct_site_gen.auth_seq_id 
_struct_site_gen.label_atom_id 
_struct_site_gen.label_alt_id 
_struct_site_gen.symmetry 
_struct_site_gen.details 
1  99A 17 ILE A 78  ? ILE A 78  . ? 1_555 ? 
2  99A 17 LEU A 84  ? LEU A 84  . ? 1_555 ? 
3  99A 17 VAL A 87  ? VAL A 87  . ? 1_555 ? 
4  99A 17 TYR A 88  ? TYR A 88  . ? 1_555 ? 
5  99A 17 ALA A 99  ? ALA A 99  . ? 1_555 ? 
6  99A 17 MET A 102 ? MET A 102 . ? 1_555 ? 
7  99A 17 VAL A 103 ? VAL A 103 . ? 1_555 ? 
8  99A 17 THR A 109 ? THR A 109 . ? 1_555 ? 
9  99A 17 GLY A 110 ? GLY A 110 . ? 1_555 ? 
10 99A 17 VAL A 111 ? VAL A 111 . ? 1_555 ? 
11 99A 17 ALA A 112 ? ALA A 112 . ? 1_555 ? 
12 99A 17 GLY A 113 ? GLY A 113 . ? 1_555 ? 
13 99A 17 PHE A 114 ? PHE A 114 . ? 1_555 ? 
14 99A 17 LEU A 118 ? LEU A 118 . ? 1_555 ? 
15 99A 17 LEU A 121 ? LEU A 121 . ? 1_555 ? 
16 99A 17 LEU A 133 ? LEU A 133 . ? 1_555 ? 
17 99A 17 PHE A 153 ? PHE A 153 . ? 1_555 ? 
18 AC1 5  LYS A 124 ? LYS A 124 . ? 4_655 ? 
19 AC1 5  THR A 142 ? THR A 142 . ? 1_555 ? 
20 AC1 5  ASN A 144 ? ASN A 144 . ? 1_555 ? 
21 AC1 5  ARG A 145 ? ARG A 145 . ? 1_555 ? 
22 AC1 5  HOH F .   ? HOH A 209 . ? 1_555 ? 
23 AC2 3  LYS A 135 ? LYS A 135 . ? 3_665 ? 
24 AC2 3  HOH F .   ? HOH A 200 . ? 1_555 ? 
25 AC2 3  HOH F .   ? HOH A 215 . ? 1_555 ? 
26 AC3 3  ASP A 72  ? ASP A 72  . ? 5_555 ? 
27 AC3 3  ALA A 93  ? ALA A 93  . ? 1_555 ? 
28 AC3 3  HOH F .   ? HOH A 195 . ? 1_555 ? 
29 AC4 7  LEU A 84  ? LEU A 84  . ? 1_555 ? 
30 AC4 7  VAL A 87  ? VAL A 87  . ? 1_555 ? 
31 AC4 7  ALA A 99  ? ALA A 99  . ? 1_555 ? 
32 AC4 7  VAL A 111 ? VAL A 111 . ? 1_555 ? 
33 AC4 7  LEU A 118 ? LEU A 118 . ? 1_555 ? 
34 AC4 7  LEU A 121 ? LEU A 121 . ? 1_555 ? 
35 AC4 7  PHE A 153 ? PHE A 153 . ? 1_555 ? 
# 
_pdbx_validate_symm_contact.id                1 
_pdbx_validate_symm_contact.PDB_model_num     1 
_pdbx_validate_symm_contact.auth_atom_id_1    O1 
_pdbx_validate_symm_contact.auth_asym_id_1    A 
_pdbx_validate_symm_contact.auth_comp_id_1    HED 
_pdbx_validate_symm_contact.auth_seq_id_1     170 
_pdbx_validate_symm_contact.PDB_ins_code_1    ? 
_pdbx_validate_symm_contact.label_alt_id_1    ? 
_pdbx_validate_symm_contact.site_symmetry_1   1_555 
_pdbx_validate_symm_contact.auth_atom_id_2    O1 
_pdbx_validate_symm_contact.auth_asym_id_2    A 
_pdbx_validate_symm_contact.auth_comp_id_2    HED 
_pdbx_validate_symm_contact.auth_seq_id_2     170 
_pdbx_validate_symm_contact.PDB_ins_code_2    ? 
_pdbx_validate_symm_contact.label_alt_id_2    ? 
_pdbx_validate_symm_contact.site_symmetry_2   5_555 
_pdbx_validate_symm_contact.dist              1.81 
# 
loop_
_pdbx_validate_rmsd_bond.id 
_pdbx_validate_rmsd_bond.PDB_model_num 
_pdbx_validate_rmsd_bond.auth_atom_id_1 
_pdbx_validate_rmsd_bond.auth_asym_id_1 
_pdbx_validate_rmsd_bond.auth_comp_id_1 
_pdbx_validate_rmsd_bond.auth_seq_id_1 
_pdbx_validate_rmsd_bond.PDB_ins_code_1 
_pdbx_validate_rmsd_bond.label_alt_id_1 
_pdbx_validate_rmsd_bond.auth_atom_id_2 
_pdbx_validate_rmsd_bond.auth_asym_id_2 
_pdbx_validate_rmsd_bond.auth_comp_id_2 
_pdbx_validate_rmsd_bond.auth_seq_id_2 
_pdbx_validate_rmsd_bond.PDB_ins_code_2 
_pdbx_validate_rmsd_bond.label_alt_id_2 
_pdbx_validate_rmsd_bond.bond_value 
_pdbx_validate_rmsd_bond.bond_target_value 
_pdbx_validate_rmsd_bond.bond_deviation 
_pdbx_validate_rmsd_bond.bond_standard_deviation 
_pdbx_validate_rmsd_bond.linker_flag 
1 1 CD A GLU 5   ? ? OE2 A GLU 5   ? ? 1.321 1.252 0.069 0.011 N 
2 1 CD A GLU 22  ? ? OE1 A GLU 22  ? ? 1.325 1.252 0.073 0.011 N 
3 1 CD A GLU 64  ? ? OE2 A GLU 64  ? ? 1.319 1.252 0.067 0.011 N 
4 1 CD A GLU 108 ? ? OE1 A GLU 108 ? ? 1.328 1.252 0.076 0.011 N 
5 1 CD A GLU 128 ? ? OE1 A GLU 128 ? ? 1.324 1.252 0.072 0.011 N 
# 
loop_
_pdbx_validate_rmsd_angle.id 
_pdbx_validate_rmsd_angle.PDB_model_num 
_pdbx_validate_rmsd_angle.auth_atom_id_1 
_pdbx_validate_rmsd_angle.auth_asym_id_1 
_pdbx_validate_rmsd_angle.auth_comp_id_1 
_pdbx_validate_rmsd_angle.auth_seq_id_1 
_pdbx_validate_rmsd_angle.PDB_ins_code_1 
_pdbx_validate_rmsd_angle.label_alt_id_1 
_pdbx_validate_rmsd_angle.auth_atom_id_2 
_pdbx_validate_rmsd_angle.auth_asym_id_2 
_pdbx_validate_rmsd_angle.auth_comp_id_2 
_pdbx_validate_rmsd_angle.auth_seq_id_2 
_pdbx_validate_rmsd_angle.PDB_ins_code_2 
_pdbx_validate_rmsd_angle.label_alt_id_2 
_pdbx_validate_rmsd_angle.auth_atom_id_3 
_pdbx_validate_rmsd_angle.auth_asym_id_3 
_pdbx_validate_rmsd_angle.auth_comp_id_3 
_pdbx_validate_rmsd_angle.auth_seq_id_3 
_pdbx_validate_rmsd_angle.PDB_ins_code_3 
_pdbx_validate_rmsd_angle.label_alt_id_3 
_pdbx_validate_rmsd_angle.angle_value 
_pdbx_validate_rmsd_angle.angle_target_value 
_pdbx_validate_rmsd_angle.angle_deviation 
_pdbx_validate_rmsd_angle.angle_standard_deviation 
_pdbx_validate_rmsd_angle.linker_flag 
1  1 CB A ASP 10  ? ? CG A ASP 10  ? ? OD1 A ASP 10  ? ? 124.22 118.30 5.92  0.90 N 
2  1 CB A ASP 10  ? ? CG A ASP 10  ? ? OD2 A ASP 10  ? ? 111.25 118.30 -7.05 0.90 N 
3  1 CB A ASP 47  ? ? CG A ASP 47  ? ? OD1 A ASP 47  ? ? 127.55 118.30 9.25  0.90 N 
4  1 CB A ASP 47  ? ? CG A ASP 47  ? ? OD2 A ASP 47  ? ? 110.55 118.30 -7.75 0.90 N 
5  1 CB A ASP 70  ? ? CG A ASP 70  ? ? OD1 A ASP 70  ? ? 124.00 118.30 5.70  0.90 N 
6  1 CB A ASP 70  ? ? CG A ASP 70  ? ? OD2 A ASP 70  ? ? 111.59 118.30 -6.71 0.90 N 
7  1 CB A ASP 72  ? ? CG A ASP 72  ? ? OD2 A ASP 72  ? ? 124.93 118.30 6.63  0.90 N 
8  1 CB A ASP 92  ? ? CG A ASP 92  ? ? OD1 A ASP 92  ? ? 112.07 118.30 -6.23 0.90 N 
9  1 CB A ASP 127 ? ? CG A ASP 127 ? ? OD1 A ASP 127 ? ? 127.34 118.30 9.04  0.90 N 
10 1 CB A ASP 127 ? ? CG A ASP 127 ? ? OD2 A ASP 127 ? ? 112.03 118.30 -6.27 0.90 N 
# 
_pdbx_validate_torsion.id              1 
_pdbx_validate_torsion.PDB_model_num   1 
_pdbx_validate_torsion.auth_comp_id    ILE 
_pdbx_validate_torsion.auth_asym_id    A 
_pdbx_validate_torsion.auth_seq_id     29 
_pdbx_validate_torsion.PDB_ins_code    ? 
_pdbx_validate_torsion.label_alt_id    ? 
_pdbx_validate_torsion.phi             -102.94 
_pdbx_validate_torsion.psi             72.41 
# 
loop_
_pdbx_unobs_or_zero_occ_residues.id 
_pdbx_unobs_or_zero_occ_residues.PDB_model_num 
_pdbx_unobs_or_zero_occ_residues.polymer_flag 
_pdbx_unobs_or_zero_occ_residues.occupancy_flag 
_pdbx_unobs_or_zero_occ_residues.auth_asym_id 
_pdbx_unobs_or_zero_occ_residues.auth_comp_id 
_pdbx_unobs_or_zero_occ_residues.auth_seq_id 
_pdbx_unobs_or_zero_occ_residues.PDB_ins_code 
_pdbx_unobs_or_zero_occ_residues.label_asym_id 
_pdbx_unobs_or_zero_occ_residues.label_comp_id 
_pdbx_unobs_or_zero_occ_residues.label_seq_id 
1 1 Y 1 A ASN 163 ? A ASN 163 
2 1 Y 1 A LEU 164 ? A LEU 164 
# 
loop_
_chem_comp_atom.comp_id 
_chem_comp_atom.atom_id 
_chem_comp_atom.type_symbol 
_chem_comp_atom.pdbx_aromatic_flag 
_chem_comp_atom.pdbx_stereo_config 
_chem_comp_atom.pdbx_ordinal 
ALA N    N  N N 1   
ALA CA   C  N S 2   
ALA C    C  N N 3   
ALA O    O  N N 4   
ALA CB   C  N N 5   
ALA OXT  O  N N 6   
ALA H    H  N N 7   
ALA H2   H  N N 8   
ALA HA   H  N N 9   
ALA HB1  H  N N 10  
ALA HB2  H  N N 11  
ALA HB3  H  N N 12  
ALA HXT  H  N N 13  
ARG N    N  N N 14  
ARG CA   C  N S 15  
ARG C    C  N N 16  
ARG O    O  N N 17  
ARG CB   C  N N 18  
ARG CG   C  N N 19  
ARG CD   C  N N 20  
ARG NE   N  N N 21  
ARG CZ   C  N N 22  
ARG NH1  N  N N 23  
ARG NH2  N  N N 24  
ARG OXT  O  N N 25  
ARG H    H  N N 26  
ARG H2   H  N N 27  
ARG HA   H  N N 28  
ARG HB2  H  N N 29  
ARG HB3  H  N N 30  
ARG HG2  H  N N 31  
ARG HG3  H  N N 32  
ARG HD2  H  N N 33  
ARG HD3  H  N N 34  
ARG HE   H  N N 35  
ARG HH11 H  N N 36  
ARG HH12 H  N N 37  
ARG HH21 H  N N 38  
ARG HH22 H  N N 39  
ARG HXT  H  N N 40  
ASN N    N  N N 41  
ASN CA   C  N S 42  
ASN C    C  N N 43  
ASN O    O  N N 44  
ASN CB   C  N N 45  
ASN CG   C  N N 46  
ASN OD1  O  N N 47  
ASN ND2  N  N N 48  
ASN OXT  O  N N 49  
ASN H    H  N N 50  
ASN H2   H  N N 51  
ASN HA   H  N N 52  
ASN HB2  H  N N 53  
ASN HB3  H  N N 54  
ASN HD21 H  N N 55  
ASN HD22 H  N N 56  
ASN HXT  H  N N 57  
ASP N    N  N N 58  
ASP CA   C  N S 59  
ASP C    C  N N 60  
ASP O    O  N N 61  
ASP CB   C  N N 62  
ASP CG   C  N N 63  
ASP OD1  O  N N 64  
ASP OD2  O  N N 65  
ASP OXT  O  N N 66  
ASP H    H  N N 67  
ASP H2   H  N N 68  
ASP HA   H  N N 69  
ASP HB2  H  N N 70  
ASP HB3  H  N N 71  
ASP HD2  H  N N 72  
ASP HXT  H  N N 73  
BZF O1   O  Y N 74  
BZF C2   C  Y N 75  
BZF C3   C  Y N 76  
BZF C3A  C  Y N 77  
BZF C4   C  Y N 78  
BZF C5   C  Y N 79  
BZF C6   C  Y N 80  
BZF C7   C  Y N 81  
BZF C7A  C  Y N 82  
BZF H2   H  N N 83  
BZF H3   H  N N 84  
BZF H4   H  N N 85  
BZF H5   H  N N 86  
BZF H6   H  N N 87  
BZF H7   H  N N 88  
CL  CL   CL N N 89  
CYS N    N  N N 90  
CYS CA   C  N R 91  
CYS C    C  N N 92  
CYS O    O  N N 93  
CYS CB   C  N N 94  
CYS SG   S  N N 95  
CYS OXT  O  N N 96  
CYS H    H  N N 97  
CYS H2   H  N N 98  
CYS HA   H  N N 99  
CYS HB2  H  N N 100 
CYS HB3  H  N N 101 
CYS HG   H  N N 102 
CYS HXT  H  N N 103 
GLN N    N  N N 104 
GLN CA   C  N S 105 
GLN C    C  N N 106 
GLN O    O  N N 107 
GLN CB   C  N N 108 
GLN CG   C  N N 109 
GLN CD   C  N N 110 
GLN OE1  O  N N 111 
GLN NE2  N  N N 112 
GLN OXT  O  N N 113 
GLN H    H  N N 114 
GLN H2   H  N N 115 
GLN HA   H  N N 116 
GLN HB2  H  N N 117 
GLN HB3  H  N N 118 
GLN HG2  H  N N 119 
GLN HG3  H  N N 120 
GLN HE21 H  N N 121 
GLN HE22 H  N N 122 
GLN HXT  H  N N 123 
GLU N    N  N N 124 
GLU CA   C  N S 125 
GLU C    C  N N 126 
GLU O    O  N N 127 
GLU CB   C  N N 128 
GLU CG   C  N N 129 
GLU CD   C  N N 130 
GLU OE1  O  N N 131 
GLU OE2  O  N N 132 
GLU OXT  O  N N 133 
GLU H    H  N N 134 
GLU H2   H  N N 135 
GLU HA   H  N N 136 
GLU HB2  H  N N 137 
GLU HB3  H  N N 138 
GLU HG2  H  N N 139 
GLU HG3  H  N N 140 
GLU HE2  H  N N 141 
GLU HXT  H  N N 142 
GLY N    N  N N 143 
GLY CA   C  N N 144 
GLY C    C  N N 145 
GLY O    O  N N 146 
GLY OXT  O  N N 147 
GLY H    H  N N 148 
GLY H2   H  N N 149 
GLY HA2  H  N N 150 
GLY HA3  H  N N 151 
GLY HXT  H  N N 152 
HED C1   C  N N 153 
HED O1   O  N N 154 
HED C2   C  N N 155 
HED S3   S  N N 156 
HED S4   S  N N 157 
HED C5   C  N N 158 
HED C6   C  N N 159 
HED O6   O  N N 160 
HED H11  H  N N 161 
HED H12  H  N N 162 
HED HO1  H  N N 163 
HED H21  H  N N 164 
HED H22  H  N N 165 
HED H51  H  N N 166 
HED H52  H  N N 167 
HED H61  H  N N 168 
HED H62  H  N N 169 
HED HO6  H  N N 170 
HIS N    N  N N 171 
HIS CA   C  N S 172 
HIS C    C  N N 173 
HIS O    O  N N 174 
HIS CB   C  N N 175 
HIS CG   C  Y N 176 
HIS ND1  N  Y N 177 
HIS CD2  C  Y N 178 
HIS CE1  C  Y N 179 
HIS NE2  N  Y N 180 
HIS OXT  O  N N 181 
HIS H    H  N N 182 
HIS H2   H  N N 183 
HIS HA   H  N N 184 
HIS HB2  H  N N 185 
HIS HB3  H  N N 186 
HIS HD1  H  N N 187 
HIS HD2  H  N N 188 
HIS HE1  H  N N 189 
HIS HE2  H  N N 190 
HIS HXT  H  N N 191 
HOH O    O  N N 192 
HOH H1   H  N N 193 
HOH H2   H  N N 194 
ILE N    N  N N 195 
ILE CA   C  N S 196 
ILE C    C  N N 197 
ILE O    O  N N 198 
ILE CB   C  N S 199 
ILE CG1  C  N N 200 
ILE CG2  C  N N 201 
ILE CD1  C  N N 202 
ILE OXT  O  N N 203 
ILE H    H  N N 204 
ILE H2   H  N N 205 
ILE HA   H  N N 206 
ILE HB   H  N N 207 
ILE HG12 H  N N 208 
ILE HG13 H  N N 209 
ILE HG21 H  N N 210 
ILE HG22 H  N N 211 
ILE HG23 H  N N 212 
ILE HD11 H  N N 213 
ILE HD12 H  N N 214 
ILE HD13 H  N N 215 
ILE HXT  H  N N 216 
LEU N    N  N N 217 
LEU CA   C  N S 218 
LEU C    C  N N 219 
LEU O    O  N N 220 
LEU CB   C  N N 221 
LEU CG   C  N N 222 
LEU CD1  C  N N 223 
LEU CD2  C  N N 224 
LEU OXT  O  N N 225 
LEU H    H  N N 226 
LEU H2   H  N N 227 
LEU HA   H  N N 228 
LEU HB2  H  N N 229 
LEU HB3  H  N N 230 
LEU HG   H  N N 231 
LEU HD11 H  N N 232 
LEU HD12 H  N N 233 
LEU HD13 H  N N 234 
LEU HD21 H  N N 235 
LEU HD22 H  N N 236 
LEU HD23 H  N N 237 
LEU HXT  H  N N 238 
LYS N    N  N N 239 
LYS CA   C  N S 240 
LYS C    C  N N 241 
LYS O    O  N N 242 
LYS CB   C  N N 243 
LYS CG   C  N N 244 
LYS CD   C  N N 245 
LYS CE   C  N N 246 
LYS NZ   N  N N 247 
LYS OXT  O  N N 248 
LYS H    H  N N 249 
LYS H2   H  N N 250 
LYS HA   H  N N 251 
LYS HB2  H  N N 252 
LYS HB3  H  N N 253 
LYS HG2  H  N N 254 
LYS HG3  H  N N 255 
LYS HD2  H  N N 256 
LYS HD3  H  N N 257 
LYS HE2  H  N N 258 
LYS HE3  H  N N 259 
LYS HZ1  H  N N 260 
LYS HZ2  H  N N 261 
LYS HZ3  H  N N 262 
LYS HXT  H  N N 263 
MET N    N  N N 264 
MET CA   C  N S 265 
MET C    C  N N 266 
MET O    O  N N 267 
MET CB   C  N N 268 
MET CG   C  N N 269 
MET SD   S  N N 270 
MET CE   C  N N 271 
MET OXT  O  N N 272 
MET H    H  N N 273 
MET H2   H  N N 274 
MET HA   H  N N 275 
MET HB2  H  N N 276 
MET HB3  H  N N 277 
MET HG2  H  N N 278 
MET HG3  H  N N 279 
MET HE1  H  N N 280 
MET HE2  H  N N 281 
MET HE3  H  N N 282 
MET HXT  H  N N 283 
PHE N    N  N N 284 
PHE CA   C  N S 285 
PHE C    C  N N 286 
PHE O    O  N N 287 
PHE CB   C  N N 288 
PHE CG   C  Y N 289 
PHE CD1  C  Y N 290 
PHE CD2  C  Y N 291 
PHE CE1  C  Y N 292 
PHE CE2  C  Y N 293 
PHE CZ   C  Y N 294 
PHE OXT  O  N N 295 
PHE H    H  N N 296 
PHE H2   H  N N 297 
PHE HA   H  N N 298 
PHE HB2  H  N N 299 
PHE HB3  H  N N 300 
PHE HD1  H  N N 301 
PHE HD2  H  N N 302 
PHE HE1  H  N N 303 
PHE HE2  H  N N 304 
PHE HZ   H  N N 305 
PHE HXT  H  N N 306 
PRO N    N  N N 307 
PRO CA   C  N S 308 
PRO C    C  N N 309 
PRO O    O  N N 310 
PRO CB   C  N N 311 
PRO CG   C  N N 312 
PRO CD   C  N N 313 
PRO OXT  O  N N 314 
PRO H    H  N N 315 
PRO HA   H  N N 316 
PRO HB2  H  N N 317 
PRO HB3  H  N N 318 
PRO HG2  H  N N 319 
PRO HG3  H  N N 320 
PRO HD2  H  N N 321 
PRO HD3  H  N N 322 
PRO HXT  H  N N 323 
SER N    N  N N 324 
SER CA   C  N S 325 
SER C    C  N N 326 
SER O    O  N N 327 
SER CB   C  N N 328 
SER OG   O  N N 329 
SER OXT  O  N N 330 
SER H    H  N N 331 
SER H2   H  N N 332 
SER HA   H  N N 333 
SER HB2  H  N N 334 
SER HB3  H  N N 335 
SER HG   H  N N 336 
SER HXT  H  N N 337 
THR N    N  N N 338 
THR CA   C  N S 339 
THR C    C  N N 340 
THR O    O  N N 341 
THR CB   C  N R 342 
THR OG1  O  N N 343 
THR CG2  C  N N 344 
THR OXT  O  N N 345 
THR H    H  N N 346 
THR H2   H  N N 347 
THR HA   H  N N 348 
THR HB   H  N N 349 
THR HG1  H  N N 350 
THR HG21 H  N N 351 
THR HG22 H  N N 352 
THR HG23 H  N N 353 
THR HXT  H  N N 354 
TRP N    N  N N 355 
TRP CA   C  N S 356 
TRP C    C  N N 357 
TRP O    O  N N 358 
TRP CB   C  N N 359 
TRP CG   C  Y N 360 
TRP CD1  C  Y N 361 
TRP CD2  C  Y N 362 
TRP NE1  N  Y N 363 
TRP CE2  C  Y N 364 
TRP CE3  C  Y N 365 
TRP CZ2  C  Y N 366 
TRP CZ3  C  Y N 367 
TRP CH2  C  Y N 368 
TRP OXT  O  N N 369 
TRP H    H  N N 370 
TRP H2   H  N N 371 
TRP HA   H  N N 372 
TRP HB2  H  N N 373 
TRP HB3  H  N N 374 
TRP HD1  H  N N 375 
TRP HE1  H  N N 376 
TRP HE3  H  N N 377 
TRP HZ2  H  N N 378 
TRP HZ3  H  N N 379 
TRP HH2  H  N N 380 
TRP HXT  H  N N 381 
TYR N    N  N N 382 
TYR CA   C  N S 383 
TYR C    C  N N 384 
TYR O    O  N N 385 
TYR CB   C  N N 386 
TYR CG   C  Y N 387 
TYR CD1  C  Y N 388 
TYR CD2  C  Y N 389 
TYR CE1  C  Y N 390 
TYR CE2  C  Y N 391 
TYR CZ   C  Y N 392 
TYR OH   O  N N 393 
TYR OXT  O  N N 394 
TYR H    H  N N 395 
TYR H2   H  N N 396 
TYR HA   H  N N 397 
TYR HB2  H  N N 398 
TYR HB3  H  N N 399 
TYR HD1  H  N N 400 
TYR HD2  H  N N 401 
TYR HE1  H  N N 402 
TYR HE2  H  N N 403 
TYR HH   H  N N 404 
TYR HXT  H  N N 405 
VAL N    N  N N 406 
VAL CA   C  N S 407 
VAL C    C  N N 408 
VAL O    O  N N 409 
VAL CB   C  N N 410 
VAL CG1  C  N N 411 
VAL CG2  C  N N 412 
VAL OXT  O  N N 413 
VAL H    H  N N 414 
VAL H2   H  N N 415 
VAL HA   H  N N 416 
VAL HB   H  N N 417 
VAL HG11 H  N N 418 
VAL HG12 H  N N 419 
VAL HG13 H  N N 420 
VAL HG21 H  N N 421 
VAL HG22 H  N N 422 
VAL HG23 H  N N 423 
VAL HXT  H  N N 424 
# 
loop_
_chem_comp_bond.comp_id 
_chem_comp_bond.atom_id_1 
_chem_comp_bond.atom_id_2 
_chem_comp_bond.value_order 
_chem_comp_bond.pdbx_aromatic_flag 
_chem_comp_bond.pdbx_stereo_config 
_chem_comp_bond.pdbx_ordinal 
ALA N   CA   sing N N 1   
ALA N   H    sing N N 2   
ALA N   H2   sing N N 3   
ALA CA  C    sing N N 4   
ALA CA  CB   sing N N 5   
ALA CA  HA   sing N N 6   
ALA C   O    doub N N 7   
ALA C   OXT  sing N N 8   
ALA CB  HB1  sing N N 9   
ALA CB  HB2  sing N N 10  
ALA CB  HB3  sing N N 11  
ALA OXT HXT  sing N N 12  
ARG N   CA   sing N N 13  
ARG N   H    sing N N 14  
ARG N   H2   sing N N 15  
ARG CA  C    sing N N 16  
ARG CA  CB   sing N N 17  
ARG CA  HA   sing N N 18  
ARG C   O    doub N N 19  
ARG C   OXT  sing N N 20  
ARG CB  CG   sing N N 21  
ARG CB  HB2  sing N N 22  
ARG CB  HB3  sing N N 23  
ARG CG  CD   sing N N 24  
ARG CG  HG2  sing N N 25  
ARG CG  HG3  sing N N 26  
ARG CD  NE   sing N N 27  
ARG CD  HD2  sing N N 28  
ARG CD  HD3  sing N N 29  
ARG NE  CZ   sing N N 30  
ARG NE  HE   sing N N 31  
ARG CZ  NH1  sing N N 32  
ARG CZ  NH2  doub N N 33  
ARG NH1 HH11 sing N N 34  
ARG NH1 HH12 sing N N 35  
ARG NH2 HH21 sing N N 36  
ARG NH2 HH22 sing N N 37  
ARG OXT HXT  sing N N 38  
ASN N   CA   sing N N 39  
ASN N   H    sing N N 40  
ASN N   H2   sing N N 41  
ASN CA  C    sing N N 42  
ASN CA  CB   sing N N 43  
ASN CA  HA   sing N N 44  
ASN C   O    doub N N 45  
ASN C   OXT  sing N N 46  
ASN CB  CG   sing N N 47  
ASN CB  HB2  sing N N 48  
ASN CB  HB3  sing N N 49  
ASN CG  OD1  doub N N 50  
ASN CG  ND2  sing N N 51  
ASN ND2 HD21 sing N N 52  
ASN ND2 HD22 sing N N 53  
ASN OXT HXT  sing N N 54  
ASP N   CA   sing N N 55  
ASP N   H    sing N N 56  
ASP N   H2   sing N N 57  
ASP CA  C    sing N N 58  
ASP CA  CB   sing N N 59  
ASP CA  HA   sing N N 60  
ASP C   O    doub N N 61  
ASP C   OXT  sing N N 62  
ASP CB  CG   sing N N 63  
ASP CB  HB2  sing N N 64  
ASP CB  HB3  sing N N 65  
ASP CG  OD1  doub N N 66  
ASP CG  OD2  sing N N 67  
ASP OD2 HD2  sing N N 68  
ASP OXT HXT  sing N N 69  
BZF O1  C2   sing Y N 70  
BZF O1  C7A  sing Y N 71  
BZF C2  C3   doub Y N 72  
BZF C2  H2   sing N N 73  
BZF C3  C3A  sing Y N 74  
BZF C3  H3   sing N N 75  
BZF C3A C4   doub Y N 76  
BZF C3A C7A  sing Y N 77  
BZF C4  C5   sing Y N 78  
BZF C4  H4   sing N N 79  
BZF C5  C6   doub Y N 80  
BZF C5  H5   sing N N 81  
BZF C6  C7   sing Y N 82  
BZF C6  H6   sing N N 83  
BZF C7  C7A  doub Y N 84  
BZF C7  H7   sing N N 85  
CYS N   CA   sing N N 86  
CYS N   H    sing N N 87  
CYS N   H2   sing N N 88  
CYS CA  C    sing N N 89  
CYS CA  CB   sing N N 90  
CYS CA  HA   sing N N 91  
CYS C   O    doub N N 92  
CYS C   OXT  sing N N 93  
CYS CB  SG   sing N N 94  
CYS CB  HB2  sing N N 95  
CYS CB  HB3  sing N N 96  
CYS SG  HG   sing N N 97  
CYS OXT HXT  sing N N 98  
GLN N   CA   sing N N 99  
GLN N   H    sing N N 100 
GLN N   H2   sing N N 101 
GLN CA  C    sing N N 102 
GLN CA  CB   sing N N 103 
GLN CA  HA   sing N N 104 
GLN C   O    doub N N 105 
GLN C   OXT  sing N N 106 
GLN CB  CG   sing N N 107 
GLN CB  HB2  sing N N 108 
GLN CB  HB3  sing N N 109 
GLN CG  CD   sing N N 110 
GLN CG  HG2  sing N N 111 
GLN CG  HG3  sing N N 112 
GLN CD  OE1  doub N N 113 
GLN CD  NE2  sing N N 114 
GLN NE2 HE21 sing N N 115 
GLN NE2 HE22 sing N N 116 
GLN OXT HXT  sing N N 117 
GLU N   CA   sing N N 118 
GLU N   H    sing N N 119 
GLU N   H2   sing N N 120 
GLU CA  C    sing N N 121 
GLU CA  CB   sing N N 122 
GLU CA  HA   sing N N 123 
GLU C   O    doub N N 124 
GLU C   OXT  sing N N 125 
GLU CB  CG   sing N N 126 
GLU CB  HB2  sing N N 127 
GLU CB  HB3  sing N N 128 
GLU CG  CD   sing N N 129 
GLU CG  HG2  sing N N 130 
GLU CG  HG3  sing N N 131 
GLU CD  OE1  doub N N 132 
GLU CD  OE2  sing N N 133 
GLU OE2 HE2  sing N N 134 
GLU OXT HXT  sing N N 135 
GLY N   CA   sing N N 136 
GLY N   H    sing N N 137 
GLY N   H2   sing N N 138 
GLY CA  C    sing N N 139 
GLY CA  HA2  sing N N 140 
GLY CA  HA3  sing N N 141 
GLY C   O    doub N N 142 
GLY C   OXT  sing N N 143 
GLY OXT HXT  sing N N 144 
HED C1  O1   sing N N 145 
HED C1  C2   sing N N 146 
HED C1  H11  sing N N 147 
HED C1  H12  sing N N 148 
HED O1  HO1  sing N N 149 
HED C2  S3   sing N N 150 
HED C2  H21  sing N N 151 
HED C2  H22  sing N N 152 
HED S3  S4   sing N N 153 
HED S4  C5   sing N N 154 
HED C5  C6   sing N N 155 
HED C5  H51  sing N N 156 
HED C5  H52  sing N N 157 
HED C6  O6   sing N N 158 
HED C6  H61  sing N N 159 
HED C6  H62  sing N N 160 
HED O6  HO6  sing N N 161 
HIS N   CA   sing N N 162 
HIS N   H    sing N N 163 
HIS N   H2   sing N N 164 
HIS CA  C    sing N N 165 
HIS CA  CB   sing N N 166 
HIS CA  HA   sing N N 167 
HIS C   O    doub N N 168 
HIS C   OXT  sing N N 169 
HIS CB  CG   sing N N 170 
HIS CB  HB2  sing N N 171 
HIS CB  HB3  sing N N 172 
HIS CG  ND1  sing Y N 173 
HIS CG  CD2  doub Y N 174 
HIS ND1 CE1  doub Y N 175 
HIS ND1 HD1  sing N N 176 
HIS CD2 NE2  sing Y N 177 
HIS CD2 HD2  sing N N 178 
HIS CE1 NE2  sing Y N 179 
HIS CE1 HE1  sing N N 180 
HIS NE2 HE2  sing N N 181 
HIS OXT HXT  sing N N 182 
HOH O   H1   sing N N 183 
HOH O   H2   sing N N 184 
ILE N   CA   sing N N 185 
ILE N   H    sing N N 186 
ILE N   H2   sing N N 187 
ILE CA  C    sing N N 188 
ILE CA  CB   sing N N 189 
ILE CA  HA   sing N N 190 
ILE C   O    doub N N 191 
ILE C   OXT  sing N N 192 
ILE CB  CG1  sing N N 193 
ILE CB  CG2  sing N N 194 
ILE CB  HB   sing N N 195 
ILE CG1 CD1  sing N N 196 
ILE CG1 HG12 sing N N 197 
ILE CG1 HG13 sing N N 198 
ILE CG2 HG21 sing N N 199 
ILE CG2 HG22 sing N N 200 
ILE CG2 HG23 sing N N 201 
ILE CD1 HD11 sing N N 202 
ILE CD1 HD12 sing N N 203 
ILE CD1 HD13 sing N N 204 
ILE OXT HXT  sing N N 205 
LEU N   CA   sing N N 206 
LEU N   H    sing N N 207 
LEU N   H2   sing N N 208 
LEU CA  C    sing N N 209 
LEU CA  CB   sing N N 210 
LEU CA  HA   sing N N 211 
LEU C   O    doub N N 212 
LEU C   OXT  sing N N 213 
LEU CB  CG   sing N N 214 
LEU CB  HB2  sing N N 215 
LEU CB  HB3  sing N N 216 
LEU CG  CD1  sing N N 217 
LEU CG  CD2  sing N N 218 
LEU CG  HG   sing N N 219 
LEU CD1 HD11 sing N N 220 
LEU CD1 HD12 sing N N 221 
LEU CD1 HD13 sing N N 222 
LEU CD2 HD21 sing N N 223 
LEU CD2 HD22 sing N N 224 
LEU CD2 HD23 sing N N 225 
LEU OXT HXT  sing N N 226 
LYS N   CA   sing N N 227 
LYS N   H    sing N N 228 
LYS N   H2   sing N N 229 
LYS CA  C    sing N N 230 
LYS CA  CB   sing N N 231 
LYS CA  HA   sing N N 232 
LYS C   O    doub N N 233 
LYS C   OXT  sing N N 234 
LYS CB  CG   sing N N 235 
LYS CB  HB2  sing N N 236 
LYS CB  HB3  sing N N 237 
LYS CG  CD   sing N N 238 
LYS CG  HG2  sing N N 239 
LYS CG  HG3  sing N N 240 
LYS CD  CE   sing N N 241 
LYS CD  HD2  sing N N 242 
LYS CD  HD3  sing N N 243 
LYS CE  NZ   sing N N 244 
LYS CE  HE2  sing N N 245 
LYS CE  HE3  sing N N 246 
LYS NZ  HZ1  sing N N 247 
LYS NZ  HZ2  sing N N 248 
LYS NZ  HZ3  sing N N 249 
LYS OXT HXT  sing N N 250 
MET N   CA   sing N N 251 
MET N   H    sing N N 252 
MET N   H2   sing N N 253 
MET CA  C    sing N N 254 
MET CA  CB   sing N N 255 
MET CA  HA   sing N N 256 
MET C   O    doub N N 257 
MET C   OXT  sing N N 258 
MET CB  CG   sing N N 259 
MET CB  HB2  sing N N 260 
MET CB  HB3  sing N N 261 
MET CG  SD   sing N N 262 
MET CG  HG2  sing N N 263 
MET CG  HG3  sing N N 264 
MET SD  CE   sing N N 265 
MET CE  HE1  sing N N 266 
MET CE  HE2  sing N N 267 
MET CE  HE3  sing N N 268 
MET OXT HXT  sing N N 269 
PHE N   CA   sing N N 270 
PHE N   H    sing N N 271 
PHE N   H2   sing N N 272 
PHE CA  C    sing N N 273 
PHE CA  CB   sing N N 274 
PHE CA  HA   sing N N 275 
PHE C   O    doub N N 276 
PHE C   OXT  sing N N 277 
PHE CB  CG   sing N N 278 
PHE CB  HB2  sing N N 279 
PHE CB  HB3  sing N N 280 
PHE CG  CD1  doub Y N 281 
PHE CG  CD2  sing Y N 282 
PHE CD1 CE1  sing Y N 283 
PHE CD1 HD1  sing N N 284 
PHE CD2 CE2  doub Y N 285 
PHE CD2 HD2  sing N N 286 
PHE CE1 CZ   doub Y N 287 
PHE CE1 HE1  sing N N 288 
PHE CE2 CZ   sing Y N 289 
PHE CE2 HE2  sing N N 290 
PHE CZ  HZ   sing N N 291 
PHE OXT HXT  sing N N 292 
PRO N   CA   sing N N 293 
PRO N   CD   sing N N 294 
PRO N   H    sing N N 295 
PRO CA  C    sing N N 296 
PRO CA  CB   sing N N 297 
PRO CA  HA   sing N N 298 
PRO C   O    doub N N 299 
PRO C   OXT  sing N N 300 
PRO CB  CG   sing N N 301 
PRO CB  HB2  sing N N 302 
PRO CB  HB3  sing N N 303 
PRO CG  CD   sing N N 304 
PRO CG  HG2  sing N N 305 
PRO CG  HG3  sing N N 306 
PRO CD  HD2  sing N N 307 
PRO CD  HD3  sing N N 308 
PRO OXT HXT  sing N N 309 
SER N   CA   sing N N 310 
SER N   H    sing N N 311 
SER N   H2   sing N N 312 
SER CA  C    sing N N 313 
SER CA  CB   sing N N 314 
SER CA  HA   sing N N 315 
SER C   O    doub N N 316 
SER C   OXT  sing N N 317 
SER CB  OG   sing N N 318 
SER CB  HB2  sing N N 319 
SER CB  HB3  sing N N 320 
SER OG  HG   sing N N 321 
SER OXT HXT  sing N N 322 
THR N   CA   sing N N 323 
THR N   H    sing N N 324 
THR N   H2   sing N N 325 
THR CA  C    sing N N 326 
THR CA  CB   sing N N 327 
THR CA  HA   sing N N 328 
THR C   O    doub N N 329 
THR C   OXT  sing N N 330 
THR CB  OG1  sing N N 331 
THR CB  CG2  sing N N 332 
THR CB  HB   sing N N 333 
THR OG1 HG1  sing N N 334 
THR CG2 HG21 sing N N 335 
THR CG2 HG22 sing N N 336 
THR CG2 HG23 sing N N 337 
THR OXT HXT  sing N N 338 
TRP N   CA   sing N N 339 
TRP N   H    sing N N 340 
TRP N   H2   sing N N 341 
TRP CA  C    sing N N 342 
TRP CA  CB   sing N N 343 
TRP CA  HA   sing N N 344 
TRP C   O    doub N N 345 
TRP C   OXT  sing N N 346 
TRP CB  CG   sing N N 347 
TRP CB  HB2  sing N N 348 
TRP CB  HB3  sing N N 349 
TRP CG  CD1  doub Y N 350 
TRP CG  CD2  sing Y N 351 
TRP CD1 NE1  sing Y N 352 
TRP CD1 HD1  sing N N 353 
TRP CD2 CE2  doub Y N 354 
TRP CD2 CE3  sing Y N 355 
TRP NE1 CE2  sing Y N 356 
TRP NE1 HE1  sing N N 357 
TRP CE2 CZ2  sing Y N 358 
TRP CE3 CZ3  doub Y N 359 
TRP CE3 HE3  sing N N 360 
TRP CZ2 CH2  doub Y N 361 
TRP CZ2 HZ2  sing N N 362 
TRP CZ3 CH2  sing Y N 363 
TRP CZ3 HZ3  sing N N 364 
TRP CH2 HH2  sing N N 365 
TRP OXT HXT  sing N N 366 
TYR N   CA   sing N N 367 
TYR N   H    sing N N 368 
TYR N   H2   sing N N 369 
TYR CA  C    sing N N 370 
TYR CA  CB   sing N N 371 
TYR CA  HA   sing N N 372 
TYR C   O    doub N N 373 
TYR C   OXT  sing N N 374 
TYR CB  CG   sing N N 375 
TYR CB  HB2  sing N N 376 
TYR CB  HB3  sing N N 377 
TYR CG  CD1  doub Y N 378 
TYR CG  CD2  sing Y N 379 
TYR CD1 CE1  sing Y N 380 
TYR CD1 HD1  sing N N 381 
TYR CD2 CE2  doub Y N 382 
TYR CD2 HD2  sing N N 383 
TYR CE1 CZ   doub Y N 384 
TYR CE1 HE1  sing N N 385 
TYR CE2 CZ   sing Y N 386 
TYR CE2 HE2  sing N N 387 
TYR CZ  OH   sing N N 388 
TYR OH  HH   sing N N 389 
TYR OXT HXT  sing N N 390 
VAL N   CA   sing N N 391 
VAL N   H    sing N N 392 
VAL N   H2   sing N N 393 
VAL CA  C    sing N N 394 
VAL CA  CB   sing N N 395 
VAL CA  HA   sing N N 396 
VAL C   O    doub N N 397 
VAL C   OXT  sing N N 398 
VAL CB  CG1  sing N N 399 
VAL CB  CG2  sing N N 400 
VAL CB  HB   sing N N 401 
VAL CG1 HG11 sing N N 402 
VAL CG1 HG12 sing N N 403 
VAL CG1 HG13 sing N N 404 
VAL CG2 HG21 sing N N 405 
VAL CG2 HG22 sing N N 406 
VAL CG2 HG23 sing N N 407 
VAL OXT HXT  sing N N 408 
# 
_atom_sites.entry_id                    182L 
_atom_sites.fract_transf_matrix[1][1]   0.00784037 
_atom_sites.fract_transf_matrix[1][2]   0.00824863 
_atom_sites.fract_transf_matrix[1][3]   0.01516494 
_atom_sites.fract_transf_matrix[2][1]   -0.00613815 
_atom_sites.fract_transf_matrix[2][2]   -0.00436516 
_atom_sites.fract_transf_matrix[2][3]   0.01740080 
_atom_sites.fract_transf_matrix[3][1]   0.00691624 
_atom_sites.fract_transf_matrix[3][2]   -0.00756863 
_atom_sites.fract_transf_matrix[3][3]   0.00054105 
_atom_sites.fract_transf_vector[1]      0.679760 
_atom_sites.fract_transf_vector[2]      0.219866 
_atom_sites.fract_transf_vector[3]      0.100936 
# 
loop_
_atom_type.symbol 
C  
CL 
N  
O  
S  
# 
loop_
_atom_site.group_PDB 
_atom_site.id 
_atom_site.type_symbol 
_atom_site.label_atom_id 
_atom_site.label_alt_id 
_atom_site.label_comp_id 
_atom_site.label_asym_id 
_atom_site.label_entity_id 
_atom_site.label_seq_id 
_atom_site.pdbx_PDB_ins_code 
_atom_site.Cartn_x 
_atom_site.Cartn_y 
_atom_site.Cartn_z 
_atom_site.occupancy 
_atom_site.B_iso_or_equiv 
_atom_site.pdbx_formal_charge 
_atom_site.auth_seq_id 
_atom_site.auth_comp_id 
_atom_site.auth_asym_id 
_atom_site.auth_atom_id 
_atom_site.pdbx_PDB_model_num 
ATOM   1    N  N   . MET A 1 1   ? 10.585  9.750   -10.008 1.00 29.14  ? 1   MET A N   1 
ATOM   2    C  CA  . MET A 1 1   ? 9.770   9.094   -8.992  1.00 16.77  ? 1   MET A CA  1 
ATOM   3    C  C   . MET A 1 1   ? 9.193   7.816   -9.597  1.00 17.77  ? 1   MET A C   1 
ATOM   4    O  O   . MET A 1 1   ? 8.985   7.721   -10.800 1.00 16.51  ? 1   MET A O   1 
ATOM   5    C  CB  . MET A 1 1   ? 8.697   10.121  -8.495  1.00 15.69  ? 1   MET A CB  1 
ATOM   6    C  CG  . MET A 1 1   ? 7.635   9.625   -7.550  1.00 35.63  ? 1   MET A CG  1 
ATOM   7    S  SD  . MET A 1 1   ? 8.272   9.401   -5.894  1.00 32.00  ? 1   MET A SD  1 
ATOM   8    C  CE  . MET A 1 1   ? 9.005   11.021  -5.691  1.00 24.53  ? 1   MET A CE  1 
ATOM   9    N  N   . ASN A 1 2   ? 8.940   6.854   -8.744  1.00 16.33  ? 2   ASN A N   1 
ATOM   10   C  CA  . ASN A 1 2   ? 8.350   5.576   -9.121  1.00 8.32   ? 2   ASN A CA  1 
ATOM   11   C  C   . ASN A 1 2   ? 7.717   4.965   -7.875  1.00 8.09   ? 2   ASN A C   1 
ATOM   12   O  O   . ASN A 1 2   ? 7.869   5.481   -6.765  1.00 9.12   ? 2   ASN A O   1 
ATOM   13   C  CB  . ASN A 1 2   ? 9.426   4.621   -9.729  1.00 11.96  ? 2   ASN A CB  1 
ATOM   14   C  CG  . ASN A 1 2   ? 10.548  4.296   -8.783  1.00 16.01  ? 2   ASN A CG  1 
ATOM   15   O  OD1 . ASN A 1 2   ? 10.326  3.731   -7.699  1.00 15.15  ? 2   ASN A OD1 1 
ATOM   16   N  ND2 . ASN A 1 2   ? 11.769  4.674   -9.178  1.00 11.36  ? 2   ASN A ND2 1 
ATOM   17   N  N   . ILE A 1 3   ? 7.008   3.857   -8.112  1.00 12.82  ? 3   ILE A N   1 
ATOM   18   C  CA  . ILE A 1 3   ? 6.256   3.186   -7.054  1.00 15.99  ? 3   ILE A CA  1 
ATOM   19   C  C   . ILE A 1 3   ? 7.097   2.895   -5.809  1.00 13.98  ? 3   ILE A C   1 
ATOM   20   O  O   . ILE A 1 3   ? 6.631   2.950   -4.660  1.00 10.70  ? 3   ILE A O   1 
ATOM   21   C  CB  . ILE A 1 3   ? 5.503   1.926   -7.607  1.00 7.74   ? 3   ILE A CB  1 
ATOM   22   C  CG1 . ILE A 1 3   ? 4.592   1.282   -6.539  1.00 7.33   ? 3   ILE A CG1 1 
ATOM   23   C  CG2 . ILE A 1 3   ? 6.508   0.864   -8.143  1.00 9.15   ? 3   ILE A CG2 1 
ATOM   24   C  CD1 . ILE A 1 3   ? 3.573   2.229   -5.873  1.00 5.06   ? 3   ILE A CD1 1 
ATOM   25   N  N   . PHE A 1 4   ? 8.344   2.488   -6.031  1.00 9.07   ? 4   PHE A N   1 
ATOM   26   C  CA  . PHE A 1 4   ? 9.188   2.143   -4.893  1.00 9.23   ? 4   PHE A CA  1 
ATOM   27   C  C   . PHE A 1 4   ? 9.528   3.336   -4.048  1.00 9.07   ? 4   PHE A C   1 
ATOM   28   O  O   . PHE A 1 4   ? 9.479   3.288   -2.818  1.00 13.85  ? 4   PHE A O   1 
ATOM   29   C  CB  . PHE A 1 4   ? 10.497  1.474   -5.312  1.00 8.64   ? 4   PHE A CB  1 
ATOM   30   C  CG  . PHE A 1 4   ? 10.235  0.079   -5.795  1.00 6.31   ? 4   PHE A CG  1 
ATOM   31   C  CD1 . PHE A 1 4   ? 10.134  -0.999  -4.915  1.00 16.29  ? 4   PHE A CD1 1 
ATOM   32   C  CD2 . PHE A 1 4   ? 10.116  -0.166  -7.159  1.00 10.50  ? 4   PHE A CD2 1 
ATOM   33   C  CE1 . PHE A 1 4   ? 9.932   -2.299  -5.383  1.00 23.76  ? 4   PHE A CE1 1 
ATOM   34   C  CE2 . PHE A 1 4   ? 9.869   -1.453  -7.639  1.00 16.97  ? 4   PHE A CE2 1 
ATOM   35   C  CZ  . PHE A 1 4   ? 9.801   -2.529  -6.750  1.00 10.81  ? 4   PHE A CZ  1 
ATOM   36   N  N   . GLU A 1 5   ? 9.871   4.404   -4.715  1.00 12.43  ? 5   GLU A N   1 
ATOM   37   C  CA  . GLU A 1 5   ? 10.186  5.596   -3.961  1.00 12.35  ? 5   GLU A CA  1 
ATOM   38   C  C   . GLU A 1 5   ? 8.950   6.150   -3.313  1.00 17.03  ? 5   GLU A C   1 
ATOM   39   O  O   . GLU A 1 5   ? 9.001   6.697   -2.244  1.00 13.22  ? 5   GLU A O   1 
ATOM   40   C  CB  . GLU A 1 5   ? 10.736  6.684   -4.879  1.00 9.89   ? 5   GLU A CB  1 
ATOM   41   C  CG  . GLU A 1 5   ? 12.046  6.283   -5.633  1.00 18.06  ? 5   GLU A CG  1 
ATOM   42   C  CD  . GLU A 1 5   ? 12.615  7.340   -6.589  1.00 49.55  ? 5   GLU A CD  1 
ATOM   43   O  OE1 . GLU A 1 5   ? 11.973  8.284   -7.017  1.00 43.38  ? 5   GLU A OE1 1 
ATOM   44   O  OE2 . GLU A 1 5   ? 13.877  7.149   -6.930  1.00 50.30  ? 5   GLU A OE2 1 
ATOM   45   N  N   . MET A 1 6   ? 7.840   6.041   -4.010  1.00 9.76   ? 6   MET A N   1 
ATOM   46   C  CA  . MET A 1 6   ? 6.604   6.580   -3.476  1.00 6.88   ? 6   MET A CA  1 
ATOM   47   C  C   . MET A 1 6   ? 6.245   5.845   -2.208  1.00 10.03  ? 6   MET A C   1 
ATOM   48   O  O   . MET A 1 6   ? 5.989   6.430   -1.145  1.00 11.64  ? 6   MET A O   1 
ATOM   49   C  CB  . MET A 1 6   ? 5.549   6.315   -4.562  1.00 7.64   ? 6   MET A CB  1 
ATOM   50   C  CG  . MET A 1 6   ? 4.237   6.963   -4.244  1.00 8.51   ? 6   MET A CG  1 
ATOM   51   S  SD  . MET A 1 6   ? 2.872   6.138   -5.125  1.00 11.31  ? 6   MET A SD  1 
ATOM   52   C  CE  . MET A 1 6   ? 1.549   7.429   -5.201  1.00 17.20  ? 6   MET A CE  1 
ATOM   53   N  N   . LEU A 1 7   ? 6.250   4.510   -2.294  1.00 11.48  ? 7   LEU A N   1 
ATOM   54   C  CA  . LEU A 1 7   ? 5.919   3.755   -1.076  1.00 11.93  ? 7   LEU A CA  1 
ATOM   55   C  C   . LEU A 1 7   ? 6.929   3.916   0.075   1.00 16.04  ? 7   LEU A C   1 
ATOM   56   O  O   . LEU A 1 7   ? 6.584   3.865   1.277   1.00 11.40  ? 7   LEU A O   1 
ATOM   57   C  CB  . LEU A 1 7   ? 5.702   2.282   -1.388  1.00 11.82  ? 7   LEU A CB  1 
ATOM   58   C  CG  . LEU A 1 7   ? 4.300   2.016   -1.887  1.00 14.89  ? 7   LEU A CG  1 
ATOM   59   C  CD1 . LEU A 1 7   ? 4.283   0.661   -2.576  1.00 15.16  ? 7   LEU A CD1 1 
ATOM   60   C  CD2 . LEU A 1 7   ? 3.243   2.137   -0.762  1.00 11.56  ? 7   LEU A CD2 1 
ATOM   61   N  N   . ARG A 1 8   ? 8.196   4.050   -0.287  1.00 7.41   ? 8   ARG A N   1 
ATOM   62   C  CA  . ARG A 1 8   ? 9.238   4.211   0.704   1.00 9.95   ? 8   ARG A CA  1 
ATOM   63   C  C   . ARG A 1 8   ? 8.988   5.492   1.477   1.00 19.82  ? 8   ARG A C   1 
ATOM   64   O  O   . ARG A 1 8   ? 9.190   5.559   2.672   1.00 13.46  ? 8   ARG A O   1 
ATOM   65   C  CB  . ARG A 1 8   ? 10.636  4.230   0.105   1.00 13.01  ? 8   ARG A CB  1 
ATOM   66   C  CG  . ARG A 1 8   ? 11.651  4.779   1.087   1.00 30.24  ? 8   ARG A CG  1 
ATOM   67   C  CD  . ARG A 1 8   ? 12.294  3.670   1.918   1.00 33.09  ? 8   ARG A CD  1 
ATOM   68   N  NE  . ARG A 1 8   ? 13.173  4.129   3.006   1.00 41.77  ? 8   ARG A NE  1 
ATOM   69   C  CZ  . ARG A 1 8   ? 12.897  5.098   3.897   1.00 45.75  ? 8   ARG A CZ  1 
ATOM   70   N  NH1 . ARG A 1 8   ? 11.746  5.800   3.871   1.00 39.05  ? 8   ARG A NH1 1 
ATOM   71   N  NH2 . ARG A 1 8   ? 13.811  5.377   4.840   1.00 54.35  ? 8   ARG A NH2 1 
ATOM   72   N  N   . ILE A 1 9   ? 8.484   6.505   0.784   1.00 13.01  ? 9   ILE A N   1 
ATOM   73   C  CA  . ILE A 1 9   ? 8.123   7.739   1.407   1.00 9.90   ? 9   ILE A CA  1 
ATOM   74   C  C   . ILE A 1 9   ? 6.884   7.534   2.280   1.00 20.89  ? 9   ILE A C   1 
ATOM   75   O  O   . ILE A 1 9   ? 6.834   7.967   3.431   1.00 13.71  ? 9   ILE A O   1 
ATOM   76   C  CB  . ILE A 1 9   ? 7.852   8.862   0.381   1.00 16.81  ? 9   ILE A CB  1 
ATOM   77   C  CG1 . ILE A 1 9   ? 9.146   9.480   -0.148  1.00 12.49  ? 9   ILE A CG1 1 
ATOM   78   C  CG2 . ILE A 1 9   ? 6.951   9.984   0.970   1.00 13.00  ? 9   ILE A CG2 1 
ATOM   79   C  CD1 . ILE A 1 9   ? 8.897   10.236  -1.460  1.00 11.91  ? 9   ILE A CD1 1 
ATOM   80   N  N   . ASP A 1 10  ? 5.873   6.853   1.781   1.00 9.57   ? 10  ASP A N   1 
ATOM   81   C  CA  . ASP A 1 10  ? 4.664   6.689   2.582   1.00 5.81   ? 10  ASP A CA  1 
ATOM   82   C  C   . ASP A 1 10  ? 4.780   5.735   3.792   1.00 17.97  ? 10  ASP A C   1 
ATOM   83   O  O   . ASP A 1 10  ? 4.056   5.863   4.800   1.00 15.97  ? 10  ASP A O   1 
ATOM   84   C  CB  . ASP A 1 10  ? 3.502   6.200   1.709   1.00 10.93  ? 10  ASP A CB  1 
ATOM   85   C  CG  . ASP A 1 10  ? 2.905   7.353   0.976   1.00 14.08  ? 10  ASP A CG  1 
ATOM   86   O  OD1 . ASP A 1 10  ? 3.022   8.512   1.316   1.00 12.54  ? 10  ASP A OD1 1 
ATOM   87   O  OD2 . ASP A 1 10  ? 2.449   6.992   -0.164  1.00 13.65  ? 10  ASP A OD2 1 
ATOM   88   N  N   . GLU A 1 11  ? 5.675   4.762   3.689   1.00 13.23  ? 11  GLU A N   1 
ATOM   89   C  CA  . GLU A 1 11  ? 5.769   3.740   4.740   1.00 13.99  ? 11  GLU A CA  1 
ATOM   90   C  C   . GLU A 1 11  ? 6.966   3.881   5.683   1.00 12.78  ? 11  GLU A C   1 
ATOM   91   O  O   . GLU A 1 11  ? 6.966   3.315   6.758   1.00 22.64  ? 11  GLU A O   1 
ATOM   92   C  CB  . GLU A 1 11  ? 5.814   2.327   4.096   1.00 11.42  ? 11  GLU A CB  1 
ATOM   93   C  CG  . GLU A 1 11  ? 4.610   2.009   3.198   1.00 8.95   ? 11  GLU A CG  1 
ATOM   94   C  CD  . GLU A 1 11  ? 3.338   1.744   3.966   1.00 13.05  ? 11  GLU A CD  1 
ATOM   95   O  OE1 . GLU A 1 11  ? 3.490   1.669   5.254   1.00 15.52  ? 11  GLU A OE1 1 
ATOM   96   O  OE2 . GLU A 1 11  ? 2.284   1.570   3.450   1.00 17.23  ? 11  GLU A OE2 1 
ATOM   97   N  N   . GLY A 1 12  ? 8.004   4.564   5.260   1.00 14.05  ? 12  GLY A N   1 
ATOM   98   C  CA  . GLY A 1 12  ? 9.203   4.674   6.094   1.00 13.81  ? 12  GLY A CA  1 
ATOM   99   C  C   . GLY A 1 12  ? 9.989   3.378   6.033   1.00 23.06  ? 12  GLY A C   1 
ATOM   100  O  O   . GLY A 1 12  ? 9.687   2.500   5.242   1.00 16.89  ? 12  GLY A O   1 
ATOM   101  N  N   . LEU A 1 13  ? 11.012  3.272   6.859   1.00 18.43  ? 13  LEU A N   1 
ATOM   102  C  CA  . LEU A 1 13  ? 11.803  2.072   6.948   1.00 13.11  ? 13  LEU A CA  1 
ATOM   103  C  C   . LEU A 1 13  ? 12.175  1.852   8.417   1.00 18.27  ? 13  LEU A C   1 
ATOM   104  O  O   . LEU A 1 13  ? 12.753  2.739   9.039   1.00 20.53  ? 13  LEU A O   1 
ATOM   105  C  CB  . LEU A 1 13  ? 13.046  2.212   6.092   1.00 10.64  ? 13  LEU A CB  1 
ATOM   106  C  CG  . LEU A 1 13  ? 14.150  1.190   6.422   1.00 30.02  ? 13  LEU A CG  1 
ATOM   107  C  CD1 . LEU A 1 13  ? 13.712  -0.209  6.119   1.00 20.86  ? 13  LEU A CD1 1 
ATOM   108  C  CD2 . LEU A 1 13  ? 15.328  1.449   5.520   1.00 40.09  ? 13  LEU A CD2 1 
ATOM   109  N  N   . ARG A 1 14  ? 11.795  0.708   8.982   1.00 16.86  ? 14  ARG A N   1 
ATOM   110  C  CA  . ARG A 1 14  ? 12.095  0.356   10.357  1.00 12.82  ? 14  ARG A CA  1 
ATOM   111  C  C   . ARG A 1 14  ? 12.645  -1.025  10.407  1.00 19.63  ? 14  ARG A C   1 
ATOM   112  O  O   . ARG A 1 14  ? 12.058  -1.924  9.853   1.00 18.98  ? 14  ARG A O   1 
ATOM   113  C  CB  . ARG A 1 14  ? 10.948  0.560   11.310  1.00 16.86  ? 14  ARG A CB  1 
ATOM   114  C  CG  . ARG A 1 14  ? 10.508  2.034   11.182  1.00 16.27  ? 14  ARG A CG  1 
ATOM   115  C  CD  . ARG A 1 14  ? 9.592   2.478   12.288  1.00 29.75  ? 14  ARG A CD  1 
ATOM   116  N  NE  . ARG A 1 14  ? 10.274  2.429   13.569  1.00 69.83  ? 14  ARG A NE  1 
ATOM   117  C  CZ  . ARG A 1 14  ? 9.633   2.533   14.727  1.00 100.00 ? 14  ARG A CZ  1 
ATOM   118  N  NH1 . ARG A 1 14  ? 8.296   2.689   14.765  1.00 46.18  ? 14  ARG A NH1 1 
ATOM   119  N  NH2 . ARG A 1 14  ? 10.348  2.488   15.858  1.00 100.00 ? 14  ARG A NH2 1 
ATOM   120  N  N   . LEU A 1 15  ? 13.793  -1.175  11.067  1.00 15.12  ? 15  LEU A N   1 
ATOM   121  C  CA  . LEU A 1 15  ? 14.451  -2.490  11.143  1.00 9.70   ? 15  LEU A CA  1 
ATOM   122  C  C   . LEU A 1 15  ? 14.131  -3.341  12.328  1.00 15.84  ? 15  LEU A C   1 
ATOM   123  O  O   . LEU A 1 15  ? 14.681  -4.410  12.446  1.00 22.42  ? 15  LEU A O   1 
ATOM   124  C  CB  . LEU A 1 15  ? 15.960  -2.396  10.932  1.00 18.04  ? 15  LEU A CB  1 
ATOM   125  C  CG  . LEU A 1 15  ? 16.297  -1.691  9.601   1.00 24.06  ? 15  LEU A CG  1 
ATOM   126  C  CD1 . LEU A 1 15  ? 17.815  -1.558  9.459   1.00 23.62  ? 15  LEU A CD1 1 
ATOM   127  C  CD2 . LEU A 1 15  ? 15.727  -2.446  8.380   1.00 24.69  ? 15  LEU A CD2 1 
ATOM   128  N  N   . LYS A 1 16  ? 13.255  -2.862  13.174  1.00 15.37  ? 16  LYS A N   1 
ATOM   129  C  CA  . LYS A 1 16  ? 12.845  -3.578  14.355  1.00 11.66  ? 16  LYS A CA  1 
ATOM   130  C  C   . LYS A 1 16  ? 11.331  -3.672  14.328  1.00 18.20  ? 16  LYS A C   1 
ATOM   131  O  O   . LYS A 1 16  ? 10.669  -2.769  13.796  1.00 18.08  ? 16  LYS A O   1 
ATOM   132  C  CB  . LYS A 1 16  ? 13.354  -2.808  15.595  1.00 27.91  ? 16  LYS A CB  1 
ATOM   133  C  CG  . LYS A 1 16  ? 13.021  -3.459  16.913  1.00 77.23  ? 16  LYS A CG  1 
ATOM   134  C  CD  . LYS A 1 16  ? 13.329  -4.953  16.949  1.00 100.00 ? 16  LYS A CD  1 
ATOM   135  C  CE  . LYS A 1 16  ? 12.129  -5.796  17.392  1.00 100.00 ? 16  LYS A CE  1 
ATOM   136  N  NZ  . LYS A 1 16  ? 12.378  -6.632  18.577  1.00 100.00 ? 16  LYS A NZ  1 
ATOM   137  N  N   . ILE A 1 17  ? 10.765  -4.812  14.802  1.00 18.04  ? 17  ILE A N   1 
ATOM   138  C  CA  . ILE A 1 17  ? 9.297   -4.948  14.790  1.00 8.14   ? 17  ILE A CA  1 
ATOM   139  C  C   . ILE A 1 17  ? 8.641   -3.709  15.385  1.00 17.68  ? 17  ILE A C   1 
ATOM   140  O  O   . ILE A 1 17  ? 9.094   -3.202  16.432  1.00 18.41  ? 17  ILE A O   1 
ATOM   141  C  CB  . ILE A 1 17  ? 8.844   -6.207  15.549  1.00 12.16  ? 17  ILE A CB  1 
ATOM   142  C  CG1 . ILE A 1 17  ? 9.300   -7.416  14.767  1.00 17.22  ? 17  ILE A CG1 1 
ATOM   143  C  CG2 . ILE A 1 17  ? 7.305   -6.262  15.737  1.00 15.35  ? 17  ILE A CG2 1 
ATOM   144  C  CD1 . ILE A 1 17  ? 8.927   -8.726  15.449  1.00 16.53  ? 17  ILE A CD1 1 
ATOM   145  N  N   . TYR A 1 18  ? 7.615   -3.177  14.719  1.00 13.35  ? 18  TYR A N   1 
ATOM   146  C  CA  . TYR A 1 18  ? 6.925   -1.992  15.287  1.00 13.55  ? 18  TYR A CA  1 
ATOM   147  C  C   . TYR A 1 18  ? 5.413   -2.135  15.056  1.00 14.16  ? 18  TYR A C   1 
ATOM   148  O  O   . TYR A 1 18  ? 5.012   -3.029  14.317  1.00 19.26  ? 18  TYR A O   1 
ATOM   149  C  CB  . TYR A 1 18  ? 7.474   -0.665  14.723  1.00 16.56  ? 18  TYR A CB  1 
ATOM   150  C  CG  . TYR A 1 18  ? 7.197   -0.539  13.266  1.00 24.54  ? 18  TYR A CG  1 
ATOM   151  C  CD1 . TYR A 1 18  ? 7.996   -1.189  12.324  1.00 21.08  ? 18  TYR A CD1 1 
ATOM   152  C  CD2 . TYR A 1 18  ? 6.084   0.187   12.834  1.00 18.85  ? 18  TYR A CD2 1 
ATOM   153  C  CE1 . TYR A 1 18  ? 7.723   -1.085  10.963  1.00 20.60  ? 18  TYR A CE1 1 
ATOM   154  C  CE2 . TYR A 1 18  ? 5.802   0.329   11.471  1.00 18.79  ? 18  TYR A CE2 1 
ATOM   155  C  CZ  . TYR A 1 18  ? 6.611   -0.336  10.547  1.00 33.39  ? 18  TYR A CZ  1 
ATOM   156  O  OH  . TYR A 1 18  ? 6.341   -0.172  9.214   1.00 25.60  ? 18  TYR A OH  1 
ATOM   157  N  N   . LYS A 1 19  ? 4.588   -1.287  15.680  1.00 12.92  ? 19  LYS A N   1 
ATOM   158  C  CA  . LYS A 1 19  ? 3.162   -1.366  15.397  1.00 11.87  ? 19  LYS A CA  1 
ATOM   159  C  C   . LYS A 1 19  ? 2.783   -0.271  14.404  1.00 21.59  ? 19  LYS A C   1 
ATOM   160  O  O   . LYS A 1 19  ? 3.215   0.902   14.519  1.00 20.77  ? 19  LYS A O   1 
ATOM   161  C  CB  . LYS A 1 19  ? 2.276   -1.199  16.600  1.00 17.08  ? 19  LYS A CB  1 
ATOM   162  C  CG  . LYS A 1 19  ? 2.536   -2.234  17.637  1.00 12.79  ? 19  LYS A CG  1 
ATOM   163  C  CD  . LYS A 1 19  ? 1.397   -2.210  18.611  1.00 21.74  ? 19  LYS A CD  1 
ATOM   164  C  CE  . LYS A 1 19  ? 1.633   -2.962  19.912  1.00 27.73  ? 19  LYS A CE  1 
ATOM   165  N  NZ  . LYS A 1 19  ? 0.540   -2.799  20.886  1.00 50.18  ? 19  LYS A NZ  1 
ATOM   166  N  N   . ASP A 1 20  ? 1.987   -0.656  13.432  1.00 13.21  ? 20  ASP A N   1 
ATOM   167  C  CA  . ASP A 1 20  ? 1.577   0.275   12.437  1.00 13.24  ? 20  ASP A CA  1 
ATOM   168  C  C   . ASP A 1 20  ? 0.496   1.217   12.944  1.00 19.46  ? 20  ASP A C   1 
ATOM   169  O  O   . ASP A 1 20  ? 0.124   1.180   14.124  1.00 14.73  ? 20  ASP A O   1 
ATOM   170  C  CB  . ASP A 1 20  ? 1.218   -0.436  11.157  1.00 8.50   ? 20  ASP A CB  1 
ATOM   171  C  CG  . ASP A 1 20  ? -0.116  -1.127  11.133  1.00 16.49  ? 20  ASP A CG  1 
ATOM   172  O  OD1 . ASP A 1 20  ? -0.799  -1.126  12.242  1.00 17.77  ? 20  ASP A OD1 1 
ATOM   173  O  OD2 . ASP A 1 20  ? -0.502  -1.688  10.170  1.00 17.28  ? 20  ASP A OD2 1 
ATOM   174  N  N   . THR A 1 21  ? -0.081  1.996   12.021  1.00 18.58  ? 21  THR A N   1 
ATOM   175  C  CA  . THR A 1 21  ? -1.099  2.970   12.452  1.00 20.09  ? 21  THR A CA  1 
ATOM   176  C  C   . THR A 1 21  ? -2.309  2.323   13.016  1.00 22.25  ? 21  THR A C   1 
ATOM   177  O  O   . THR A 1 21  ? -3.063  2.993   13.712  1.00 22.05  ? 21  THR A O   1 
ATOM   178  C  CB  . THR A 1 21  ? -1.496  3.989   11.392  1.00 30.73  ? 21  THR A CB  1 
ATOM   179  O  OG1 . THR A 1 21  ? -2.154  3.263   10.360  1.00 22.82  ? 21  THR A OG1 1 
ATOM   180  C  CG2 . THR A 1 21  ? -0.242  4.659   10.827  1.00 38.61  ? 21  THR A CG2 1 
ATOM   181  N  N   . GLU A 1 22  ? -2.501  1.024   12.695  1.00 19.77  ? 22  GLU A N   1 
ATOM   182  C  CA  . GLU A 1 22  ? -3.657  0.278   13.216  1.00 16.86  ? 22  GLU A CA  1 
ATOM   183  C  C   . GLU A 1 22  ? -3.321  -0.537  14.457  1.00 16.38  ? 22  GLU A C   1 
ATOM   184  O  O   . GLU A 1 22  ? -4.178  -1.194  15.017  1.00 23.29  ? 22  GLU A O   1 
ATOM   185  C  CB  . GLU A 1 22  ? -4.293  -0.627  12.179  1.00 15.68  ? 22  GLU A CB  1 
ATOM   186  C  CG  . GLU A 1 22  ? -4.716  0.174   10.951  1.00 30.86  ? 22  GLU A CG  1 
ATOM   187  C  CD  . GLU A 1 22  ? -6.078  0.779   11.141  1.00 36.22  ? 22  GLU A CD  1 
ATOM   188  O  OE1 . GLU A 1 22  ? -6.991  -0.127  11.455  1.00 100.00 ? 22  GLU A OE1 1 
ATOM   189  O  OE2 . GLU A 1 22  ? -6.289  1.974   10.995  1.00 73.63  ? 22  GLU A OE2 1 
ATOM   190  N  N   . GLY A 1 23  ? -2.052  -0.441  14.873  1.00 18.35  ? 23  GLY A N   1 
ATOM   191  C  CA  . GLY A 1 23  ? -1.551  -1.162  16.023  1.00 16.31  ? 23  GLY A CA  1 
ATOM   192  C  C   . GLY A 1 23  ? -1.117  -2.588  15.677  1.00 33.01  ? 23  GLY A C   1 
ATOM   193  O  O   . GLY A 1 23  ? -1.025  -3.420  16.569  1.00 21.93  ? 23  GLY A O   1 
ATOM   194  N  N   . TYR A 1 24  ? -0.850  -2.895  14.393  1.00 15.41  ? 24  TYR A N   1 
ATOM   195  C  CA  . TYR A 1 24  ? -0.447  -4.279  14.051  1.00 15.01  ? 24  TYR A CA  1 
ATOM   196  C  C   . TYR A 1 24  ? 1.010   -4.352  13.826  1.00 17.22  ? 24  TYR A C   1 
ATOM   197  O  O   . TYR A 1 24  ? 1.565   -3.426  13.220  1.00 16.88  ? 24  TYR A O   1 
ATOM   198  C  CB  . TYR A 1 24  ? -0.959  -4.721  12.707  1.00 23.33  ? 24  TYR A CB  1 
ATOM   199  C  CG  . TYR A 1 24  ? -2.410  -4.775  12.739  1.00 24.23  ? 24  TYR A CG  1 
ATOM   200  C  CD1 . TYR A 1 24  ? -3.033  -5.362  13.832  1.00 42.30  ? 24  TYR A CD1 1 
ATOM   201  C  CD2 . TYR A 1 24  ? -3.164  -4.236  11.702  1.00 16.92  ? 24  TYR A CD2 1 
ATOM   202  C  CE1 . TYR A 1 24  ? -4.422  -5.432  13.878  1.00 61.15  ? 24  TYR A CE1 1 
ATOM   203  C  CE2 . TYR A 1 24  ? -4.555  -4.265  11.755  1.00 26.85  ? 24  TYR A CE2 1 
ATOM   204  C  CZ  . TYR A 1 24  ? -5.183  -4.868  12.848  1.00 45.17  ? 24  TYR A CZ  1 
ATOM   205  O  OH  . TYR A 1 24  ? -6.563  -4.945  12.896  1.00 55.83  ? 24  TYR A OH  1 
ATOM   206  N  N   . TYR A 1 25  ? 1.592   -5.469  14.268  1.00 14.78  ? 25  TYR A N   1 
ATOM   207  C  CA  . TYR A 1 25  ? 3.046   -5.691  14.130  1.00 11.89  ? 25  TYR A CA  1 
ATOM   208  C  C   . TYR A 1 25  ? 3.473   -5.745  12.662  1.00 12.67  ? 25  TYR A C   1 
ATOM   209  O  O   . TYR A 1 25  ? 2.975   -6.562  11.872  1.00 12.67  ? 25  TYR A O   1 
ATOM   210  C  CB  . TYR A 1 25  ? 3.432   -6.994  14.827  1.00 21.68  ? 25  TYR A CB  1 
ATOM   211  C  CG  . TYR A 1 25  ? 3.284   -6.884  16.292  1.00 26.86  ? 25  TYR A CG  1 
ATOM   212  C  CD1 . TYR A 1 25  ? 4.056   -5.963  17.001  1.00 22.30  ? 25  TYR A CD1 1 
ATOM   213  C  CD2 . TYR A 1 25  ? 2.385   -7.707  16.977  1.00 21.81  ? 25  TYR A CD2 1 
ATOM   214  C  CE1 . TYR A 1 25  ? 3.975   -5.912  18.396  1.00 26.51  ? 25  TYR A CE1 1 
ATOM   215  C  CE2 . TYR A 1 25  ? 2.256   -7.622  18.364  1.00 15.75  ? 25  TYR A CE2 1 
ATOM   216  C  CZ  . TYR A 1 25  ? 3.032   -6.694  19.071  1.00 30.80  ? 25  TYR A CZ  1 
ATOM   217  O  OH  . TYR A 1 25  ? 2.958   -6.686  20.435  1.00 31.70  ? 25  TYR A OH  1 
ATOM   218  N  N   . THR A 1 26  ? 4.436   -4.891  12.393  1.00 14.64  ? 26  THR A N   1 
ATOM   219  C  CA  . THR A 1 26  ? 4.970   -4.686  11.093  1.00 13.64  ? 26  THR A CA  1 
ATOM   220  C  C   . THR A 1 26  ? 6.475   -4.570  11.215  1.00 15.77  ? 26  THR A C   1 
ATOM   221  O  O   . THR A 1 26  ? 7.046   -4.379  12.298  1.00 16.45  ? 26  THR A O   1 
ATOM   222  C  CB  . THR A 1 26  ? 4.362   -3.309  10.600  1.00 18.16  ? 26  THR A CB  1 
ATOM   223  O  OG1 . THR A 1 26  ? 2.961   -3.362  10.646  1.00 14.01  ? 26  THR A OG1 1 
ATOM   224  C  CG2 . THR A 1 26  ? 4.795   -2.867  9.209   1.00 7.45   ? 26  THR A CG2 1 
ATOM   225  N  N   . ILE A 1 27  ? 7.156   -4.617  10.057  1.00 10.68  ? 27  ILE A N   1 
ATOM   226  C  CA  . ILE A 1 27  ? 8.590   -4.403  10.069  1.00 11.79  ? 27  ILE A CA  1 
ATOM   227  C  C   . ILE A 1 27  ? 8.980   -3.893  8.686   1.00 16.33  ? 27  ILE A C   1 
ATOM   228  O  O   . ILE A 1 27  ? 8.200   -4.022  7.728   1.00 12.34  ? 27  ILE A O   1 
ATOM   229  C  CB  . ILE A 1 27  ? 9.389   -5.710  10.417  1.00 17.82  ? 27  ILE A CB  1 
ATOM   230  C  CG1 . ILE A 1 27  ? 10.880  -5.395  10.744  1.00 12.78  ? 27  ILE A CG1 1 
ATOM   231  C  CG2 . ILE A 1 27  ? 9.214   -6.672  9.214   1.00 13.61  ? 27  ILE A CG2 1 
ATOM   232  C  CD1 . ILE A 1 27  ? 11.577  -6.290  11.743  1.00 15.16  ? 27  ILE A CD1 1 
ATOM   233  N  N   . GLY A 1 28  ? 10.154  -3.327  8.583   1.00 8.12   ? 28  GLY A N   1 
ATOM   234  C  CA  . GLY A 1 28  ? 10.649  -2.918  7.291   1.00 13.55  ? 28  GLY A CA  1 
ATOM   235  C  C   . GLY A 1 28  ? 9.953   -1.731  6.668   1.00 13.61  ? 28  GLY A C   1 
ATOM   236  O  O   . GLY A 1 28  ? 9.769   -0.708  7.314   1.00 13.25  ? 28  GLY A O   1 
ATOM   237  N  N   . ILE A 1 29  ? 9.609   -1.913  5.406   1.00 15.39  ? 29  ILE A N   1 
ATOM   238  C  CA  . ILE A 1 29  ? 8.885   -0.920  4.642   1.00 13.32  ? 29  ILE A CA  1 
ATOM   239  C  C   . ILE A 1 29  ? 7.415   -1.318  4.519   1.00 8.41   ? 29  ILE A C   1 
ATOM   240  O  O   . ILE A 1 29  ? 6.896   -1.747  3.477   1.00 12.11  ? 29  ILE A O   1 
ATOM   241  C  CB  . ILE A 1 29  ? 9.529   -0.611  3.289   1.00 15.34  ? 29  ILE A CB  1 
ATOM   242  C  CG1 . ILE A 1 29  ? 10.992  -0.197  3.506   1.00 18.82  ? 29  ILE A CG1 1 
ATOM   243  C  CG2 . ILE A 1 29  ? 8.764   0.525   2.613   1.00 18.29  ? 29  ILE A CG2 1 
ATOM   244  C  CD1 . ILE A 1 29  ? 11.906  -0.473  2.321   1.00 20.07  ? 29  ILE A CD1 1 
ATOM   245  N  N   . GLY A 1 30  ? 6.736   -1.179  5.657   1.00 10.42  ? 30  GLY A N   1 
ATOM   246  C  CA  . GLY A 1 30  ? 5.348   -1.462  5.759   1.00 6.51   ? 30  GLY A CA  1 
ATOM   247  C  C   . GLY A 1 30  ? 4.988   -2.924  5.566   1.00 14.60  ? 30  GLY A C   1 
ATOM   248  O  O   . GLY A 1 30  ? 3.893   -3.223  5.139   1.00 17.64  ? 30  GLY A O   1 
ATOM   249  N  N   . HIS A 1 31  ? 5.857   -3.840  5.925   1.00 9.22   ? 31  HIS A N   1 
ATOM   250  C  CA  . HIS A 1 31  ? 5.473   -5.252  5.756   1.00 4.34   ? 31  HIS A CA  1 
ATOM   251  C  C   . HIS A 1 31  ? 4.706   -5.774  6.984   1.00 2.68   ? 31  HIS A C   1 
ATOM   252  O  O   . HIS A 1 31  ? 5.298   -6.020  8.033   1.00 11.33  ? 31  HIS A O   1 
ATOM   253  C  CB  . HIS A 1 31  ? 6.779   -6.075  5.567   1.00 8.73   ? 31  HIS A CB  1 
ATOM   254  C  CG  . HIS A 1 31  ? 6.465   -7.527  5.402   1.00 11.58  ? 31  HIS A CG  1 
ATOM   255  N  ND1 . HIS A 1 31  ? 6.120   -8.047  4.157   1.00 9.16   ? 31  HIS A ND1 1 
ATOM   256  C  CD2 . HIS A 1 31  ? 6.405   -8.564  6.313   1.00 16.08  ? 31  HIS A CD2 1 
ATOM   257  C  CE1 . HIS A 1 31  ? 5.824   -9.336  4.314   1.00 5.87   ? 31  HIS A CE1 1 
ATOM   258  N  NE2 . HIS A 1 31  ? 6.001   -9.700  5.602   1.00 12.34  ? 31  HIS A NE2 1 
ATOM   259  N  N   . LEU A 1 32  ? 3.373   -5.974  6.849   1.00 10.75  ? 32  LEU A N   1 
ATOM   260  C  CA  . LEU A 1 32  ? 2.573   -6.455  7.946   1.00 12.57  ? 32  LEU A CA  1 
ATOM   261  C  C   . LEU A 1 32  ? 2.945   -7.851  8.367   1.00 13.63  ? 32  LEU A C   1 
ATOM   262  O  O   . LEU A 1 32  ? 3.079   -8.753  7.564   1.00 20.40  ? 32  LEU A O   1 
ATOM   263  C  CB  . LEU A 1 32  ? 1.111   -6.440  7.521   1.00 13.25  ? 32  LEU A CB  1 
ATOM   264  C  CG  . LEU A 1 32  ? 0.249   -7.094  8.593   1.00 41.19  ? 32  LEU A CG  1 
ATOM   265  C  CD1 . LEU A 1 32  ? 0.270   -6.240  9.853   1.00 18.88  ? 32  LEU A CD1 1 
ATOM   266  C  CD2 . LEU A 1 32  ? -1.181  -7.202  8.097   1.00 26.97  ? 32  LEU A CD2 1 
ATOM   267  N  N   . LEU A 1 33  ? 3.182   -8.073  9.620   1.00 14.26  ? 33  LEU A N   1 
ATOM   268  C  CA  . LEU A 1 33  ? 3.554   -9.412  9.969   1.00 15.97  ? 33  LEU A CA  1 
ATOM   269  C  C   . LEU A 1 33  ? 2.360   -10.206 10.392  1.00 24.95  ? 33  LEU A C   1 
ATOM   270  O  O   . LEU A 1 33  ? 2.202   -11.359 9.999   1.00 15.00  ? 33  LEU A O   1 
ATOM   271  C  CB  . LEU A 1 33  ? 4.574   -9.446  11.118  1.00 14.87  ? 33  LEU A CB  1 
ATOM   272  C  CG  . LEU A 1 33  ? 5.875   -8.848  10.672  1.00 23.26  ? 33  LEU A CG  1 
ATOM   273  C  CD1 . LEU A 1 33  ? 6.674   -8.522  11.894  1.00 13.08  ? 33  LEU A CD1 1 
ATOM   274  C  CD2 . LEU A 1 33  ? 6.603   -9.912  9.879   1.00 7.94   ? 33  LEU A CD2 1 
ATOM   275  N  N   . THR A 1 34  ? 1.555   -9.595  11.236  1.00 16.73  ? 34  THR A N   1 
ATOM   276  C  CA  . THR A 1 34  ? 0.397   -10.270 11.764  1.00 25.88  ? 34  THR A CA  1 
ATOM   277  C  C   . THR A 1 34  ? -0.585  -9.327  12.399  1.00 22.94  ? 34  THR A C   1 
ATOM   278  O  O   . THR A 1 34  ? -0.212  -8.292  12.950  1.00 20.61  ? 34  THR A O   1 
ATOM   279  C  CB  . THR A 1 34  ? 0.755   -11.358 12.844  1.00 24.32  ? 34  THR A CB  1 
ATOM   280  O  OG1 . THR A 1 34  ? -0.419  -12.037 13.217  1.00 29.87  ? 34  THR A OG1 1 
ATOM   281  C  CG2 . THR A 1 34  ? 1.399   -10.833 14.126  1.00 15.29  ? 34  THR A CG2 1 
ATOM   282  N  N   . LYS A 1 35  ? -1.852  -9.722  12.342  1.00 20.73  ? 35  LYS A N   1 
ATOM   283  C  CA  . LYS A 1 35  ? -2.865  -8.915  13.020  1.00 24.41  ? 35  LYS A CA  1 
ATOM   284  C  C   . LYS A 1 35  ? -3.038  -9.370  14.443  1.00 47.47  ? 35  LYS A C   1 
ATOM   285  O  O   . LYS A 1 35  ? -3.706  -8.746  15.239  1.00 31.91  ? 35  LYS A O   1 
ATOM   286  C  CB  . LYS A 1 35  ? -4.197  -8.867  12.351  1.00 26.26  ? 35  LYS A CB  1 
ATOM   287  C  CG  . LYS A 1 35  ? -4.084  -8.006  11.114  1.00 35.27  ? 35  LYS A CG  1 
ATOM   288  C  CD  . LYS A 1 35  ? -5.178  -8.247  10.113  1.00 38.81  ? 35  LYS A CD  1 
ATOM   289  C  CE  . LYS A 1 35  ? -5.271  -7.166  9.046   1.00 42.88  ? 35  LYS A CE  1 
ATOM   290  N  NZ  . LYS A 1 35  ? -6.463  -7.363  8.174   1.00 100.00 ? 35  LYS A NZ  1 
ATOM   291  N  N   . SER A 1 36  ? -2.403  -10.466 14.748  1.00 24.31  ? 36  SER A N   1 
ATOM   292  C  CA  . SER A 1 36  ? -2.426  -11.017 16.069  1.00 36.48  ? 36  SER A CA  1 
ATOM   293  C  C   . SER A 1 36  ? -1.733  -10.070 17.034  1.00 20.76  ? 36  SER A C   1 
ATOM   294  O  O   . SER A 1 36  ? -0.714  -9.378  16.764  1.00 24.18  ? 36  SER A O   1 
ATOM   295  C  CB  . SER A 1 36  ? -1.874  -12.441 16.128  1.00 48.19  ? 36  SER A CB  1 
ATOM   296  O  OG  . SER A 1 36  ? -1.414  -12.763 17.430  1.00 42.21  ? 36  SER A OG  1 
ATOM   297  N  N   . PRO A 1 37  ? -2.308  -10.071 18.212  1.00 35.38  ? 37  PRO A N   1 
ATOM   298  C  CA  . PRO A 1 37  ? -1.855  -9.244  19.286  1.00 36.05  ? 37  PRO A CA  1 
ATOM   299  C  C   . PRO A 1 37  ? -0.596  -9.746  19.957  1.00 43.20  ? 37  PRO A C   1 
ATOM   300  O  O   . PRO A 1 37  ? -0.073  -9.046  20.791  1.00 38.58  ? 37  PRO A O   1 
ATOM   301  C  CB  . PRO A 1 37  ? -2.993  -9.167  20.289  1.00 25.38  ? 37  PRO A CB  1 
ATOM   302  C  CG  . PRO A 1 37  ? -4.129  -9.993  19.736  1.00 38.30  ? 37  PRO A CG  1 
ATOM   303  C  CD  . PRO A 1 37  ? -3.691  -10.548 18.399  1.00 30.36  ? 37  PRO A CD  1 
ATOM   304  N  N   . SER A 1 38  ? -0.108  -10.929 19.595  1.00 45.08  ? 38  SER A N   1 
ATOM   305  C  CA  . SER A 1 38  ? 1.089   -11.511 20.210  1.00 40.92  ? 38  SER A CA  1 
ATOM   306  C  C   . SER A 1 38  ? 2.377   -11.186 19.489  1.00 31.06  ? 38  SER A C   1 
ATOM   307  O  O   . SER A 1 38  ? 2.493   -11.439 18.277  1.00 25.97  ? 38  SER A O   1 
ATOM   308  C  CB  . SER A 1 38  ? 0.991   -13.041 20.325  1.00 28.08  ? 38  SER A CB  1 
ATOM   309  O  OG  . SER A 1 38  ? 2.282   -13.535 20.659  1.00 100.00 ? 38  SER A OG  1 
ATOM   310  N  N   . LEU A 1 39  ? 3.369   -10.705 20.262  1.00 20.26  ? 39  LEU A N   1 
ATOM   311  C  CA  . LEU A 1 39  ? 4.664   -10.387 19.720  1.00 32.74  ? 39  LEU A CA  1 
ATOM   312  C  C   . LEU A 1 39  ? 5.413   -11.637 19.274  1.00 25.99  ? 39  LEU A C   1 
ATOM   313  O  O   . LEU A 1 39  ? 6.201   -11.652 18.329  1.00 28.68  ? 39  LEU A O   1 
ATOM   314  C  CB  . LEU A 1 39  ? 5.473   -9.524  20.695  1.00 22.18  ? 39  LEU A CB  1 
ATOM   315  C  CG  . LEU A 1 39  ? 6.863   -9.209  20.184  1.00 75.03  ? 39  LEU A CG  1 
ATOM   316  C  CD1 . LEU A 1 39  ? 6.748   -8.408  18.879  1.00 20.88  ? 39  LEU A CD1 1 
ATOM   317  C  CD2 . LEU A 1 39  ? 7.604   -8.420  21.262  1.00 19.90  ? 39  LEU A CD2 1 
ATOM   318  N  N   . ASN A 1 40  ? 5.120   -12.717 19.956  1.00 27.91  ? 40  ASN A N   1 
ATOM   319  C  CA  . ASN A 1 40  ? 5.759   -13.982 19.638  1.00 35.78  ? 40  ASN A CA  1 
ATOM   320  C  C   . ASN A 1 40  ? 5.287   -14.485 18.335  1.00 12.86  ? 40  ASN A C   1 
ATOM   321  O  O   . ASN A 1 40  ? 6.056   -14.960 17.552  1.00 27.71  ? 40  ASN A O   1 
ATOM   322  C  CB  . ASN A 1 40  ? 5.488   -15.038 20.710  1.00 33.36  ? 40  ASN A CB  1 
ATOM   323  C  CG  . ASN A 1 40  ? 6.044   -14.555 22.021  1.00 100.00 ? 40  ASN A CG  1 
ATOM   324  O  OD1 . ASN A 1 40  ? 7.269   -14.365 22.136  1.00 47.29  ? 40  ASN A OD1 1 
ATOM   325  N  ND2 . ASN A 1 40  ? 5.137   -14.253 22.963  1.00 100.00 ? 40  ASN A ND2 1 
ATOM   326  N  N   . ALA A 1 41  ? 3.984   -14.360 18.134  1.00 22.33  ? 41  ALA A N   1 
ATOM   327  C  CA  . ALA A 1 41  ? 3.416   -14.751 16.877  1.00 20.64  ? 41  ALA A CA  1 
ATOM   328  C  C   . ALA A 1 41  ? 4.053   -13.910 15.781  1.00 24.25  ? 41  ALA A C   1 
ATOM   329  O  O   . ALA A 1 41  ? 4.367   -14.423 14.712  1.00 22.03  ? 41  ALA A O   1 
ATOM   330  C  CB  . ALA A 1 41  ? 1.920   -14.605 16.900  1.00 13.41  ? 41  ALA A CB  1 
ATOM   331  N  N   . ALA A 1 42  ? 4.306   -12.632 16.093  1.00 16.60  ? 42  ALA A N   1 
ATOM   332  C  CA  . ALA A 1 42  ? 4.912   -11.720 15.165  1.00 15.99  ? 42  ALA A CA  1 
ATOM   333  C  C   . ALA A 1 42  ? 6.323   -12.090 14.903  1.00 12.68  ? 42  ALA A C   1 
ATOM   334  O  O   . ALA A 1 42  ? 6.780   -12.029 13.743  1.00 20.29  ? 42  ALA A O   1 
ATOM   335  C  CB  . ALA A 1 42  ? 4.849   -10.304 15.688  1.00 19.25  ? 42  ALA A CB  1 
ATOM   336  N  N   . LYS A 1 43  ? 7.050   -12.489 15.937  1.00 14.27  ? 43  LYS A N   1 
ATOM   337  C  CA  . LYS A 1 43  ? 8.449   -12.890 15.750  1.00 14.37  ? 43  LYS A CA  1 
ATOM   338  C  C   . LYS A 1 43  ? 8.570   -14.199 14.988  1.00 11.03  ? 43  LYS A C   1 
ATOM   339  O  O   . LYS A 1 43  ? 9.476   -14.389 14.194  1.00 22.23  ? 43  LYS A O   1 
ATOM   340  C  CB  . LYS A 1 43  ? 9.155   -13.075 17.057  1.00 14.85  ? 43  LYS A CB  1 
ATOM   341  C  CG  . LYS A 1 43  ? 9.546   -11.770 17.678  1.00 30.06  ? 43  LYS A CG  1 
ATOM   342  C  CD  . LYS A 1 43  ? 9.911   -11.968 19.145  1.00 36.77  ? 43  LYS A CD  1 
ATOM   343  C  CE  . LYS A 1 43  ? 10.662  -10.797 19.772  1.00 52.01  ? 43  LYS A CE  1 
ATOM   344  N  NZ  . LYS A 1 43  ? 11.921  -11.203 20.423  1.00 100.00 ? 43  LYS A NZ  1 
ATOM   345  N  N   . SER A 1 44  ? 7.582   -15.050 15.131  1.00 14.93  ? 44  SER A N   1 
ATOM   346  C  CA  . SER A 1 44  ? 7.561   -16.320 14.394  1.00 15.27  ? 44  SER A CA  1 
ATOM   347  C  C   . SER A 1 44  ? 7.356   -16.086 12.912  1.00 14.36  ? 44  SER A C   1 
ATOM   348  O  O   . SER A 1 44  ? 7.995   -16.722 12.090  1.00 19.20  ? 44  SER A O   1 
ATOM   349  C  CB  . SER A 1 44  ? 6.400   -17.200 14.857  1.00 20.04  ? 44  SER A CB  1 
ATOM   350  O  OG  . SER A 1 44  ? 6.867   -18.300 15.554  1.00 61.44  ? 44  SER A OG  1 
ATOM   351  N  N   . GLU A 1 45  ? 6.389   -15.219 12.610  1.00 12.73  ? 45  GLU A N   1 
ATOM   352  C  CA  . GLU A 1 45  ? 6.043   -14.857 11.249  1.00 9.08   ? 45  GLU A CA  1 
ATOM   353  C  C   . GLU A 1 45  ? 7.252   -14.186 10.662  1.00 14.98  ? 45  GLU A C   1 
ATOM   354  O  O   . GLU A 1 45  ? 7.620   -14.456 9.548   1.00 13.95  ? 45  GLU A O   1 
ATOM   355  C  CB  . GLU A 1 45  ? 4.903   -13.806 11.223  1.00 12.17  ? 45  GLU A CB  1 
ATOM   356  C  CG  . GLU A 1 45  ? 3.514   -14.412 11.433  1.00 15.54  ? 45  GLU A CG  1 
ATOM   357  C  CD  . GLU A 1 45  ? 3.205   -15.456 10.372  1.00 23.79  ? 45  GLU A CD  1 
ATOM   358  O  OE1 . GLU A 1 45  ? 3.295   -15.285 9.170   1.00 25.06  ? 45  GLU A OE1 1 
ATOM   359  O  OE2 . GLU A 1 45  ? 2.702   -16.543 10.848  1.00 21.96  ? 45  GLU A OE2 1 
ATOM   360  N  N   . LEU A 1 46  ? 7.933   -13.344 11.445  1.00 10.70  ? 46  LEU A N   1 
ATOM   361  C  CA  . LEU A 1 46  ? 9.126   -12.732 10.896  1.00 11.72  ? 46  LEU A CA  1 
ATOM   362  C  C   . LEU A 1 46  ? 10.221  -13.748 10.472  1.00 16.66  ? 46  LEU A C   1 
ATOM   363  O  O   . LEU A 1 46  ? 10.823  -13.701 9.386   1.00 16.15  ? 46  LEU A O   1 
ATOM   364  C  CB  . LEU A 1 46  ? 9.725   -11.716 11.902  1.00 11.61  ? 46  LEU A CB  1 
ATOM   365  C  CG  . LEU A 1 46  ? 10.985  -11.019 11.381  1.00 17.63  ? 46  LEU A CG  1 
ATOM   366  C  CD1 . LEU A 1 46  ? 10.700  -10.319 10.042  1.00 13.06  ? 46  LEU A CD1 1 
ATOM   367  C  CD2 . LEU A 1 46  ? 11.448  -9.979  12.425  1.00 20.34  ? 46  LEU A CD2 1 
ATOM   368  N  N   . ASP A 1 47  ? 10.511  -14.688 11.359  1.00 11.61  ? 47  ASP A N   1 
ATOM   369  C  CA  . ASP A 1 47  ? 11.550  -15.650 11.099  1.00 19.13  ? 47  ASP A CA  1 
ATOM   370  C  C   . ASP A 1 47  ? 11.272  -16.507 9.885   1.00 14.21  ? 47  ASP A C   1 
ATOM   371  O  O   . ASP A 1 47  ? 12.169  -16.844 9.095   1.00 16.97  ? 47  ASP A O   1 
ATOM   372  C  CB  . ASP A 1 47  ? 11.751  -16.495 12.364  1.00 17.07  ? 47  ASP A CB  1 
ATOM   373  C  CG  . ASP A 1 47  ? 12.430  -15.750 13.509  1.00 24.89  ? 47  ASP A CG  1 
ATOM   374  O  OD1 . ASP A 1 47  ? 13.054  -14.706 13.448  1.00 21.46  ? 47  ASP A OD1 1 
ATOM   375  O  OD2 . ASP A 1 47  ? 12.298  -16.396 14.607  1.00 27.23  ? 47  ASP A OD2 1 
ATOM   376  N  N   . LYS A 1 48  ? 9.999   -16.842 9.747   1.00 13.57  ? 48  LYS A N   1 
ATOM   377  C  CA  . LYS A 1 48  ? 9.492   -17.609 8.641   1.00 15.92  ? 48  LYS A CA  1 
ATOM   378  C  C   . LYS A 1 48  ? 9.627   -16.808 7.311   1.00 16.57  ? 48  LYS A C   1 
ATOM   379  O  O   . LYS A 1 48  ? 10.001  -17.320 6.264   1.00 13.09  ? 48  LYS A O   1 
ATOM   380  C  CB  . LYS A 1 48  ? 8.029   -17.926 8.990   1.00 18.83  ? 48  LYS A CB  1 
ATOM   381  C  CG  . LYS A 1 48  ? 7.199   -18.534 7.862   1.00 9.48   ? 48  LYS A CG  1 
ATOM   382  C  CD  . LYS A 1 48  ? 5.905   -19.243 8.306   1.00 16.54  ? 48  LYS A CD  1 
ATOM   383  C  CE  . LYS A 1 48  ? 4.816   -18.361 8.850   1.00 14.91  ? 48  LYS A CE  1 
ATOM   384  N  NZ  . LYS A 1 48  ? 4.169   -17.607 7.764   1.00 11.65  ? 48  LYS A NZ  1 
ATOM   385  N  N   . ALA A 1 49  ? 9.393   -15.513 7.353   1.00 19.95  ? 49  ALA A N   1 
ATOM   386  C  CA  . ALA A 1 49  ? 9.514   -14.704 6.147   1.00 26.20  ? 49  ALA A CA  1 
ATOM   387  C  C   . ALA A 1 49  ? 10.961  -14.465 5.749   1.00 18.47  ? 49  ALA A C   1 
ATOM   388  O  O   . ALA A 1 49  ? 11.257  -14.389 4.584   1.00 13.21  ? 49  ALA A O   1 
ATOM   389  C  CB  . ALA A 1 49  ? 8.781   -13.375 6.314   1.00 11.79  ? 49  ALA A CB  1 
ATOM   390  N  N   . ILE A 1 50  ? 11.863  -14.385 6.721   1.00 18.44  ? 50  ILE A N   1 
ATOM   391  C  CA  . ILE A 1 50  ? 13.262  -14.114 6.461   1.00 19.05  ? 50  ILE A CA  1 
ATOM   392  C  C   . ILE A 1 50  ? 14.034  -15.382 6.289   1.00 16.71  ? 50  ILE A C   1 
ATOM   393  O  O   . ILE A 1 50  ? 15.030  -15.409 5.610   1.00 23.44  ? 50  ILE A O   1 
ATOM   394  C  CB  . ILE A 1 50  ? 13.858  -13.315 7.625   1.00 20.02  ? 50  ILE A CB  1 
ATOM   395  C  CG1 . ILE A 1 50  ? 13.126  -11.984 7.694   1.00 25.25  ? 50  ILE A CG1 1 
ATOM   396  C  CG2 . ILE A 1 50  ? 15.362  -13.105 7.485   1.00 18.23  ? 50  ILE A CG2 1 
ATOM   397  C  CD1 . ILE A 1 50  ? 13.125  -11.263 6.350   1.00 19.08  ? 50  ILE A CD1 1 
ATOM   398  N  N   . GLY A 1 51  ? 13.570  -16.440 6.898   1.00 15.25  ? 51  GLY A N   1 
ATOM   399  C  CA  . GLY A 1 51  ? 14.303  -17.704 6.777   1.00 15.17  ? 51  GLY A CA  1 
ATOM   400  C  C   . GLY A 1 51  ? 15.492  -17.816 7.787   1.00 21.34  ? 51  GLY A C   1 
ATOM   401  O  O   . GLY A 1 51  ? 16.534  -18.416 7.494   1.00 28.87  ? 51  GLY A O   1 
ATOM   402  N  N   . ARG A 1 52  ? 15.353  -17.215 8.974   1.00 30.24  ? 52  ARG A N   1 
ATOM   403  C  CA  . ARG A 1 52  ? 16.374  -17.307 10.002  1.00 16.33  ? 52  ARG A CA  1 
ATOM   404  C  C   . ARG A 1 52  ? 15.804  -16.816 11.264  1.00 37.56  ? 52  ARG A C   1 
ATOM   405  O  O   . ARG A 1 52  ? 14.723  -16.245 11.280  1.00 20.23  ? 52  ARG A O   1 
ATOM   406  C  CB  . ARG A 1 52  ? 17.648  -16.543 9.700   1.00 21.02  ? 52  ARG A CB  1 
ATOM   407  C  CG  . ARG A 1 52  ? 17.589  -15.022 9.915   1.00 24.24  ? 52  ARG A CG  1 
ATOM   408  C  CD  . ARG A 1 52  ? 18.760  -14.333 9.224   1.00 19.50  ? 52  ARG A CD  1 
ATOM   409  N  NE  . ARG A 1 52  ? 18.701  -12.877 9.251   1.00 17.72  ? 52  ARG A NE  1 
ATOM   410  C  CZ  . ARG A 1 52  ? 18.764  -12.213 10.388  1.00 28.51  ? 52  ARG A CZ  1 
ATOM   411  N  NH1 . ARG A 1 52  ? 18.889  -12.865 11.532  1.00 31.25  ? 52  ARG A NH1 1 
ATOM   412  N  NH2 . ARG A 1 52  ? 18.720  -10.887 10.390  1.00 34.30  ? 52  ARG A NH2 1 
ATOM   413  N  N   . ASN A 1 53  ? 16.557  -17.059 12.297  1.00 26.24  ? 53  ASN A N   1 
ATOM   414  C  CA  . ASN A 1 53  ? 16.210  -16.628 13.623  1.00 20.66  ? 53  ASN A CA  1 
ATOM   415  C  C   . ASN A 1 53  ? 16.621  -15.190 13.721  1.00 13.16  ? 53  ASN A C   1 
ATOM   416  O  O   . ASN A 1 53  ? 17.810  -14.895 13.788  1.00 35.37  ? 53  ASN A O   1 
ATOM   417  C  CB  . ASN A 1 53  ? 16.995  -17.453 14.654  1.00 42.52  ? 53  ASN A CB  1 
ATOM   418  C  CG  . ASN A 1 53  ? 16.057  -18.067 15.652  1.00 100.00 ? 53  ASN A CG  1 
ATOM   419  O  OD1 . ASN A 1 53  ? 15.589  -19.200 15.461  1.00 100.00 ? 53  ASN A OD1 1 
ATOM   420  N  ND2 . ASN A 1 53  ? 15.719  -17.277 16.669  1.00 46.12  ? 53  ASN A ND2 1 
ATOM   421  N  N   . THR A 1 54  ? 15.646  -14.287 13.624  1.00 27.59  ? 54  THR A N   1 
ATOM   422  C  CA  . THR A 1 54  ? 15.947  -12.863 13.571  1.00 19.47  ? 54  THR A CA  1 
ATOM   423  C  C   . THR A 1 54  ? 16.023  -12.165 14.904  1.00 22.47  ? 54  THR A C   1 
ATOM   424  O  O   . THR A 1 54  ? 16.780  -11.200 15.077  1.00 45.71  ? 54  THR A O   1 
ATOM   425  C  CB  . THR A 1 54  ? 14.895  -12.108 12.727  1.00 14.56  ? 54  THR A CB  1 
ATOM   426  O  OG1 . THR A 1 54  ? 13.618  -12.201 13.393  1.00 17.54  ? 54  THR A OG1 1 
ATOM   427  C  CG2 . THR A 1 54  ? 14.819  -12.715 11.309  1.00 23.97  ? 54  THR A CG2 1 
ATOM   428  N  N   . ASN A 1 55  ? 15.171  -12.605 15.792  1.00 28.93  ? 55  ASN A N   1 
ATOM   429  C  CA  . ASN A 1 55  ? 15.112  -12.003 17.087  1.00 34.43  ? 55  ASN A CA  1 
ATOM   430  C  C   . ASN A 1 55  ? 14.456  -10.628 16.983  1.00 34.74  ? 55  ASN A C   1 
ATOM   431  O  O   . ASN A 1 55  ? 14.717  -9.733  17.793  1.00 44.60  ? 55  ASN A O   1 
ATOM   432  C  CB  . ASN A 1 55  ? 16.516  -11.949 17.746  1.00 41.80  ? 55  ASN A CB  1 
ATOM   433  C  CG  . ASN A 1 55  ? 16.536  -11.599 19.238  1.00 100.00 ? 55  ASN A CG  1 
ATOM   434  O  OD1 . ASN A 1 55  ? 15.609  -11.956 20.014  1.00 58.73  ? 55  ASN A OD1 1 
ATOM   435  N  ND2 . ASN A 1 55  ? 17.608  -10.900 19.637  1.00 100.00 ? 55  ASN A ND2 1 
ATOM   436  N  N   . GLY A 1 56  ? 13.594  -10.470 15.970  1.00 25.62  ? 56  GLY A N   1 
ATOM   437  C  CA  . GLY A 1 56  ? 12.828  -9.216  15.763  1.00 19.86  ? 56  GLY A CA  1 
ATOM   438  C  C   . GLY A 1 56  ? 13.568  -8.092  15.097  1.00 17.74  ? 56  GLY A C   1 
ATOM   439  O  O   . GLY A 1 56  ? 13.077  -6.986  15.056  1.00 22.12  ? 56  GLY A O   1 
ATOM   440  N  N   . VAL A 1 57  ? 14.747  -8.367  14.575  1.00 18.06  ? 57  VAL A N   1 
ATOM   441  C  CA  . VAL A 1 57  ? 15.532  -7.343  13.891  1.00 8.80   ? 57  VAL A CA  1 
ATOM   442  C  C   . VAL A 1 57  ? 16.025  -7.857  12.549  1.00 29.33  ? 57  VAL A C   1 
ATOM   443  O  O   . VAL A 1 57  ? 16.440  -8.988  12.431  1.00 15.90  ? 57  VAL A O   1 
ATOM   444  C  CB  . VAL A 1 57  ? 16.745  -7.101  14.761  1.00 23.23  ? 57  VAL A CB  1 
ATOM   445  C  CG1 . VAL A 1 57  ? 17.529  -5.935  14.185  1.00 18.25  ? 57  VAL A CG1 1 
ATOM   446  C  CG2 . VAL A 1 57  ? 16.249  -6.757  16.162  1.00 44.42  ? 57  VAL A CG2 1 
ATOM   447  N  N   . ILE A 1 58  ? 16.032  -7.038  11.517  1.00 22.42  ? 58  ILE A N   1 
ATOM   448  C  CA  . ILE A 1 58  ? 16.463  -7.474  10.202  1.00 11.40  ? 58  ILE A CA  1 
ATOM   449  C  C   . ILE A 1 58  ? 17.405  -6.440  9.643   1.00 15.42  ? 58  ILE A C   1 
ATOM   450  O  O   . ILE A 1 58  ? 17.505  -5.332  10.160  1.00 19.87  ? 58  ILE A O   1 
ATOM   451  C  CB  . ILE A 1 58  ? 15.284  -7.645  9.219   1.00 17.81  ? 58  ILE A CB  1 
ATOM   452  C  CG1 . ILE A 1 58  ? 14.515  -6.325  9.031   1.00 15.53  ? 58  ILE A CG1 1 
ATOM   453  C  CG2 . ILE A 1 58  ? 14.349  -8.806  9.625   1.00 9.00   ? 58  ILE A CG2 1 
ATOM   454  C  CD1 . ILE A 1 58  ? 13.529  -6.419  7.880   1.00 13.82  ? 58  ILE A CD1 1 
ATOM   455  N  N   . THR A 1 59  ? 18.079  -6.766  8.565   1.00 16.92  ? 59  THR A N   1 
ATOM   456  C  CA  . THR A 1 59  ? 18.969  -5.790  8.034   1.00 10.70  ? 59  THR A CA  1 
ATOM   457  C  C   . THR A 1 59  ? 18.256  -5.026  6.945   1.00 25.00  ? 59  THR A C   1 
ATOM   458  O  O   . THR A 1 59  ? 17.193  -5.414  6.579   1.00 14.54  ? 59  THR A O   1 
ATOM   459  C  CB  . THR A 1 59  ? 20.126  -6.534  7.365   1.00 28.16  ? 59  THR A CB  1 
ATOM   460  O  OG1 . THR A 1 59  ? 19.618  -7.168  6.211   1.00 17.49  ? 59  THR A OG1 1 
ATOM   461  C  CG2 . THR A 1 59  ? 20.727  -7.568  8.306   1.00 23.75  ? 59  THR A CG2 1 
ATOM   462  N  N   . LYS A 1 60  ? 18.875  -3.976  6.412   1.00 20.68  ? 60  LYS A N   1 
ATOM   463  C  CA  . LYS A 1 60  ? 18.337  -3.149  5.332   1.00 19.15  ? 60  LYS A CA  1 
ATOM   464  C  C   . LYS A 1 60  ? 18.064  -3.923  4.067   1.00 16.05  ? 60  LYS A C   1 
ATOM   465  O  O   . LYS A 1 60  ? 17.032  -3.741  3.398   1.00 13.20  ? 60  LYS A O   1 
ATOM   466  C  CB  . LYS A 1 60  ? 19.305  -2.024  5.033   1.00 20.20  ? 60  LYS A CB  1 
ATOM   467  C  CG  . LYS A 1 60  ? 18.746  -1.045  4.014   1.00 30.15  ? 60  LYS A CG  1 
ATOM   468  C  CD  . LYS A 1 60  ? 18.769  0.397   4.486   1.00 39.60  ? 60  LYS A CD  1 
ATOM   469  C  CE  . LYS A 1 60  ? 18.733  1.422   3.348   1.00 100.00 ? 60  LYS A CE  1 
ATOM   470  N  NZ  . LYS A 1 60  ? 18.289  2.779   3.760   1.00 100.00 ? 60  LYS A NZ  1 
ATOM   471  N  N   . ASP A 1 61  ? 19.023  -4.805  3.746   1.00 15.84  ? 61  ASP A N   1 
ATOM   472  C  CA  . ASP A 1 61  ? 18.862  -5.655  2.595   1.00 16.25  ? 61  ASP A CA  1 
ATOM   473  C  C   . ASP A 1 61  ? 17.634  -6.567  2.744   1.00 17.11  ? 61  ASP A C   1 
ATOM   474  O  O   . ASP A 1 61  ? 16.921  -6.794  1.775   1.00 14.35  ? 61  ASP A O   1 
ATOM   475  C  CB  . ASP A 1 61  ? 20.083  -6.544  2.377   1.00 26.34  ? 61  ASP A CB  1 
ATOM   476  C  CG  . ASP A 1 61  ? 21.303  -5.748  2.038   1.00 70.61  ? 61  ASP A CG  1 
ATOM   477  O  OD1 . ASP A 1 61  ? 21.063  -4.472  1.825   1.00 58.60  ? 61  ASP A OD1 1 
ATOM   478  O  OD2 . ASP A 1 61  ? 22.400  -6.258  1.974   1.00 100.00 ? 61  ASP A OD2 1 
ATOM   479  N  N   . GLU A 1 62  ? 17.432  -7.164  3.945   1.00 15.25  ? 62  GLU A N   1 
ATOM   480  C  CA  . GLU A 1 62  ? 16.297  -8.048  4.138   1.00 10.32  ? 62  GLU A CA  1 
ATOM   481  C  C   . GLU A 1 62  ? 14.998  -7.249  4.019   1.00 10.86  ? 62  GLU A C   1 
ATOM   482  O  O   . GLU A 1 62  ? 13.993  -7.690  3.468   1.00 17.03  ? 62  GLU A O   1 
ATOM   483  C  CB  . GLU A 1 62  ? 16.405  -8.642  5.529   1.00 9.90   ? 62  GLU A CB  1 
ATOM   484  C  CG  . GLU A 1 62  ? 17.566  -9.647  5.585   1.00 16.26  ? 62  GLU A CG  1 
ATOM   485  C  CD  . GLU A 1 62  ? 17.851  -10.193 6.966   1.00 25.10  ? 62  GLU A CD  1 
ATOM   486  O  OE1 . GLU A 1 62  ? 17.612  -9.612  8.004   1.00 18.54  ? 62  GLU A OE1 1 
ATOM   487  O  OE2 . GLU A 1 62  ? 18.415  -11.350 6.920   1.00 22.16  ? 62  GLU A OE2 1 
ATOM   488  N  N   . ALA A 1 63  ? 15.036  -6.020  4.531   1.00 8.65   ? 63  ALA A N   1 
ATOM   489  C  CA  . ALA A 1 63  ? 13.870  -5.185  4.394   1.00 7.80   ? 63  ALA A CA  1 
ATOM   490  C  C   . ALA A 1 63  ? 13.531  -4.946  2.925   1.00 8.80   ? 63  ALA A C   1 
ATOM   491  O  O   . ALA A 1 63  ? 12.354  -5.009  2.533   1.00 16.90  ? 63  ALA A O   1 
ATOM   492  C  CB  . ALA A 1 63  ? 14.146  -3.833  5.043   1.00 10.44  ? 63  ALA A CB  1 
ATOM   493  N  N   . GLU A 1 64  ? 14.565  -4.624  2.129   1.00 12.61  ? 64  GLU A N   1 
ATOM   494  C  CA  . GLU A 1 64  ? 14.356  -4.287  0.748   1.00 6.75   ? 64  GLU A CA  1 
ATOM   495  C  C   . GLU A 1 64  ? 13.923  -5.480  -0.017  1.00 13.48  ? 64  GLU A C   1 
ATOM   496  O  O   . GLU A 1 64  ? 13.144  -5.406  -0.963  1.00 11.93  ? 64  GLU A O   1 
ATOM   497  C  CB  . GLU A 1 64  ? 15.605  -3.626  0.190   1.00 11.03  ? 64  GLU A CB  1 
ATOM   498  C  CG  . GLU A 1 64  ? 15.546  -2.130  0.528   1.00 20.90  ? 64  GLU A CG  1 
ATOM   499  C  CD  . GLU A 1 64  ? 16.876  -1.458  0.346   1.00 31.72  ? 64  GLU A CD  1 
ATOM   500  O  OE1 . GLU A 1 64  ? 17.871  -2.089  0.046   1.00 56.40  ? 64  GLU A OE1 1 
ATOM   501  O  OE2 . GLU A 1 64  ? 16.848  -0.161  0.585   1.00 43.63  ? 64  GLU A OE2 1 
ATOM   502  N  N   . LYS A 1 65  ? 14.292  -6.606  0.495   1.00 8.68   ? 65  LYS A N   1 
ATOM   503  C  CA  . LYS A 1 65  ? 13.872  -7.837  -0.181  1.00 9.25   ? 65  LYS A CA  1 
ATOM   504  C  C   . LYS A 1 65  ? 12.375  -8.114  0.016   1.00 19.08  ? 65  LYS A C   1 
ATOM   505  O  O   . LYS A 1 65  ? 11.642  -8.436  -0.928  1.00 11.28  ? 65  LYS A O   1 
ATOM   506  C  CB  . LYS A 1 65  ? 14.682  -9.043  0.261   1.00 10.49  ? 65  LYS A CB  1 
ATOM   507  C  CG  . LYS A 1 65  ? 14.294  -10.261 -0.556  1.00 29.02  ? 65  LYS A CG  1 
ATOM   508  C  CD  . LYS A 1 65  ? 15.269  -11.414 -0.430  1.00 53.39  ? 65  LYS A CD  1 
ATOM   509  C  CE  . LYS A 1 65  ? 15.325  -12.259 -1.688  1.00 76.87  ? 65  LYS A CE  1 
ATOM   510  N  NZ  . LYS A 1 65  ? 15.899  -13.583 -1.431  1.00 79.56  ? 65  LYS A NZ  1 
ATOM   511  N  N   . LEU A 1 66  ? 11.889  -7.915  1.240   1.00 15.71  ? 66  LEU A N   1 
ATOM   512  C  CA  . LEU A 1 66  ? 10.463  -8.055  1.531   1.00 5.21   ? 66  LEU A CA  1 
ATOM   513  C  C   . LEU A 1 66  ? 9.667   -7.071  0.720   1.00 10.35  ? 66  LEU A C   1 
ATOM   514  O  O   . LEU A 1 66  ? 8.576   -7.372  0.230   1.00 10.30  ? 66  LEU A O   1 
ATOM   515  C  CB  . LEU A 1 66  ? 10.118  -7.783  3.012   1.00 15.59  ? 66  LEU A CB  1 
ATOM   516  C  CG  . LEU A 1 66  ? 10.711  -8.845  3.942   1.00 17.57  ? 66  LEU A CG  1 
ATOM   517  C  CD1 . LEU A 1 66  ? 10.444  -8.483  5.394   1.00 17.55  ? 66  LEU A CD1 1 
ATOM   518  C  CD2 . LEU A 1 66  ? 10.086  -10.190 3.659   1.00 16.05  ? 66  LEU A CD2 1 
ATOM   519  N  N   . PHE A 1 67  ? 10.214  -5.857  0.641   1.00 8.92   ? 67  PHE A N   1 
ATOM   520  C  CA  . PHE A 1 67  ? 9.540   -4.788  -0.084  1.00 12.13  ? 67  PHE A CA  1 
ATOM   521  C  C   . PHE A 1 67  ? 9.377   -5.169  -1.538  1.00 12.12  ? 67  PHE A C   1 
ATOM   522  O  O   . PHE A 1 67  ? 8.282   -5.041  -2.104  1.00 13.19  ? 67  PHE A O   1 
ATOM   523  C  CB  . PHE A 1 67  ? 10.365  -3.521  0.097   1.00 9.22   ? 67  PHE A CB  1 
ATOM   524  C  CG  . PHE A 1 67  ? 9.797   -2.218  -0.502  1.00 13.05  ? 67  PHE A CG  1 
ATOM   525  C  CD1 . PHE A 1 67  ? 8.425   -1.936  -0.430  1.00 18.36  ? 67  PHE A CD1 1 
ATOM   526  C  CD2 . PHE A 1 67  ? 10.657  -1.249  -1.033  1.00 13.86  ? 67  PHE A CD2 1 
ATOM   527  C  CE1 . PHE A 1 67  ? 7.913   -0.741  -0.936  1.00 12.43  ? 67  PHE A CE1 1 
ATOM   528  C  CE2 . PHE A 1 67  ? 10.169  -0.023  -1.506  1.00 21.81  ? 67  PHE A CE2 1 
ATOM   529  C  CZ  . PHE A 1 67  ? 8.787   0.189   -1.493  1.00 11.76  ? 67  PHE A CZ  1 
ATOM   530  N  N   . ASN A 1 68  ? 10.453  -5.646  -2.159  1.00 11.16  ? 68  ASN A N   1 
ATOM   531  C  CA  . ASN A 1 68  ? 10.385  -6.089  -3.566  1.00 10.04  ? 68  ASN A CA  1 
ATOM   532  C  C   . ASN A 1 68  ? 9.324   -7.147  -3.706  1.00 11.30  ? 68  ASN A C   1 
ATOM   533  O  O   . ASN A 1 68  ? 8.455   -7.147  -4.617  1.00 12.79  ? 68  ASN A O   1 
ATOM   534  C  CB  . ASN A 1 68  ? 11.720  -6.666  -4.057  1.00 13.85  ? 68  ASN A CB  1 
ATOM   535  C  CG  . ASN A 1 68  ? 12.718  -5.573  -4.402  1.00 30.46  ? 68  ASN A CG  1 
ATOM   536  O  OD1 . ASN A 1 68  ? 12.343  -4.608  -5.042  1.00 31.36  ? 68  ASN A OD1 1 
ATOM   537  N  ND2 . ASN A 1 68  ? 13.981  -5.688  -3.955  1.00 34.95  ? 68  ASN A ND2 1 
ATOM   538  N  N   . GLN A 1 69  ? 9.356   -8.086  -2.768  1.00 15.13  ? 69  GLN A N   1 
ATOM   539  C  CA  . GLN A 1 69  ? 8.348   -9.121  -2.862  1.00 7.52   ? 69  GLN A CA  1 
ATOM   540  C  C   . GLN A 1 69  ? 6.968   -8.579  -2.710  1.00 13.55  ? 69  GLN A C   1 
ATOM   541  O  O   . GLN A 1 69  ? 6.073   -9.027  -3.373  1.00 9.85   ? 69  GLN A O   1 
ATOM   542  C  CB  . GLN A 1 69  ? 8.524   -10.249 -1.838  1.00 11.43  ? 69  GLN A CB  1 
ATOM   543  C  CG  . GLN A 1 69  ? 9.843   -10.984 -2.080  1.00 10.67  ? 69  GLN A CG  1 
ATOM   544  C  CD  . GLN A 1 69  ? 10.176  -11.889 -0.916  1.00 18.28  ? 69  GLN A CD  1 
ATOM   545  O  OE1 . GLN A 1 69  ? 11.116  -12.666 -1.003  1.00 18.52  ? 69  GLN A OE1 1 
ATOM   546  N  NE2 . GLN A 1 69  ? 9.419   -11.810 0.170   1.00 11.47  ? 69  GLN A NE2 1 
ATOM   547  N  N   . ASP A 1 70  ? 6.761   -7.654  -1.785  1.00 10.32  ? 70  ASP A N   1 
ATOM   548  C  CA  . ASP A 1 70  ? 5.427   -7.140  -1.573  1.00 12.73  ? 70  ASP A CA  1 
ATOM   549  C  C   . ASP A 1 70  ? 4.912   -6.303  -2.733  1.00 10.51  ? 70  ASP A C   1 
ATOM   550  O  O   . ASP A 1 70  ? 3.727   -6.309  -2.984  1.00 10.93  ? 70  ASP A O   1 
ATOM   551  C  CB  . ASP A 1 70  ? 5.373   -6.311  -0.275  1.00 11.04  ? 70  ASP A CB  1 
ATOM   552  C  CG  . ASP A 1 70  ? 5.494   -7.184  0.948   1.00 13.09  ? 70  ASP A CG  1 
ATOM   553  O  OD1 . ASP A 1 70  ? 5.245   -8.377  0.961   1.00 15.03  ? 70  ASP A OD1 1 
ATOM   554  O  OD2 . ASP A 1 70  ? 5.870   -6.497  1.994   1.00 15.81  ? 70  ASP A OD2 1 
ATOM   555  N  N   . VAL A 1 71  ? 5.778   -5.543  -3.399  1.00 11.11  ? 71  VAL A N   1 
ATOM   556  C  CA  . VAL A 1 71  ? 5.341   -4.723  -4.526  1.00 12.53  ? 71  VAL A CA  1 
ATOM   557  C  C   . VAL A 1 71  ? 4.889   -5.629  -5.658  1.00 11.48  ? 71  VAL A C   1 
ATOM   558  O  O   . VAL A 1 71  ? 3.780   -5.506  -6.225  1.00 14.38  ? 71  VAL A O   1 
ATOM   559  C  CB  . VAL A 1 71  ? 6.403   -3.714  -4.954  1.00 15.32  ? 71  VAL A CB  1 
ATOM   560  C  CG1 . VAL A 1 71  ? 5.911   -3.023  -6.266  1.00 12.06  ? 71  VAL A CG1 1 
ATOM   561  C  CG2 . VAL A 1 71  ? 6.593   -2.658  -3.854  1.00 13.11  ? 71  VAL A CG2 1 
ATOM   562  N  N   . ASP A 1 72  ? 5.747   -6.599  -5.947  1.00 9.44   ? 72  ASP A N   1 
ATOM   563  C  CA  . ASP A 1 72  ? 5.465   -7.565  -6.952  1.00 15.95  ? 72  ASP A CA  1 
ATOM   564  C  C   . ASP A 1 72  ? 4.114   -8.261  -6.679  1.00 14.73  ? 72  ASP A C   1 
ATOM   565  O  O   . ASP A 1 72  ? 3.251   -8.426  -7.535  1.00 15.30  ? 72  ASP A O   1 
ATOM   566  C  CB  . ASP A 1 72  ? 6.655   -8.555  -7.004  1.00 11.96  ? 72  ASP A CB  1 
ATOM   567  C  CG  . ASP A 1 72  ? 6.583   -9.494  -8.206  1.00 27.33  ? 72  ASP A CG  1 
ATOM   568  O  OD1 . ASP A 1 72  ? 6.060   -8.953  -9.235  1.00 49.67  ? 72  ASP A OD1 1 
ATOM   569  O  OD2 . ASP A 1 72  ? 7.008   -10.618 -8.227  1.00 29.21  ? 72  ASP A OD2 1 
ATOM   570  N  N   . ALA A 1 73  ? 3.886   -8.675  -5.443  1.00 13.57  ? 73  ALA A N   1 
ATOM   571  C  CA  . ALA A 1 73  ? 2.632   -9.350  -5.156  1.00 15.86  ? 73  ALA A CA  1 
ATOM   572  C  C   . ALA A 1 73  ? 1.418   -8.460  -5.331  1.00 22.51  ? 73  ALA A C   1 
ATOM   573  O  O   . ALA A 1 73  ? 0.325   -8.905  -5.700  1.00 17.56  ? 73  ALA A O   1 
ATOM   574  C  CB  . ALA A 1 73  ? 2.629   -9.938  -3.729  1.00 11.51  ? 73  ALA A CB  1 
ATOM   575  N  N   . ALA A 1 74  ? 1.569   -7.183  -5.008  1.00 15.11  ? 74  ALA A N   1 
ATOM   576  C  CA  . ALA A 1 74  ? 0.432   -6.270  -5.126  1.00 35.08  ? 74  ALA A CA  1 
ATOM   577  C  C   . ALA A 1 74  ? -0.011  -6.127  -6.566  1.00 16.44  ? 74  ALA A C   1 
ATOM   578  O  O   . ALA A 1 74  ? -1.205  -6.224  -6.881  1.00 19.92  ? 74  ALA A O   1 
ATOM   579  C  CB  . ALA A 1 74  ? 0.713   -4.892  -4.522  1.00 14.28  ? 74  ALA A CB  1 
ATOM   580  N  N   . VAL A 1 75  ? 0.976   -5.876  -7.401  1.00 22.40  ? 75  VAL A N   1 
ATOM   581  C  CA  . VAL A 1 75  ? 0.716   -5.721  -8.788  1.00 31.95  ? 75  VAL A CA  1 
ATOM   582  C  C   . VAL A 1 75  ? 0.042   -6.974  -9.303  1.00 29.10  ? 75  VAL A C   1 
ATOM   583  O  O   . VAL A 1 75  ? -1.008  -6.910  -9.947  1.00 22.32  ? 75  VAL A O   1 
ATOM   584  C  CB  . VAL A 1 75  ? 2.030   -5.518  -9.553  1.00 25.72  ? 75  VAL A CB  1 
ATOM   585  C  CG1 . VAL A 1 75  ? 1.734   -5.538  -11.068 1.00 27.16  ? 75  VAL A CG1 1 
ATOM   586  C  CG2 . VAL A 1 75  ? 2.545   -4.144  -9.204  1.00 25.97  ? 75  VAL A CG2 1 
ATOM   587  N  N   . ARG A 1 76  ? 0.692   -8.120  -9.035  1.00 15.34  ? 76  ARG A N   1 
ATOM   588  C  CA  . ARG A 1 76  ? 0.165   -9.384  -9.537  1.00 18.06  ? 76  ARG A CA  1 
ATOM   589  C  C   . ARG A 1 76  ? -1.263  -9.622  -9.044  1.00 29.60  ? 76  ARG A C   1 
ATOM   590  O  O   . ARG A 1 76  ? -2.150  -10.140 -9.735  1.00 22.15  ? 76  ARG A O   1 
ATOM   591  C  CB  . ARG A 1 76  ? 1.140   -10.574 -9.356  1.00 12.74  ? 76  ARG A CB  1 
ATOM   592  C  CG  . ARG A 1 76  ? 2.068   -10.780 -10.569 1.00 51.01  ? 76  ARG A CG  1 
ATOM   593  C  CD  . ARG A 1 76  ? 3.246   -11.748 -10.317 1.00 58.46  ? 76  ARG A CD  1 
ATOM   594  N  NE  . ARG A 1 76  ? 3.851   -11.511 -9.001  1.00 100.00 ? 76  ARG A NE  1 
ATOM   595  C  CZ  . ARG A 1 76  ? 3.940   -12.429 -8.007  1.00 100.00 ? 76  ARG A CZ  1 
ATOM   596  N  NH1 . ARG A 1 76  ? 3.515   -13.687 -8.169  1.00 100.00 ? 76  ARG A NH1 1 
ATOM   597  N  NH2 . ARG A 1 76  ? 4.469   -12.068 -6.814  1.00 41.58  ? 76  ARG A NH2 1 
ATOM   598  N  N   . GLY A 1 77  ? -1.520  -9.192  -7.824  1.00 16.57  ? 77  GLY A N   1 
ATOM   599  C  CA  . GLY A 1 77  ? -2.845  -9.329  -7.243  1.00 16.78  ? 77  GLY A CA  1 
ATOM   600  C  C   . GLY A 1 77  ? -3.889  -8.494  -7.951  1.00 27.64  ? 77  GLY A C   1 
ATOM   601  O  O   . GLY A 1 77  ? -5.020  -8.885  -8.087  1.00 24.43  ? 77  GLY A O   1 
ATOM   602  N  N   . ILE A 1 78  ? -3.514  -7.296  -8.346  1.00 16.27  ? 78  ILE A N   1 
ATOM   603  C  CA  . ILE A 1 78  ? -4.396  -6.422  -9.090  1.00 19.47  ? 78  ILE A CA  1 
ATOM   604  C  C   . ILE A 1 78  ? -4.740  -7.092  -10.456 1.00 20.86  ? 78  ILE A C   1 
ATOM   605  O  O   . ILE A 1 78  ? -5.902  -7.176  -10.890 1.00 22.43  ? 78  ILE A O   1 
ATOM   606  C  CB  . ILE A 1 78  ? -3.652  -5.095  -9.392  1.00 14.56  ? 78  ILE A CB  1 
ATOM   607  C  CG1 . ILE A 1 78  ? -3.668  -4.178  -8.136  1.00 10.18  ? 78  ILE A CG1 1 
ATOM   608  C  CG2 . ILE A 1 78  ? -4.329  -4.409  -10.580 1.00 15.67  ? 78  ILE A CG2 1 
ATOM   609  C  CD1 . ILE A 1 78  ? -2.844  -2.899  -8.294  1.00 13.05  ? 78  ILE A CD1 1 
ATOM   610  N  N   . LEU A 1 79  ? -3.704  -7.631  -11.114 1.00 20.58  ? 79  LEU A N   1 
ATOM   611  C  CA  . LEU A 1 79  ? -3.885  -8.238  -12.438 1.00 14.40  ? 79  LEU A CA  1 
ATOM   612  C  C   . LEU A 1 79  ? -4.694  -9.497  -12.425 1.00 31.76  ? 79  LEU A C   1 
ATOM   613  O  O   . LEU A 1 79  ? -5.198  -9.916  -13.450 1.00 31.95  ? 79  LEU A O   1 
ATOM   614  C  CB  . LEU A 1 79  ? -2.548  -8.472  -13.146 1.00 17.38  ? 79  LEU A CB  1 
ATOM   615  C  CG  . LEU A 1 79  ? -1.756  -7.172  -13.324 1.00 32.46  ? 79  LEU A CG  1 
ATOM   616  C  CD1 . LEU A 1 79  ? -0.438  -7.455  -13.989 1.00 22.88  ? 79  LEU A CD1 1 
ATOM   617  C  CD2 . LEU A 1 79  ? -2.504  -6.180  -14.205 1.00 27.31  ? 79  LEU A CD2 1 
ATOM   618  N  N   . ARG A 1 80  ? -4.811  -10.088 -11.253 1.00 28.20  ? 80  ARG A N   1 
ATOM   619  C  CA  . ARG A 1 80  ? -5.572  -11.317 -11.066 1.00 28.90  ? 80  ARG A CA  1 
ATOM   620  C  C   . ARG A 1 80  ? -6.989  -11.031 -10.615 1.00 41.00  ? 80  ARG A C   1 
ATOM   621  O  O   . ARG A 1 80  ? -7.811  -11.915 -10.546 1.00 32.42  ? 80  ARG A O   1 
ATOM   622  C  CB  . ARG A 1 80  ? -4.962  -12.202 -9.974  1.00 29.94  ? 80  ARG A CB  1 
ATOM   623  C  CG  . ARG A 1 80  ? -3.681  -12.948 -10.335 1.00 100.00 ? 80  ARG A CG  1 
ATOM   624  C  CD  . ARG A 1 80  ? -3.461  -14.182 -9.447  1.00 100.00 ? 80  ARG A CD  1 
ATOM   625  N  NE  . ARG A 1 80  ? -2.491  -13.991 -8.360  1.00 100.00 ? 80  ARG A NE  1 
ATOM   626  C  CZ  . ARG A 1 80  ? -2.789  -13.584 -7.101  1.00 100.00 ? 80  ARG A CZ  1 
ATOM   627  N  NH1 . ARG A 1 80  ? -4.042  -13.291 -6.695  1.00 100.00 ? 80  ARG A NH1 1 
ATOM   628  N  NH2 . ARG A 1 80  ? -1.784  -13.469 -6.224  1.00 100.00 ? 80  ARG A NH2 1 
ATOM   629  N  N   . ASN A 1 81  ? -7.254  -9.810  -10.202 1.00 24.33  ? 81  ASN A N   1 
ATOM   630  C  CA  . ASN A 1 81  ? -8.568  -9.465  -9.738  1.00 17.00  ? 81  ASN A CA  1 
ATOM   631  C  C   . ASN A 1 81  ? -9.440  -8.954  -10.880 1.00 45.38  ? 81  ASN A C   1 
ATOM   632  O  O   . ASN A 1 81  ? -9.119  -8.026  -11.621 1.00 23.32  ? 81  ASN A O   1 
ATOM   633  C  CB  . ASN A 1 81  ? -8.487  -8.491  -8.567  1.00 18.47  ? 81  ASN A CB  1 
ATOM   634  C  CG  . ASN A 1 81  ? -9.817  -8.315  -7.903  1.00 35.02  ? 81  ASN A CG  1 
ATOM   635  O  OD1 . ASN A 1 81  ? -10.857 -8.194  -8.567  1.00 32.46  ? 81  ASN A OD1 1 
ATOM   636  N  ND2 . ASN A 1 81  ? -9.796  -8.313  -6.581  1.00 30.28  ? 81  ASN A ND2 1 
ATOM   637  N  N   . ALA A 1 82  ? -10.566 -9.595  -11.055 1.00 27.35  ? 82  ALA A N   1 
ATOM   638  C  CA  . ALA A 1 82  ? -11.474 -9.244  -12.136 1.00 34.61  ? 82  ALA A CA  1 
ATOM   639  C  C   . ALA A 1 82  ? -12.094 -7.893  -11.970 1.00 25.16  ? 82  ALA A C   1 
ATOM   640  O  O   . ALA A 1 82  ? -12.460 -7.269  -12.958 1.00 35.43  ? 82  ALA A O   1 
ATOM   641  C  CB  . ALA A 1 82  ? -12.563 -10.277 -12.339 1.00 26.11  ? 82  ALA A CB  1 
ATOM   642  N  N   . LYS A 1 83  ? -12.227 -7.448  -10.726 1.00 21.10  ? 83  LYS A N   1 
ATOM   643  C  CA  . LYS A 1 83  ? -12.788 -6.139  -10.466 1.00 30.22  ? 83  LYS A CA  1 
ATOM   644  C  C   . LYS A 1 83  ? -11.763 -5.050  -10.726 1.00 29.12  ? 83  LYS A C   1 
ATOM   645  O  O   . LYS A 1 83  ? -12.050 -3.964  -11.181 1.00 31.23  ? 83  LYS A O   1 
ATOM   646  C  CB  . LYS A 1 83  ? -13.169 -6.012  -9.004  1.00 49.08  ? 83  LYS A CB  1 
ATOM   647  C  CG  . LYS A 1 83  ? -14.637 -6.258  -8.726  1.00 100.00 ? 83  LYS A CG  1 
ATOM   648  C  CD  . LYS A 1 83  ? -15.068 -7.619  -9.230  1.00 100.00 ? 83  LYS A CD  1 
ATOM   649  C  CE  . LYS A 1 83  ? -16.595 -7.748  -9.400  1.00 100.00 ? 83  LYS A CE  1 
ATOM   650  N  NZ  . LYS A 1 83  ? -17.126 -7.001  -10.509 1.00 100.00 ? 83  LYS A NZ  1 
ATOM   651  N  N   . LEU A 1 84  ? -10.550 -5.338  -10.342 1.00 17.91  ? 84  LEU A N   1 
ATOM   652  C  CA  . LEU A 1 84  ? -9.496  -4.357  -10.398 1.00 17.16  ? 84  LEU A CA  1 
ATOM   653  C  C   . LEU A 1 84  ? -8.818  -4.184  -11.722 1.00 15.06  ? 84  LEU A C   1 
ATOM   654  O  O   . LEU A 1 84  ? -8.558  -3.107  -12.146 1.00 13.60  ? 84  LEU A O   1 
ATOM   655  C  CB  . LEU A 1 84  ? -8.435  -4.684  -9.305  1.00 15.07  ? 84  LEU A CB  1 
ATOM   656  C  CG  . LEU A 1 84  ? -9.084  -4.734  -7.936  1.00 32.71  ? 84  LEU A CG  1 
ATOM   657  C  CD1 . LEU A 1 84  ? -8.080  -5.073  -6.839  1.00 21.37  ? 84  LEU A CD1 1 
ATOM   658  C  CD2 . LEU A 1 84  ? -9.769  -3.398  -7.634  1.00 31.01  ? 84  LEU A CD2 1 
ATOM   659  N  N   . LYS A 1 85  ? -8.475  -5.285  -12.333 1.00 15.39  ? 85  LYS A N   1 
ATOM   660  C  CA  . LYS A 1 85  ? -7.713  -5.251  -13.551 1.00 9.40   ? 85  LYS A CA  1 
ATOM   661  C  C   . LYS A 1 85  ? -8.171  -4.290  -14.634 1.00 6.74   ? 85  LYS A C   1 
ATOM   662  O  O   . LYS A 1 85  ? -7.398  -3.572  -15.248 1.00 15.13  ? 85  LYS A O   1 
ATOM   663  C  CB  . LYS A 1 85  ? -7.600  -6.665  -14.058 1.00 15.37  ? 85  LYS A CB  1 
ATOM   664  C  CG  . LYS A 1 85  ? -6.725  -6.689  -15.275 1.00 18.71  ? 85  LYS A CG  1 
ATOM   665  C  CD  . LYS A 1 85  ? -6.538  -8.060  -15.868 1.00 32.14  ? 85  LYS A CD  1 
ATOM   666  C  CE  . LYS A 1 85  ? -5.544  -8.020  -17.032 1.00 31.64  ? 85  LYS A CE  1 
ATOM   667  N  NZ  . LYS A 1 85  ? -6.084  -7.448  -18.256 1.00 100.00 ? 85  LYS A NZ  1 
ATOM   668  N  N   . PRO A 1 86  ? -9.450  -4.296  -14.912 1.00 12.05  ? 86  PRO A N   1 
ATOM   669  C  CA  . PRO A 1 86  ? -9.886  -3.435  -15.979 1.00 34.15  ? 86  PRO A CA  1 
ATOM   670  C  C   . PRO A 1 86  ? -9.681  -1.985  -15.633 1.00 17.38  ? 86  PRO A C   1 
ATOM   671  O  O   . PRO A 1 86  ? -9.454  -1.159  -16.509 1.00 13.12  ? 86  PRO A O   1 
ATOM   672  C  CB  . PRO A 1 86  ? -11.359 -3.719  -16.235 1.00 20.54  ? 86  PRO A CB  1 
ATOM   673  C  CG  . PRO A 1 86  ? -11.758 -4.833  -15.265 1.00 33.79  ? 86  PRO A CG  1 
ATOM   674  C  CD  . PRO A 1 86  ? -10.549 -5.139  -14.388 1.00 25.76  ? 86  PRO A CD  1 
ATOM   675  N  N   . VAL A 1 87  ? -9.794  -1.659  -14.357 1.00 14.11  ? 87  VAL A N   1 
ATOM   676  C  CA  . VAL A 1 87  ? -9.583  -0.269  -13.980 1.00 19.48  ? 87  VAL A CA  1 
ATOM   677  C  C   . VAL A 1 87  ? -8.121  0.103   -14.151 1.00 9.04   ? 87  VAL A C   1 
ATOM   678  O  O   . VAL A 1 87  ? -7.715  1.123   -14.712 1.00 15.66  ? 87  VAL A O   1 
ATOM   679  C  CB  . VAL A 1 87  ? -10.044 0.044   -12.515 1.00 17.25  ? 87  VAL A CB  1 
ATOM   680  C  CG1 . VAL A 1 87  ? -9.930  1.564   -12.220 1.00 13.54  ? 87  VAL A CG1 1 
ATOM   681  C  CG2 . VAL A 1 87  ? -11.463 -0.489  -12.269 1.00 19.40  ? 87  VAL A CG2 1 
ATOM   682  N  N   . TYR A 1 88  ? -7.314  -0.752  -13.605 1.00 12.60  ? 88  TYR A N   1 
ATOM   683  C  CA  . TYR A 1 88  ? -5.893  -0.550  -13.654 1.00 9.52   ? 88  TYR A CA  1 
ATOM   684  C  C   . TYR A 1 88  ? -5.425  -0.453  -15.104 1.00 13.72  ? 88  TYR A C   1 
ATOM   685  O  O   . TYR A 1 88  ? -4.592  0.385   -15.471 1.00 13.38  ? 88  TYR A O   1 
ATOM   686  C  CB  . TYR A 1 88  ? -5.292  -1.806  -12.982 1.00 10.58  ? 88  TYR A CB  1 
ATOM   687  C  CG  . TYR A 1 88  ? -3.807  -1.738  -12.846 1.00 21.19  ? 88  TYR A CG  1 
ATOM   688  C  CD1 . TYR A 1 88  ? -3.221  -1.053  -11.777 1.00 17.71  ? 88  TYR A CD1 1 
ATOM   689  C  CD2 . TYR A 1 88  ? -2.999  -2.327  -13.817 1.00 17.38  ? 88  TYR A CD2 1 
ATOM   690  C  CE1 . TYR A 1 88  ? -1.830  -0.969  -11.656 1.00 17.37  ? 88  TYR A CE1 1 
ATOM   691  C  CE2 . TYR A 1 88  ? -1.611  -2.214  -13.721 1.00 22.15  ? 88  TYR A CE2 1 
ATOM   692  C  CZ  . TYR A 1 88  ? -1.032  -1.594  -12.608 1.00 16.84  ? 88  TYR A CZ  1 
ATOM   693  O  OH  . TYR A 1 88  ? 0.333   -1.476  -12.531 1.00 16.95  ? 88  TYR A OH  1 
ATOM   694  N  N   . ASP A 1 89  ? -5.947  -1.322  -15.957 1.00 15.45  ? 89  ASP A N   1 
ATOM   695  C  CA  . ASP A 1 89  ? -5.520  -1.301  -17.376 1.00 10.66  ? 89  ASP A CA  1 
ATOM   696  C  C   . ASP A 1 89  ? -5.875  0.011   -18.028 1.00 16.39  ? 89  ASP A C   1 
ATOM   697  O  O   . ASP A 1 89  ? -5.224  0.488   -18.957 1.00 14.35  ? 89  ASP A O   1 
ATOM   698  C  CB  . ASP A 1 89  ? -6.178  -2.442  -18.158 1.00 20.50  ? 89  ASP A CB  1 
ATOM   699  C  CG  . ASP A 1 89  ? -5.416  -3.747  -18.038 1.00 18.11  ? 89  ASP A CG  1 
ATOM   700  O  OD1 . ASP A 1 89  ? -4.266  -3.672  -17.382 1.00 21.12  ? 89  ASP A OD1 1 
ATOM   701  O  OD2 . ASP A 1 89  ? -5.894  -4.755  -18.406 1.00 29.04  ? 89  ASP A OD2 1 
ATOM   702  N  N   . SER A 1 90  ? -6.903  0.631   -17.515 1.00 9.40   ? 90  SER A N   1 
ATOM   703  C  CA  . SER A 1 90  ? -7.346  1.897   -18.105 1.00 10.33  ? 90  SER A CA  1 
ATOM   704  C  C   . SER A 1 90  ? -6.536  3.116   -17.752 1.00 8.75   ? 90  SER A C   1 
ATOM   705  O  O   . SER A 1 90  ? -6.659  4.174   -18.410 1.00 12.68  ? 90  SER A O   1 
ATOM   706  C  CB  . SER A 1 90  ? -8.800  2.163   -17.795 1.00 12.75  ? 90  SER A CB  1 
ATOM   707  O  OG  . SER A 1 90  ? -8.925  2.629   -16.485 1.00 13.68  ? 90  SER A OG  1 
ATOM   708  N  N   . LEU A 1 91  ? -5.767  3.000   -16.669 1.00 9.33   ? 91  LEU A N   1 
ATOM   709  C  CA  . LEU A 1 91  ? -4.996  4.116   -16.141 1.00 10.84  ? 91  LEU A CA  1 
ATOM   710  C  C   . LEU A 1 91  ? -3.666  4.373   -16.810 1.00 16.20  ? 91  LEU A C   1 
ATOM   711  O  O   . LEU A 1 91  ? -3.024  3.454   -17.305 1.00 12.22  ? 91  LEU A O   1 
ATOM   712  C  CB  . LEU A 1 91  ? -4.692  3.839   -14.635 1.00 8.20   ? 91  LEU A CB  1 
ATOM   713  C  CG  . LEU A 1 91  ? -5.957  3.703   -13.774 1.00 16.50  ? 91  LEU A CG  1 
ATOM   714  C  CD1 . LEU A 1 91  ? -5.589  3.335   -12.341 1.00 15.60  ? 91  LEU A CD1 1 
ATOM   715  C  CD2 . LEU A 1 91  ? -6.666  5.050   -13.728 1.00 11.98  ? 91  LEU A CD2 1 
ATOM   716  N  N   . ASP A 1 92  ? -3.215  5.626   -16.722 1.00 8.79   ? 92  ASP A N   1 
ATOM   717  C  CA  . ASP A 1 92  ? -1.877  5.962   -17.148 1.00 6.84   ? 92  ASP A CA  1 
ATOM   718  C  C   . ASP A 1 92  ? -0.847  5.475   -16.083 1.00 10.39  ? 92  ASP A C   1 
ATOM   719  O  O   . ASP A 1 92  ? -1.173  5.046   -14.976 1.00 13.18  ? 92  ASP A O   1 
ATOM   720  C  CB  . ASP A 1 92  ? -1.746  7.444   -17.315 1.00 18.19  ? 92  ASP A CB  1 
ATOM   721  C  CG  . ASP A 1 92  ? -2.062  8.156   -16.026 1.00 12.28  ? 92  ASP A CG  1 
ATOM   722  O  OD1 . ASP A 1 92  ? -3.351  8.436   -15.916 1.00 15.21  ? 92  ASP A OD1 1 
ATOM   723  O  OD2 . ASP A 1 92  ? -1.195  8.493   -15.228 1.00 15.29  ? 92  ASP A OD2 1 
ATOM   724  N  N   . ALA A 1 93  ? 0.444   5.519   -16.407 1.00 16.89  ? 93  ALA A N   1 
ATOM   725  C  CA  . ALA A 1 93  ? 1.489   5.029   -15.528 1.00 13.96  ? 93  ALA A CA  1 
ATOM   726  C  C   . ALA A 1 93  ? 1.527   5.657   -14.101 1.00 13.17  ? 93  ALA A C   1 
ATOM   727  O  O   . ALA A 1 93  ? 1.744   4.939   -13.095 1.00 13.00  ? 93  ALA A O   1 
ATOM   728  C  CB  . ALA A 1 93  ? 2.865   5.027   -16.246 1.00 16.00  ? 93  ALA A CB  1 
ATOM   729  N  N   . VAL A 1 94  ? 1.333   6.972   -13.993 1.00 13.05  ? 94  VAL A N   1 
ATOM   730  C  CA  . VAL A 1 94  ? 1.374   7.624   -12.700 1.00 7.21   ? 94  VAL A CA  1 
ATOM   731  C  C   . VAL A 1 94  ? 0.218   7.149   -11.837 1.00 10.41  ? 94  VAL A C   1 
ATOM   732  O  O   . VAL A 1 94  ? 0.345   6.730   -10.671 1.00 11.02  ? 94  VAL A O   1 
ATOM   733  C  CB  . VAL A 1 94  ? 1.393   9.129   -12.876 1.00 10.91  ? 94  VAL A CB  1 
ATOM   734  C  CG1 . VAL A 1 94  ? 1.420   9.811   -11.494 1.00 15.99  ? 94  VAL A CG1 1 
ATOM   735  C  CG2 . VAL A 1 94  ? 2.697   9.456   -13.606 1.00 18.15  ? 94  VAL A CG2 1 
ATOM   736  N  N   . ARG A 1 95  ? -0.949  7.133   -12.445 1.00 10.33  ? 95  ARG A N   1 
ATOM   737  C  CA  . ARG A 1 95  ? -2.116  6.701   -11.678 1.00 10.33  ? 95  ARG A CA  1 
ATOM   738  C  C   . ARG A 1 95  ? -2.037  5.275   -11.308 1.00 10.54  ? 95  ARG A C   1 
ATOM   739  O  O   . ARG A 1 95  ? -2.509  4.875   -10.269 1.00 16.39  ? 95  ARG A O   1 
ATOM   740  C  CB  . ARG A 1 95  ? -3.466  7.107   -12.275 1.00 5.80   ? 95  ARG A CB  1 
ATOM   741  C  CG  . ARG A 1 95  ? -3.571  8.619   -12.477 1.00 6.95   ? 95  ARG A CG  1 
ATOM   742  C  CD  . ARG A 1 95  ? -4.872  8.955   -13.187 1.00 9.99   ? 95  ARG A CD  1 
ATOM   743  N  NE  . ARG A 1 95  ? -5.232  10.365  -13.086 1.00 9.00   ? 95  ARG A NE  1 
ATOM   744  C  CZ  . ARG A 1 95  ? -4.919  11.265  -14.029 1.00 17.92  ? 95  ARG A CZ  1 
ATOM   745  N  NH1 . ARG A 1 95  ? -4.192  10.936  -15.115 1.00 10.25  ? 95  ARG A NH1 1 
ATOM   746  N  NH2 . ARG A 1 95  ? -5.317  12.526  -13.864 1.00 11.36  ? 95  ARG A NH2 1 
ATOM   747  N  N   . ARG A 1 96  ? -1.428  4.434   -12.151 1.00 12.74  ? 96  ARG A N   1 
ATOM   748  C  CA  . ARG A 1 96  ? -1.293  3.030   -11.759 1.00 9.69   ? 96  ARG A CA  1 
ATOM   749  C  C   . ARG A 1 96  ? -0.505  2.931   -10.442 1.00 8.55   ? 96  ARG A C   1 
ATOM   750  O  O   . ARG A 1 96  ? -0.781  2.092   -9.603  1.00 10.36  ? 96  ARG A O   1 
ATOM   751  C  CB  . ARG A 1 96  ? -0.526  2.293   -12.834 1.00 13.78  ? 96  ARG A CB  1 
ATOM   752  C  CG  . ARG A 1 96  ? -1.439  1.921   -13.960 1.00 11.84  ? 96  ARG A CG  1 
ATOM   753  C  CD  . ARG A 1 96  ? -0.708  1.310   -15.173 1.00 15.99  ? 96  ARG A CD  1 
ATOM   754  N  NE  . ARG A 1 96  ? -1.668  1.155   -16.279 1.00 29.29  ? 96  ARG A NE  1 
ATOM   755  C  CZ  . ARG A 1 96  ? -1.435  0.548   -17.426 1.00 22.43  ? 96  ARG A CZ  1 
ATOM   756  N  NH1 . ARG A 1 96  ? -0.261  0.024   -17.643 1.00 22.99  ? 96  ARG A NH1 1 
ATOM   757  N  NH2 . ARG A 1 96  ? -2.394  0.456   -18.371 1.00 12.15  ? 96  ARG A NH2 1 
ATOM   758  N  N   . ALA A 1 97  ? 0.497   3.793   -10.285 1.00 12.37  ? 97  ALA A N   1 
ATOM   759  C  CA  . ALA A 1 97  ? 1.281   3.776   -9.059  1.00 7.66   ? 97  ALA A CA  1 
ATOM   760  C  C   . ALA A 1 97  ? 0.410   4.077   -7.843  1.00 11.90  ? 97  ALA A C   1 
ATOM   761  O  O   . ALA A 1 97  ? 0.532   3.428   -6.804  1.00 10.73  ? 97  ALA A O   1 
ATOM   762  C  CB  . ALA A 1 97  ? 2.456   4.728   -9.171  1.00 5.57   ? 97  ALA A CB  1 
ATOM   763  N  N   . ALA A 1 98  ? -0.516  5.034   -7.975  1.00 12.63  ? 98  ALA A N   1 
ATOM   764  C  CA  . ALA A 1 98  ? -1.456  5.375   -6.880  1.00 7.92   ? 98  ALA A CA  1 
ATOM   765  C  C   . ALA A 1 98  ? -2.325  4.152   -6.561  1.00 13.40  ? 98  ALA A C   1 
ATOM   766  O  O   . ALA A 1 98  ? -2.616  3.868   -5.407  1.00 12.20  ? 98  ALA A O   1 
ATOM   767  C  CB  . ALA A 1 98  ? -2.374  6.531   -7.300  1.00 5.16   ? 98  ALA A CB  1 
ATOM   768  N  N   . ALA A 1 99  ? -2.724  3.414   -7.593  1.00 5.52   ? 99  ALA A N   1 
ATOM   769  C  CA  . ALA A 1 99  ? -3.537  2.225   -7.407  1.00 7.92   ? 99  ALA A CA  1 
ATOM   770  C  C   . ALA A 1 99  ? -2.766  1.144   -6.649  1.00 9.66   ? 99  ALA A C   1 
ATOM   771  O  O   . ALA A 1 99  ? -3.294  0.438   -5.810  1.00 11.40  ? 99  ALA A O   1 
ATOM   772  C  CB  . ALA A 1 99  ? -3.984  1.648   -8.784  1.00 6.56   ? 99  ALA A CB  1 
ATOM   773  N  N   . ILE A 1 100 ? -1.483  0.998   -6.960  1.00 8.91   ? 100 ILE A N   1 
ATOM   774  C  CA  . ILE A 1 100 ? -0.666  0.008   -6.275  1.00 12.00  ? 100 ILE A CA  1 
ATOM   775  C  C   . ILE A 1 100 ? -0.483  0.411   -4.805  1.00 13.99  ? 100 ILE A C   1 
ATOM   776  O  O   . ILE A 1 100 ? -0.595  -0.435  -3.869  1.00 12.38  ? 100 ILE A O   1 
ATOM   777  C  CB  . ILE A 1 100 ? 0.690   -0.220  -6.988  1.00 15.23  ? 100 ILE A CB  1 
ATOM   778  C  CG1 . ILE A 1 100 ? 0.477   -0.783  -8.419  1.00 10.76  ? 100 ILE A CG1 1 
ATOM   779  C  CG2 . ILE A 1 100 ? 1.661   -1.104  -6.156  1.00 8.70   ? 100 ILE A CG2 1 
ATOM   780  C  CD1 . ILE A 1 100 ? 1.726   -0.703  -9.276  1.00 12.20  ? 100 ILE A CD1 1 
ATOM   781  N  N   . ASN A 1 101 ? -0.241  1.710   -4.595  1.00 6.01   ? 101 ASN A N   1 
ATOM   782  C  CA  . ASN A 1 101 ? -0.106  2.207   -3.236  1.00 5.97   ? 101 ASN A CA  1 
ATOM   783  C  C   . ASN A 1 101 ? -1.301  1.821   -2.362  1.00 17.03  ? 101 ASN A C   1 
ATOM   784  O  O   . ASN A 1 101 ? -1.161  1.306   -1.250  1.00 9.94   ? 101 ASN A O   1 
ATOM   785  C  CB  . ASN A 1 101 ? 0.016   3.729   -3.317  1.00 10.45  ? 101 ASN A CB  1 
ATOM   786  C  CG  . ASN A 1 101 ? 0.542   4.342   -2.056  1.00 11.58  ? 101 ASN A CG  1 
ATOM   787  O  OD1 . ASN A 1 101 ? -0.021  4.101   -0.995  1.00 15.77  ? 101 ASN A OD1 1 
ATOM   788  N  ND2 . ASN A 1 101 ? 1.607   5.143   -2.140  1.00 7.46   ? 101 ASN A ND2 1 
ATOM   789  N  N   . MET A 1 102 ? -2.506  2.027   -2.876  1.00 8.63   ? 102 MET A N   1 
ATOM   790  C  CA  . MET A 1 102 ? -3.680  1.707   -2.103  1.00 11.93  ? 102 MET A CA  1 
ATOM   791  C  C   . MET A 1 102 ? -3.804  0.210   -1.799  1.00 12.65  ? 102 MET A C   1 
ATOM   792  O  O   . MET A 1 102 ? -4.153  -0.197  -0.713  1.00 9.97   ? 102 MET A O   1 
ATOM   793  C  CB  . MET A 1 102 ? -4.960  2.194   -2.801  1.00 16.43  ? 102 MET A CB  1 
ATOM   794  C  CG  . MET A 1 102 ? -5.191  3.709   -2.792  1.00 16.07  ? 102 MET A CG  1 
ATOM   795  S  SD  . MET A 1 102 ? -6.848  4.098   -3.399  1.00 14.71  ? 102 MET A SD  1 
ATOM   796  C  CE  . MET A 1 102 ? -7.937  3.577   -2.035  1.00 15.49  ? 102 MET A CE  1 
ATOM   797  N  N   . VAL A 1 103 ? -3.508  -0.612  -2.771  1.00 8.64   ? 103 VAL A N   1 
ATOM   798  C  CA  . VAL A 1 103 ? -3.598  -2.055  -2.542  1.00 15.17  ? 103 VAL A CA  1 
ATOM   799  C  C   . VAL A 1 103 ? -2.504  -2.486  -1.554  1.00 17.45  ? 103 VAL A C   1 
ATOM   800  O  O   . VAL A 1 103 ? -2.733  -3.330  -0.725  1.00 17.38  ? 103 VAL A O   1 
ATOM   801  C  CB  . VAL A 1 103 ? -3.454  -2.840  -3.845  1.00 9.81   ? 103 VAL A CB  1 
ATOM   802  C  CG1 . VAL A 1 103 ? -3.206  -4.308  -3.550  1.00 15.80  ? 103 VAL A CG1 1 
ATOM   803  C  CG2 . VAL A 1 103 ? -4.748  -2.800  -4.633  1.00 14.83  ? 103 VAL A CG2 1 
ATOM   804  N  N   . PHE A 1 104 ? -1.309  -1.917  -1.639  1.00 12.27  ? 104 PHE A N   1 
ATOM   805  C  CA  . PHE A 1 104 ? -0.242  -2.282  -0.760  1.00 14.36  ? 104 PHE A CA  1 
ATOM   806  C  C   . PHE A 1 104 ? -0.645  -1.983  0.678   1.00 17.31  ? 104 PHE A C   1 
ATOM   807  O  O   . PHE A 1 104 ? -0.403  -2.719  1.621   1.00 14.46  ? 104 PHE A O   1 
ATOM   808  C  CB  . PHE A 1 104 ? 1.021   -1.456  -1.162  1.00 12.83  ? 104 PHE A CB  1 
ATOM   809  C  CG  . PHE A 1 104 ? 2.268   -1.741  -0.327  1.00 10.76  ? 104 PHE A CG  1 
ATOM   810  C  CD1 . PHE A 1 104 ? 2.435   -1.171  0.934   1.00 11.37  ? 104 PHE A CD1 1 
ATOM   811  C  CD2 . PHE A 1 104 ? 3.302   -2.518  -0.865  1.00 12.52  ? 104 PHE A CD2 1 
ATOM   812  C  CE1 . PHE A 1 104 ? 3.597   -1.468  1.656   1.00 16.42  ? 104 PHE A CE1 1 
ATOM   813  C  CE2 . PHE A 1 104 ? 4.483   -2.793  -0.174  1.00 14.97  ? 104 PHE A CE2 1 
ATOM   814  C  CZ  . PHE A 1 104 ? 4.613   -2.257  1.105   1.00 10.66  ? 104 PHE A CZ  1 
ATOM   815  N  N   . GLN A 1 105 ? -1.337  -0.896  0.836   1.00 15.08  ? 105 GLN A N   1 
ATOM   816  C  CA  . GLN A 1 105 ? -1.766  -0.447  2.135   1.00 14.11  ? 105 GLN A CA  1 
ATOM   817  C  C   . GLN A 1 105 ? -2.946  -1.194  2.705   1.00 19.75  ? 105 GLN A C   1 
ATOM   818  O  O   . GLN A 1 105 ? -2.969  -1.511  3.872   1.00 15.81  ? 105 GLN A O   1 
ATOM   819  C  CB  . GLN A 1 105 ? -2.073  1.089   2.111   1.00 17.47  ? 105 GLN A CB  1 
ATOM   820  C  CG  . GLN A 1 105 ? -2.409  1.668   3.510   1.00 14.11  ? 105 GLN A CG  1 
ATOM   821  C  CD  . GLN A 1 105 ? -2.864  3.153   3.583   1.00 16.38  ? 105 GLN A CD  1 
ATOM   822  O  OE1 . GLN A 1 105 ? -3.048  3.859   2.583   1.00 20.51  ? 105 GLN A OE1 1 
ATOM   823  N  NE2 . GLN A 1 105 ? -3.091  3.628   4.817   1.00 18.57  ? 105 GLN A NE2 1 
ATOM   824  N  N   . MET A 1 106 ? -3.977  -1.387  1.920   1.00 16.23  ? 106 MET A N   1 
ATOM   825  C  CA  . MET A 1 106 ? -5.214  -1.953  2.432   1.00 15.51  ? 106 MET A CA  1 
ATOM   826  C  C   . MET A 1 106 ? -5.613  -3.290  1.889   1.00 18.28  ? 106 MET A C   1 
ATOM   827  O  O   . MET A 1 106 ? -6.650  -3.825  2.235   1.00 21.95  ? 106 MET A O   1 
ATOM   828  C  CB  . MET A 1 106 ? -6.370  -0.892  2.358   1.00 11.35  ? 106 MET A CB  1 
ATOM   829  C  CG  . MET A 1 106 ? -6.943  -0.581  1.009   1.00 33.41  ? 106 MET A CG  1 
ATOM   830  S  SD  . MET A 1 106 ? -8.079  0.808   1.163   1.00 42.23  ? 106 MET A SD  1 
ATOM   831  C  CE  . MET A 1 106 ? -6.973  2.141   1.595   1.00 23.71  ? 106 MET A CE  1 
ATOM   832  N  N   . GLY A 1 107 ? -4.820  -3.836  1.009   1.00 19.16  ? 107 GLY A N   1 
ATOM   833  C  CA  . GLY A 1 107 ? -5.180  -5.120  0.501   1.00 15.72  ? 107 GLY A CA  1 
ATOM   834  C  C   . GLY A 1 107 ? -6.242  -5.011  -0.537  1.00 14.25  ? 107 GLY A C   1 
ATOM   835  O  O   . GLY A 1 107 ? -7.003  -4.055  -0.641  1.00 18.87  ? 107 GLY A O   1 
ATOM   836  N  N   . GLU A 1 108 ? -6.230  -6.016  -1.354  1.00 22.96  ? 108 GLU A N   1 
ATOM   837  C  CA  . GLU A 1 108 ? -7.111  -6.077  -2.518  1.00 29.90  ? 108 GLU A CA  1 
ATOM   838  C  C   . GLU A 1 108 ? -8.560  -6.084  -2.162  1.00 35.63  ? 108 GLU A C   1 
ATOM   839  O  O   . GLU A 1 108 ? -9.449  -5.632  -2.873  1.00 34.24  ? 108 GLU A O   1 
ATOM   840  C  CB  . GLU A 1 108 ? -6.631  -7.129  -3.533  1.00 43.36  ? 108 GLU A CB  1 
ATOM   841  C  CG  . GLU A 1 108 ? -7.544  -8.334  -3.712  1.00 66.55  ? 108 GLU A CG  1 
ATOM   842  C  CD  . GLU A 1 108 ? -6.949  -9.159  -4.793  1.00 52.96  ? 108 GLU A CD  1 
ATOM   843  O  OE1 . GLU A 1 108 ? -5.644  -8.945  -4.910  1.00 54.80  ? 108 GLU A OE1 1 
ATOM   844  O  OE2 . GLU A 1 108 ? -7.615  -9.900  -5.491  1.00 100.00 ? 108 GLU A OE2 1 
ATOM   845  N  N   . THR A 1 109 ? -8.748  -6.562  -0.979  1.00 35.91  ? 109 THR A N   1 
ATOM   846  C  CA  . THR A 1 109 ? -10.025 -6.646  -0.398  1.00 53.50  ? 109 THR A CA  1 
ATOM   847  C  C   . THR A 1 109 ? -10.459 -5.288  0.017   1.00 67.75  ? 109 THR A C   1 
ATOM   848  O  O   . THR A 1 109 ? -11.559 -4.858  -0.318  1.00 78.45  ? 109 THR A O   1 
ATOM   849  C  CB  . THR A 1 109 ? -9.898  -7.502  0.846   1.00 100.00 ? 109 THR A CB  1 
ATOM   850  O  OG1 . THR A 1 109 ? -8.608  -7.259  1.409   1.00 100.00 ? 109 THR A OG1 1 
ATOM   851  C  CG2 . THR A 1 109 ? -10.052 -8.948  0.399   1.00 52.93  ? 109 THR A CG2 1 
ATOM   852  N  N   . GLY A 1 110 ? -9.589  -4.645  0.783   1.00 38.75  ? 110 GLY A N   1 
ATOM   853  C  CA  . GLY A 1 110 ? -9.886  -3.324  1.256   1.00 45.20  ? 110 GLY A CA  1 
ATOM   854  C  C   . GLY A 1 110 ? -10.315 -2.424  0.104   1.00 25.01  ? 110 GLY A C   1 
ATOM   855  O  O   . GLY A 1 110 ? -11.315 -1.695  0.190   1.00 40.58  ? 110 GLY A O   1 
ATOM   856  N  N   . VAL A 1 111 ? -9.567  -2.506  -0.982  1.00 26.68  ? 111 VAL A N   1 
ATOM   857  C  CA  . VAL A 1 111 ? -9.803  -1.658  -2.144  1.00 24.03  ? 111 VAL A CA  1 
ATOM   858  C  C   . VAL A 1 111 ? -11.037 -2.014  -2.932  1.00 76.01  ? 111 VAL A C   1 
ATOM   859  O  O   . VAL A 1 111 ? -11.738 -1.146  -3.468  1.00 25.65  ? 111 VAL A O   1 
ATOM   860  C  CB  . VAL A 1 111 ? -8.577  -1.697  -3.002  1.00 24.66  ? 111 VAL A CB  1 
ATOM   861  C  CG1 . VAL A 1 111 ? -8.847  -0.975  -4.308  1.00 38.01  ? 111 VAL A CG1 1 
ATOM   862  C  CG2 . VAL A 1 111 ? -7.514  -0.977  -2.206  1.00 29.83  ? 111 VAL A CG2 1 
ATOM   863  N  N   . ALA A 1 112 ? -11.285 -3.308  -3.012  1.00 55.37  ? 112 ALA A N   1 
ATOM   864  C  CA  . ALA A 1 112 ? -12.420 -3.821  -3.725  1.00 100.00 ? 112 ALA A CA  1 
ATOM   865  C  C   . ALA A 1 112 ? -13.730 -3.176  -3.247  1.00 94.81  ? 112 ALA A C   1 
ATOM   866  O  O   . ALA A 1 112 ? -14.736 -3.206  -3.951  1.00 70.35  ? 112 ALA A O   1 
ATOM   867  C  CB  . ALA A 1 112 ? -12.430 -5.345  -3.720  1.00 100.00 ? 112 ALA A CB  1 
ATOM   868  N  N   . GLY A 1 113 ? -13.694 -2.541  -2.048  1.00 56.38  ? 113 GLY A N   1 
ATOM   869  C  CA  . GLY A 1 113 ? -14.837 -1.803  -1.416  1.00 57.95  ? 113 GLY A CA  1 
ATOM   870  C  C   . GLY A 1 113 ? -15.010 -0.305  -1.843  1.00 100.00 ? 113 GLY A C   1 
ATOM   871  O  O   . GLY A 1 113 ? -15.869 0.488   -1.375  1.00 35.79  ? 113 GLY A O   1 
ATOM   872  N  N   . PHE A 1 114 ? -14.167 0.141   -2.740  1.00 26.77  ? 114 PHE A N   1 
ATOM   873  C  CA  . PHE A 1 114 ? -14.220 1.471   -3.274  1.00 18.77  ? 114 PHE A CA  1 
ATOM   874  C  C   . PHE A 1 114 ? -14.894 1.420   -4.673  1.00 28.65  ? 114 PHE A C   1 
ATOM   875  O  O   . PHE A 1 114 ? -14.526 2.114   -5.622  1.00 20.15  ? 114 PHE A O   1 
ATOM   876  C  CB  . PHE A 1 114 ? -12.786 2.069   -3.347  1.00 22.06  ? 114 PHE A CB  1 
ATOM   877  C  CG  . PHE A 1 114 ? -12.235 2.526   -2.032  1.00 18.27  ? 114 PHE A CG  1 
ATOM   878  C  CD1 . PHE A 1 114 ? -11.913 1.620   -1.019  1.00 22.39  ? 114 PHE A CD1 1 
ATOM   879  C  CD2 . PHE A 1 114 ? -12.030 3.888   -1.796  1.00 27.36  ? 114 PHE A CD2 1 
ATOM   880  C  CE1 . PHE A 1 114 ? -11.421 2.075   0.197   1.00 22.60  ? 114 PHE A CE1 1 
ATOM   881  C  CE2 . PHE A 1 114 ? -11.552 4.363   -0.577  1.00 21.49  ? 114 PHE A CE2 1 
ATOM   882  C  CZ  . PHE A 1 114 ? -11.254 3.441   0.425   1.00 14.90  ? 114 PHE A CZ  1 
ATOM   883  N  N   . THR A 1 115 ? -15.889 0.587   -4.784  1.00 15.14  ? 115 THR A N   1 
ATOM   884  C  CA  . THR A 1 115 ? -16.623 0.356   -6.033  1.00 8.79   ? 115 THR A CA  1 
ATOM   885  C  C   . THR A 1 115 ? -17.016 1.621   -6.787  1.00 22.33  ? 115 THR A C   1 
ATOM   886  O  O   . THR A 1 115 ? -16.819 1.747   -7.994  1.00 17.30  ? 115 THR A O   1 
ATOM   887  C  CB  . THR A 1 115 ? -17.880 -0.427  -5.707  1.00 20.56  ? 115 THR A CB  1 
ATOM   888  O  OG1 . THR A 1 115 ? -17.562 -1.773  -5.715  1.00 51.41  ? 115 THR A OG1 1 
ATOM   889  C  CG2 . THR A 1 115 ? -18.846 -0.122  -6.811  1.00 41.91  ? 115 THR A CG2 1 
ATOM   890  N  N   . ASN A 1 116 ? -17.607 2.568   -6.080  1.00 17.58  ? 116 ASN A N   1 
ATOM   891  C  CA  . ASN A 1 116 ? -17.990 3.839   -6.730  1.00 18.29  ? 116 ASN A CA  1 
ATOM   892  C  C   . ASN A 1 116 ? -16.804 4.674   -7.246  1.00 17.78  ? 116 ASN A C   1 
ATOM   893  O  O   . ASN A 1 116 ? -16.829 5.273   -8.327  1.00 15.50  ? 116 ASN A O   1 
ATOM   894  C  CB  . ASN A 1 116 ? -19.024 4.696   -5.901  1.00 18.12  ? 116 ASN A CB  1 
ATOM   895  C  CG  . ASN A 1 116 ? -20.264 3.884   -5.511  1.00 25.82  ? 116 ASN A CG  1 
ATOM   896  O  OD1 . ASN A 1 116 ? -20.607 2.920   -6.193  1.00 35.72  ? 116 ASN A OD1 1 
ATOM   897  N  ND2 . ASN A 1 116 ? -20.841 4.140   -4.347  1.00 23.27  ? 116 ASN A ND2 1 
ATOM   898  N  N   . SER A 1 117 ? -15.720 4.732   -6.475  1.00 9.55   ? 117 SER A N   1 
ATOM   899  C  CA  . SER A 1 117 ? -14.561 5.470   -6.897  1.00 14.61  ? 117 SER A CA  1 
ATOM   900  C  C   . SER A 1 117 ? -13.915 4.822   -8.118  1.00 11.90  ? 117 SER A C   1 
ATOM   901  O  O   . SER A 1 117 ? -13.430 5.517   -8.999  1.00 15.58  ? 117 SER A O   1 
ATOM   902  C  CB  . SER A 1 117 ? -13.507 5.459   -5.806  1.00 14.00  ? 117 SER A CB  1 
ATOM   903  O  OG  . SER A 1 117 ? -14.016 6.085   -4.648  1.00 21.65  ? 117 SER A OG  1 
ATOM   904  N  N   . LEU A 1 118 ? -13.882 3.486   -8.094  1.00 16.19  ? 118 LEU A N   1 
ATOM   905  C  CA  . LEU A 1 118 ? -13.267 2.724   -9.183  1.00 13.60  ? 118 LEU A CA  1 
ATOM   906  C  C   . LEU A 1 118 ? -13.952 3.064   -10.485 1.00 16.17  ? 118 LEU A C   1 
ATOM   907  O  O   . LEU A 1 118 ? -13.358 3.362   -11.525 1.00 16.66  ? 118 LEU A O   1 
ATOM   908  C  CB  . LEU A 1 118 ? -13.283 1.186   -8.934  1.00 16.88  ? 118 LEU A CB  1 
ATOM   909  C  CG  . LEU A 1 118 ? -12.478 0.690   -7.720  1.00 37.85  ? 118 LEU A CG  1 
ATOM   910  C  CD1 . LEU A 1 118 ? -12.837 -0.777  -7.393  1.00 24.00  ? 118 LEU A CD1 1 
ATOM   911  C  CD2 . LEU A 1 118 ? -10.971 0.835   -7.959  1.00 15.01  ? 118 LEU A CD2 1 
ATOM   912  N  N   . ARG A 1 119 ? -15.242 3.072   -10.427 1.00 11.86  ? 119 ARG A N   1 
ATOM   913  C  CA  . ARG A 1 119 ? -16.010 3.383   -11.630 1.00 14.41  ? 119 ARG A CA  1 
ATOM   914  C  C   . ARG A 1 119 ? -15.719 4.780   -12.144 1.00 20.64  ? 119 ARG A C   1 
ATOM   915  O  O   . ARG A 1 119 ? -15.603 4.977   -13.331 1.00 16.18  ? 119 ARG A O   1 
ATOM   916  C  CB  . ARG A 1 119 ? -17.458 3.166   -11.297 1.00 16.21  ? 119 ARG A CB  1 
ATOM   917  C  CG  . ARG A 1 119 ? -18.463 3.575   -12.346 1.00 33.02  ? 119 ARG A CG  1 
ATOM   918  C  CD  . ARG A 1 119 ? -19.904 3.436   -11.781 1.00 100.00 ? 119 ARG A CD  1 
ATOM   919  N  NE  . ARG A 1 119 ? -20.940 3.910   -12.726 1.00 100.00 ? 119 ARG A NE  1 
ATOM   920  C  CZ  . ARG A 1 119 ? -21.381 5.197   -12.874 1.00 100.00 ? 119 ARG A CZ  1 
ATOM   921  N  NH1 . ARG A 1 119 ? -20.937 6.200   -12.110 1.00 100.00 ? 119 ARG A NH1 1 
ATOM   922  N  NH2 . ARG A 1 119 ? -22.328 5.445   -13.797 1.00 100.00 ? 119 ARG A NH2 1 
ATOM   923  N  N   . MET A 1 120 ? -15.585 5.748   -11.219 1.00 10.64  ? 120 MET A N   1 
ATOM   924  C  CA  . MET A 1 120 ? -15.265 7.098   -11.596 1.00 14.70  ? 120 MET A CA  1 
ATOM   925  C  C   . MET A 1 120 ? -13.890 7.174   -12.204 1.00 17.70  ? 120 MET A C   1 
ATOM   926  O  O   . MET A 1 120 ? -13.659 7.891   -13.146 1.00 17.10  ? 120 MET A O   1 
ATOM   927  C  CB  . MET A 1 120 ? -15.344 8.075   -10.419 1.00 14.65  ? 120 MET A CB  1 
ATOM   928  C  CG  . MET A 1 120 ? -16.777 8.517   -10.143 1.00 24.42  ? 120 MET A CG  1 
ATOM   929  S  SD  . MET A 1 120 ? -16.864 9.242   -8.504  1.00 26.63  ? 120 MET A SD  1 
ATOM   930  C  CE  . MET A 1 120 ? -18.544 8.940   -7.961  1.00 30.95  ? 120 MET A CE  1 
ATOM   931  N  N   . LEU A 1 121 ? -12.960 6.443   -11.640 1.00 10.88  ? 121 LEU A N   1 
ATOM   932  C  CA  . LEU A 1 121 ? -11.608 6.475   -12.185 1.00 15.22  ? 121 LEU A CA  1 
ATOM   933  C  C   . LEU A 1 121 ? -11.592 5.867   -13.616 1.00 7.45   ? 121 LEU A C   1 
ATOM   934  O  O   . LEU A 1 121 ? -10.980 6.360   -14.570 1.00 11.29  ? 121 LEU A O   1 
ATOM   935  C  CB  . LEU A 1 121 ? -10.682 5.671   -11.267 1.00 7.95   ? 121 LEU A CB  1 
ATOM   936  C  CG  . LEU A 1 121 ? -10.354 6.403   -9.945  1.00 13.21  ? 121 LEU A CG  1 
ATOM   937  C  CD1 . LEU A 1 121 ? -9.638  5.457   -8.973  1.00 17.93  ? 121 LEU A CD1 1 
ATOM   938  C  CD2 . LEU A 1 121 ? -9.431  7.596   -10.150 1.00 11.11  ? 121 LEU A CD2 1 
ATOM   939  N  N   . GLN A 1 122 ? -12.365 4.794   -13.731 1.00 11.20  ? 122 GLN A N   1 
ATOM   940  C  CA  . GLN A 1 122 ? -12.431 4.127   -14.984 1.00 15.98  ? 122 GLN A CA  1 
ATOM   941  C  C   . GLN A 1 122 ? -12.961 5.061   -16.034 1.00 27.75  ? 122 GLN A C   1 
ATOM   942  O  O   . GLN A 1 122 ? -12.485 5.096   -17.167 1.00 15.52  ? 122 GLN A O   1 
ATOM   943  C  CB  . GLN A 1 122 ? -13.221 2.840   -14.868 1.00 10.81  ? 122 GLN A CB  1 
ATOM   944  C  CG  . GLN A 1 122 ? -13.361 2.140   -16.233 1.00 23.70  ? 122 GLN A CG  1 
ATOM   945  C  CD  . GLN A 1 122 ? -13.508 0.616   -16.132 1.00 36.78  ? 122 GLN A CD  1 
ATOM   946  O  OE1 . GLN A 1 122 ? -13.940 0.084   -15.088 1.00 79.93  ? 122 GLN A OE1 1 
ATOM   947  N  NE2 . GLN A 1 122 ? -13.194 -0.082  -17.229 1.00 100.00 ? 122 GLN A NE2 1 
ATOM   948  N  N   . GLN A 1 123 ? -13.914 5.871   -15.632 1.00 14.13  ? 123 GLN A N   1 
ATOM   949  C  CA  . GLN A 1 123 ? -14.481 6.826   -16.584 1.00 10.83  ? 123 GLN A CA  1 
ATOM   950  C  C   . GLN A 1 123 ? -13.668 8.083   -16.741 1.00 18.64  ? 123 GLN A C   1 
ATOM   951  O  O   . GLN A 1 123 ? -14.091 8.988   -17.480 1.00 16.16  ? 123 GLN A O   1 
ATOM   952  C  CB  . GLN A 1 123 ? -15.827 7.270   -16.053 1.00 11.31  ? 123 GLN A CB  1 
ATOM   953  C  CG  . GLN A 1 123 ? -16.885 6.193   -16.160 1.00 23.33  ? 123 GLN A CG  1 
ATOM   954  C  CD  . GLN A 1 123 ? -18.060 6.655   -15.340 1.00 42.11  ? 123 GLN A CD  1 
ATOM   955  O  OE1 . GLN A 1 123 ? -19.142 6.825   -15.868 1.00 40.52  ? 123 GLN A OE1 1 
ATOM   956  N  NE2 . GLN A 1 123 ? -17.802 7.003   -14.081 1.00 76.80  ? 123 GLN A NE2 1 
ATOM   957  N  N   . LYS A 1 124 ? -12.528 8.196   -15.980 1.00 8.61   ? 124 LYS A N   1 
ATOM   958  C  CA  . LYS A 1 124 ? -11.678 9.368   -16.049 1.00 6.11   ? 124 LYS A CA  1 
ATOM   959  C  C   . LYS A 1 124 ? -12.300 10.683  -15.544 1.00 11.29  ? 124 LYS A C   1 
ATOM   960  O  O   . LYS A 1 124 ? -11.900 11.790  -15.955 1.00 17.43  ? 124 LYS A O   1 
ATOM   961  C  CB  . LYS A 1 124 ? -10.899 9.574   -17.373 1.00 14.72  ? 124 LYS A CB  1 
ATOM   962  C  CG  . LYS A 1 124 ? -10.233 8.282   -17.837 1.00 22.98  ? 124 LYS A CG  1 
ATOM   963  C  CD  . LYS A 1 124 ? -9.264  8.449   -19.001 1.00 10.25  ? 124 LYS A CD  1 
ATOM   964  C  CE  . LYS A 1 124 ? -8.413  7.195   -19.323 1.00 9.34   ? 124 LYS A CE  1 
ATOM   965  N  NZ  . LYS A 1 124 ? -7.586  6.761   -18.219 1.00 19.45  ? 124 LYS A NZ  1 
ATOM   966  N  N   . ARG A 1 125 ? -13.202 10.580  -14.596 1.00 13.97  ? 125 ARG A N   1 
ATOM   967  C  CA  . ARG A 1 125 ? -13.789 11.761  -13.998 1.00 10.63  ? 125 ARG A CA  1 
ATOM   968  C  C   . ARG A 1 125 ? -12.947 12.076  -12.737 1.00 12.57  ? 125 ARG A C   1 
ATOM   969  O  O   . ARG A 1 125 ? -13.308 11.690  -11.608 1.00 12.50  ? 125 ARG A O   1 
ATOM   970  C  CB  . ARG A 1 125 ? -15.212 11.371  -13.634 1.00 16.05  ? 125 ARG A CB  1 
ATOM   971  C  CG  . ARG A 1 125 ? -16.117 11.147  -14.831 1.00 14.40  ? 125 ARG A CG  1 
ATOM   972  C  CD  . ARG A 1 125 ? -17.296 10.273  -14.392 1.00 25.21  ? 125 ARG A CD  1 
ATOM   973  N  NE  . ARG A 1 125 ? -18.633 10.746  -14.719 1.00 70.48  ? 125 ARG A NE  1 
ATOM   974  C  CZ  . ARG A 1 125 ? -19.183 10.569  -15.927 1.00 100.00 ? 125 ARG A CZ  1 
ATOM   975  N  NH1 . ARG A 1 125 ? -18.528 9.980   -16.946 1.00 100.00 ? 125 ARG A NH1 1 
ATOM   976  N  NH2 . ARG A 1 125 ? -20.419 11.016  -16.127 1.00 70.33  ? 125 ARG A NH2 1 
ATOM   977  N  N   . TRP A 1 126 ? -11.766 12.665  -12.946 1.00 20.55  ? 126 TRP A N   1 
ATOM   978  C  CA  . TRP A 1 126 ? -10.817 12.847  -11.856 1.00 12.88  ? 126 TRP A CA  1 
ATOM   979  C  C   . TRP A 1 126 ? -11.242 13.578  -10.599 1.00 19.57  ? 126 TRP A C   1 
ATOM   980  O  O   . TRP A 1 126 ? -11.001 13.122  -9.486  1.00 13.71  ? 126 TRP A O   1 
ATOM   981  C  CB  . TRP A 1 126 ? -9.407  13.234  -12.315 1.00 8.92   ? 126 TRP A CB  1 
ATOM   982  C  CG  . TRP A 1 126 ? -8.943  12.588  -13.578 1.00 10.98  ? 126 TRP A CG  1 
ATOM   983  C  CD1 . TRP A 1 126 ? -8.661  13.226  -14.765 1.00 9.50   ? 126 TRP A CD1 1 
ATOM   984  C  CD2 . TRP A 1 126 ? -8.699  11.234  -13.809 1.00 6.85   ? 126 TRP A CD2 1 
ATOM   985  N  NE1 . TRP A 1 126 ? -8.235  12.350  -15.696 1.00 10.59  ? 126 TRP A NE1 1 
ATOM   986  C  CE2 . TRP A 1 126 ? -8.231  11.102  -15.139 1.00 10.07  ? 126 TRP A CE2 1 
ATOM   987  C  CE3 . TRP A 1 126 ? -8.785  10.098  -13.001 1.00 9.75   ? 126 TRP A CE3 1 
ATOM   988  C  CZ2 . TRP A 1 126 ? -7.838  9.891   -15.691 1.00 10.92  ? 126 TRP A CZ2 1 
ATOM   989  C  CZ3 . TRP A 1 126 ? -8.436  8.876   -13.561 1.00 16.51  ? 126 TRP A CZ3 1 
ATOM   990  C  CH2 . TRP A 1 126 ? -7.979  8.772   -14.911 1.00 13.32  ? 126 TRP A CH2 1 
ATOM   991  N  N   . ASP A 1 127 ? -11.819 14.748  -10.756 1.00 17.69  ? 127 ASP A N   1 
ATOM   992  C  CA  . ASP A 1 127 ? -12.199 15.516  -9.600  1.00 19.15  ? 127 ASP A CA  1 
ATOM   993  C  C   . ASP A 1 127 ? -13.292 14.838  -8.810  1.00 13.27  ? 127 ASP A C   1 
ATOM   994  O  O   . ASP A 1 127 ? -13.277 14.787  -7.592  1.00 22.04  ? 127 ASP A O   1 
ATOM   995  C  CB  . ASP A 1 127 ? -12.582 16.926  -10.052 1.00 17.10  ? 127 ASP A CB  1 
ATOM   996  C  CG  . ASP A 1 127 ? -11.367 17.769  -10.460 1.00 25.52  ? 127 ASP A CG  1 
ATOM   997  O  OD1 . ASP A 1 127 ? -10.255 17.365  -10.770 1.00 40.40  ? 127 ASP A OD1 1 
ATOM   998  O  OD2 . ASP A 1 127 ? -11.616 19.019  -10.418 1.00 32.96  ? 127 ASP A OD2 1 
ATOM   999  N  N   . GLU A 1 128 ? -14.209 14.201  -9.509  1.00 12.50  ? 128 GLU A N   1 
ATOM   1000 C  CA  . GLU A 1 128 ? -15.253 13.528  -8.792  1.00 11.44  ? 128 GLU A CA  1 
ATOM   1001 C  C   . GLU A 1 128 ? -14.775 12.330  -8.011  1.00 14.30  ? 128 GLU A C   1 
ATOM   1002 O  O   . GLU A 1 128 ? -15.227 12.062  -6.872  1.00 17.57  ? 128 GLU A O   1 
ATOM   1003 C  CB  . GLU A 1 128 ? -16.356 13.098  -9.728  1.00 16.28  ? 128 GLU A CB  1 
ATOM   1004 C  CG  . GLU A 1 128 ? -16.847 14.287  -10.575 1.00 19.55  ? 128 GLU A CG  1 
ATOM   1005 C  CD  . GLU A 1 128 ? -17.868 13.953  -11.642 1.00 100.00 ? 128 GLU A CD  1 
ATOM   1006 O  OE1 . GLU A 1 128 ? -18.477 12.789  -11.475 1.00 100.00 ? 128 GLU A OE1 1 
ATOM   1007 O  OE2 . GLU A 1 128 ? -18.086 14.703  -12.577 1.00 96.74  ? 128 GLU A OE2 1 
ATOM   1008 N  N   . ALA A 1 129 ? -13.849 11.587  -8.651  1.00 14.27  ? 129 ALA A N   1 
ATOM   1009 C  CA  . ALA A 1 129 ? -13.305 10.433  -7.964  1.00 11.34  ? 129 ALA A CA  1 
ATOM   1010 C  C   . ALA A 1 129 ? -12.577 10.869  -6.709  1.00 9.65   ? 129 ALA A C   1 
ATOM   1011 O  O   . ALA A 1 129 ? -12.619 10.179  -5.680  1.00 11.69  ? 129 ALA A O   1 
ATOM   1012 C  CB  . ALA A 1 129 ? -12.312 9.715   -8.893  1.00 11.58  ? 129 ALA A CB  1 
ATOM   1013 N  N   . ALA A 1 130 ? -11.889 12.005  -6.807  1.00 8.68   ? 130 ALA A N   1 
ATOM   1014 C  CA  . ALA A 1 130 ? -11.083 12.529  -5.715  1.00 8.99   ? 130 ALA A CA  1 
ATOM   1015 C  C   . ALA A 1 130 ? -11.982 12.843  -4.555  1.00 21.05  ? 130 ALA A C   1 
ATOM   1016 O  O   . ALA A 1 130 ? -11.709 12.565  -3.414  1.00 17.39  ? 130 ALA A O   1 
ATOM   1017 C  CB  . ALA A 1 130 ? -10.299 13.763  -6.152  1.00 11.19  ? 130 ALA A CB  1 
ATOM   1018 N  N   . VAL A 1 131 ? -13.089 13.439  -4.878  1.00 11.41  ? 131 VAL A N   1 
ATOM   1019 C  CA  . VAL A 1 131 ? -14.033 13.736  -3.863  1.00 15.34  ? 131 VAL A CA  1 
ATOM   1020 C  C   . VAL A 1 131 ? -14.597 12.450  -3.252  1.00 19.70  ? 131 VAL A C   1 
ATOM   1021 O  O   . VAL A 1 131 ? -14.723 12.294  -2.054  1.00 15.56  ? 131 VAL A O   1 
ATOM   1022 C  CB  . VAL A 1 131 ? -15.149 14.607  -4.465  1.00 19.61  ? 131 VAL A CB  1 
ATOM   1023 C  CG1 . VAL A 1 131 ? -16.307 14.659  -3.514  1.00 23.24  ? 131 VAL A CG1 1 
ATOM   1024 C  CG2 . VAL A 1 131 ? -14.609 16.033  -4.573  1.00 19.06  ? 131 VAL A CG2 1 
ATOM   1025 N  N   . ASN A 1 132 ? -14.992 11.508  -4.085  1.00 15.12  ? 132 ASN A N   1 
ATOM   1026 C  CA  . ASN A 1 132 ? -15.539 10.262  -3.552  1.00 11.35  ? 132 ASN A CA  1 
ATOM   1027 C  C   . ASN A 1 132 ? -14.498 9.496   -2.709  1.00 18.99  ? 132 ASN A C   1 
ATOM   1028 O  O   . ASN A 1 132 ? -14.776 8.941   -1.635  1.00 15.87  ? 132 ASN A O   1 
ATOM   1029 C  CB  . ASN A 1 132 ? -16.056 9.394   -4.714  1.00 15.96  ? 132 ASN A CB  1 
ATOM   1030 C  CG  . ASN A 1 132 ? -16.841 8.199   -4.252  1.00 17.59  ? 132 ASN A CG  1 
ATOM   1031 O  OD1 . ASN A 1 132 ? -16.356 7.051   -4.135  1.00 16.59  ? 132 ASN A OD1 1 
ATOM   1032 N  ND2 . ASN A 1 132 ? -18.075 8.470   -3.905  1.00 14.04  ? 132 ASN A ND2 1 
ATOM   1033 N  N   . LEU A 1 133 ? -13.247 9.464   -3.186  1.00 9.77   ? 133 LEU A N   1 
ATOM   1034 C  CA  . LEU A 1 133 ? -12.228 8.699   -2.436  1.00 13.75  ? 133 LEU A CA  1 
ATOM   1035 C  C   . LEU A 1 133 ? -12.080 9.163   -0.985  1.00 11.50  ? 133 LEU A C   1 
ATOM   1036 O  O   . LEU A 1 133 ? -11.743 8.402   -0.087  1.00 13.87  ? 133 LEU A O   1 
ATOM   1037 C  CB  . LEU A 1 133 ? -10.821 8.797   -3.118  1.00 13.55  ? 133 LEU A CB  1 
ATOM   1038 C  CG  . LEU A 1 133 ? -10.678 7.947   -4.398  1.00 15.72  ? 133 LEU A CG  1 
ATOM   1039 C  CD1 . LEU A 1 133 ? -9.381  8.331   -5.132  1.00 11.47  ? 133 LEU A CD1 1 
ATOM   1040 C  CD2 . LEU A 1 133 ? -10.570 6.485   -3.982  1.00 11.51  ? 133 LEU A CD2 1 
ATOM   1041 N  N   . ALA A 1 134 ? -12.281 10.457  -0.807  1.00 10.69  ? 134 ALA A N   1 
ATOM   1042 C  CA  . ALA A 1 134 ? -12.109 11.128  0.497   1.00 17.96  ? 134 ALA A CA  1 
ATOM   1043 C  C   . ALA A 1 134 ? -13.214 10.801  1.512   1.00 12.86  ? 134 ALA A C   1 
ATOM   1044 O  O   . ALA A 1 134 ? -13.061 10.968  2.726   1.00 16.37  ? 134 ALA A O   1 
ATOM   1045 C  CB  . ALA A 1 134 ? -11.938 12.634  0.261   1.00 15.13  ? 134 ALA A CB  1 
ATOM   1046 N  N   . LYS A 1 135 ? -14.326 10.320  1.017   1.00 11.60  ? 135 LYS A N   1 
ATOM   1047 C  CA  . LYS A 1 135 ? -15.421 9.953   1.910   1.00 8.67   ? 135 LYS A CA  1 
ATOM   1048 C  C   . LYS A 1 135 ? -15.191 8.528   2.345   1.00 16.03  ? 135 LYS A C   1 
ATOM   1049 O  O   . LYS A 1 135 ? -15.842 7.650   1.816   1.00 14.57  ? 135 LYS A O   1 
ATOM   1050 C  CB  . LYS A 1 135 ? -16.790 10.041  1.239   1.00 16.41  ? 135 LYS A CB  1 
ATOM   1051 C  CG  . LYS A 1 135 ? -17.114 11.457  0.770   1.00 20.63  ? 135 LYS A CG  1 
ATOM   1052 C  CD  . LYS A 1 135 ? -18.246 11.394  -0.240  1.00 43.45  ? 135 LYS A CD  1 
ATOM   1053 C  CE  . LYS A 1 135 ? -19.317 12.462  -0.094  1.00 75.15  ? 135 LYS A CE  1 
ATOM   1054 N  NZ  . LYS A 1 135 ? -20.561 12.077  -0.748  1.00 100.00 ? 135 LYS A NZ  1 
ATOM   1055 N  N   . SER A 1 136 ? -14.150 8.296   3.173   1.00 9.16   ? 136 SER A N   1 
ATOM   1056 C  CA  . SER A 1 136 ? -13.815 6.935   3.529   1.00 8.54   ? 136 SER A CA  1 
ATOM   1057 C  C   . SER A 1 136 ? -13.081 6.915   4.863   1.00 16.25  ? 136 SER A C   1 
ATOM   1058 O  O   . SER A 1 136 ? -12.461 7.904   5.261   1.00 13.94  ? 136 SER A O   1 
ATOM   1059 C  CB  . SER A 1 136 ? -12.870 6.351   2.476   1.00 9.52   ? 136 SER A CB  1 
ATOM   1060 O  OG  . SER A 1 136 ? -11.692 7.218   2.403   1.00 10.28  ? 136 SER A OG  1 
ATOM   1061 N  N   . ARG A 1 137 ? -13.144 5.755   5.529   1.00 9.78   ? 137 ARG A N   1 
ATOM   1062 C  CA  . ARG A 1 137 ? -12.437 5.589   6.748   1.00 10.96  ? 137 ARG A CA  1 
ATOM   1063 C  C   . ARG A 1 137 ? -10.953 5.824   6.523   1.00 11.27  ? 137 ARG A C   1 
ATOM   1064 O  O   . ARG A 1 137 ? -10.284 6.489   7.296   1.00 12.65  ? 137 ARG A O   1 
ATOM   1065 C  CB  . ARG A 1 137 ? -12.604 4.182   7.245   1.00 16.33  ? 137 ARG A CB  1 
ATOM   1066 C  CG  . ARG A 1 137 ? -11.646 3.968   8.397   1.00 16.57  ? 137 ARG A CG  1 
ATOM   1067 C  CD  . ARG A 1 137 ? -11.806 2.597   8.954   1.00 23.31  ? 137 ARG A CD  1 
ATOM   1068 N  NE  . ARG A 1 137 ? -11.447 2.563   10.350  1.00 37.21  ? 137 ARG A NE  1 
ATOM   1069 C  CZ  . ARG A 1 137 ? -10.242 2.304   10.808  1.00 100.00 ? 137 ARG A CZ  1 
ATOM   1070 N  NH1 . ARG A 1 137 ? -9.262  2.010   9.961   1.00 27.07  ? 137 ARG A NH1 1 
ATOM   1071 N  NH2 . ARG A 1 137 ? -10.030 2.325   12.137  1.00 88.54  ? 137 ARG A NH2 1 
ATOM   1072 N  N   . TRP A 1 138 ? -10.475 5.266   5.386   1.00 9.83   ? 138 TRP A N   1 
ATOM   1073 C  CA  . TRP A 1 138 ? -9.058  5.390   4.941   1.00 10.81  ? 138 TRP A CA  1 
ATOM   1074 C  C   . TRP A 1 138 ? -8.579  6.829   5.047   1.00 12.43  ? 138 TRP A C   1 
ATOM   1075 O  O   . TRP A 1 138 ? -7.580  7.168   5.682   1.00 12.34  ? 138 TRP A O   1 
ATOM   1076 C  CB  . TRP A 1 138 ? -8.991  4.975   3.463   1.00 14.08  ? 138 TRP A CB  1 
ATOM   1077 C  CG  . TRP A 1 138 ? -7.688  5.300   2.770   1.00 12.93  ? 138 TRP A CG  1 
ATOM   1078 C  CD1 . TRP A 1 138 ? -6.443  4.823   3.109   1.00 19.69  ? 138 TRP A CD1 1 
ATOM   1079 C  CD2 . TRP A 1 138 ? -7.525  6.033   1.542   1.00 7.05   ? 138 TRP A CD2 1 
ATOM   1080 N  NE1 . TRP A 1 138 ? -5.497  5.279   2.212   1.00 11.83  ? 138 TRP A NE1 1 
ATOM   1081 C  CE2 . TRP A 1 138 ? -6.134  5.978   1.207   1.00 7.97   ? 138 TRP A CE2 1 
ATOM   1082 C  CE3 . TRP A 1 138 ? -8.422  6.631   0.679   1.00 13.25  ? 138 TRP A CE3 1 
ATOM   1083 C  CZ2 . TRP A 1 138 ? -5.629  6.534   0.030   1.00 14.34  ? 138 TRP A CZ2 1 
ATOM   1084 C  CZ3 . TRP A 1 138 ? -7.920  7.243   -0.447  1.00 15.67  ? 138 TRP A CZ3 1 
ATOM   1085 C  CH2 . TRP A 1 138 ? -6.551  7.185   -0.776  1.00 14.43  ? 138 TRP A CH2 1 
ATOM   1086 N  N   . TYR A 1 139 ? -9.372  7.720   4.486   1.00 10.88  ? 139 TYR A N   1 
ATOM   1087 C  CA  . TYR A 1 139 ? -9.018  9.110   4.479   1.00 8.25   ? 139 TYR A CA  1 
ATOM   1088 C  C   . TYR A 1 139 ? -9.037  9.705   5.864   1.00 29.48  ? 139 TYR A C   1 
ATOM   1089 O  O   . TYR A 1 139 ? -8.191  10.508  6.220   1.00 13.22  ? 139 TYR A O   1 
ATOM   1090 C  CB  . TYR A 1 139 ? -10.060 9.814   3.638   1.00 10.81  ? 139 TYR A CB  1 
ATOM   1091 C  CG  . TYR A 1 139 ? -9.844  11.274  3.646   1.00 14.15  ? 139 TYR A CG  1 
ATOM   1092 C  CD1 . TYR A 1 139 ? -8.921  11.802  2.753   1.00 13.49  ? 139 TYR A CD1 1 
ATOM   1093 C  CD2 . TYR A 1 139 ? -10.596 12.120  4.465   1.00 20.33  ? 139 TYR A CD2 1 
ATOM   1094 C  CE1 . TYR A 1 139 ? -8.710  13.168  2.670   1.00 23.14  ? 139 TYR A CE1 1 
ATOM   1095 C  CE2 . TYR A 1 139 ? -10.391 13.491  4.408   1.00 34.31  ? 139 TYR A CE2 1 
ATOM   1096 C  CZ  . TYR A 1 139 ? -9.439  13.994  3.520   1.00 42.82  ? 139 TYR A CZ  1 
ATOM   1097 O  OH  . TYR A 1 139 ? -9.210  15.337  3.421   1.00 55.51  ? 139 TYR A OH  1 
ATOM   1098 N  N   . ASN A 1 140 ? -10.044 9.340   6.651   1.00 14.79  ? 140 ASN A N   1 
ATOM   1099 C  CA  . ASN A 1 140 ? -10.156 9.890   8.007   1.00 9.29   ? 140 ASN A CA  1 
ATOM   1100 C  C   . ASN A 1 140 ? -9.082  9.366   8.954   1.00 15.26  ? 140 ASN A C   1 
ATOM   1101 O  O   . ASN A 1 140 ? -8.681  10.047  9.872   1.00 11.61  ? 140 ASN A O   1 
ATOM   1102 C  CB  . ASN A 1 140 ? -11.558 9.638   8.572   1.00 19.59  ? 140 ASN A CB  1 
ATOM   1103 C  CG  . ASN A 1 140 ? -12.542 10.561  7.899   1.00 26.91  ? 140 ASN A CG  1 
ATOM   1104 O  OD1 . ASN A 1 140 ? -13.284 10.167  6.983   1.00 23.01  ? 140 ASN A OD1 1 
ATOM   1105 N  ND2 . ASN A 1 140 ? -12.469 11.829  8.261   1.00 22.24  ? 140 ASN A ND2 1 
ATOM   1106 N  N   . GLN A 1 141 ? -8.601  8.168   8.731   1.00 10.35  ? 141 GLN A N   1 
ATOM   1107 C  CA  . GLN A 1 141 ? -7.574  7.610   9.584   1.00 10.22  ? 141 GLN A CA  1 
ATOM   1108 C  C   . GLN A 1 141 ? -6.177  8.027   9.192   1.00 20.79  ? 141 GLN A C   1 
ATOM   1109 O  O   . GLN A 1 141 ? -5.372  8.302   10.068  1.00 19.03  ? 141 GLN A O   1 
ATOM   1110 C  CB  . GLN A 1 141 ? -7.659  6.079   9.578   1.00 11.70  ? 141 GLN A CB  1 
ATOM   1111 C  CG  . GLN A 1 141 ? -8.991  5.651   10.221  1.00 30.54  ? 141 GLN A CG  1 
ATOM   1112 C  CD  . GLN A 1 141 ? -9.244  6.227   11.602  1.00 64.14  ? 141 GLN A CD  1 
ATOM   1113 O  OE1 . GLN A 1 141 ? -10.351 6.709   11.906  1.00 24.40  ? 141 GLN A OE1 1 
ATOM   1114 N  NE2 . GLN A 1 141 ? -8.251  6.112   12.469  1.00 22.34  ? 141 GLN A NE2 1 
ATOM   1115 N  N   . THR A 1 142 ? -5.870  8.051   7.897   1.00 10.63  ? 142 THR A N   1 
ATOM   1116 C  CA  . THR A 1 142 ? -4.541  8.449   7.466   1.00 6.64   ? 142 THR A CA  1 
ATOM   1117 C  C   . THR A 1 142 ? -4.689  9.523   6.426   1.00 15.91  ? 142 THR A C   1 
ATOM   1118 O  O   . THR A 1 142 ? -4.406  9.372   5.237   1.00 12.52  ? 142 THR A O   1 
ATOM   1119 C  CB  . THR A 1 142 ? -3.708  7.286   6.902   1.00 13.90  ? 142 THR A CB  1 
ATOM   1120 O  OG1 . THR A 1 142 ? -4.438  6.631   5.870   1.00 14.39  ? 142 THR A OG1 1 
ATOM   1121 C  CG2 . THR A 1 142 ? -3.460  6.273   8.012   1.00 12.13  ? 142 THR A CG2 1 
ATOM   1122 N  N   . PRO A 1 143 ? -5.112  10.654  6.916   1.00 16.71  ? 143 PRO A N   1 
ATOM   1123 C  CA  . PRO A 1 143 ? -5.375  11.812  6.079   1.00 8.20   ? 143 PRO A CA  1 
ATOM   1124 C  C   . PRO A 1 143 ? -4.186  12.316  5.181   1.00 13.30  ? 143 PRO A C   1 
ATOM   1125 O  O   . PRO A 1 143 ? -4.338  12.647  4.001   1.00 11.41  ? 143 PRO A O   1 
ATOM   1126 C  CB  . PRO A 1 143 ? -5.830  12.903  7.068   1.00 13.04  ? 143 PRO A CB  1 
ATOM   1127 C  CG  . PRO A 1 143 ? -5.491  12.417  8.464   1.00 10.18  ? 143 PRO A CG  1 
ATOM   1128 C  CD  . PRO A 1 143 ? -5.279  10.910  8.364   1.00 14.74  ? 143 PRO A CD  1 
ATOM   1129 N  N   . ASN A 1 144 ? -3.000  12.461  5.734   1.00 6.97   ? 144 ASN A N   1 
ATOM   1130 C  CA  . ASN A 1 144 ? -1.895  13.008  4.939   1.00 12.41  ? 144 ASN A CA  1 
ATOM   1131 C  C   . ASN A 1 144 ? -1.474  12.087  3.826   1.00 17.70  ? 144 ASN A C   1 
ATOM   1132 O  O   . ASN A 1 144 ? -1.244  12.509  2.714   1.00 12.59  ? 144 ASN A O   1 
ATOM   1133 C  CB  . ASN A 1 144 ? -0.680  13.337  5.815   1.00 14.89  ? 144 ASN A CB  1 
ATOM   1134 C  CG  . ASN A 1 144 ? -0.923  14.515  6.767   1.00 19.84  ? 144 ASN A CG  1 
ATOM   1135 O  OD1 . ASN A 1 144 ? -1.775  15.372  6.555   1.00 31.52  ? 144 ASN A OD1 1 
ATOM   1136 N  ND2 . ASN A 1 144 ? -0.182  14.536  7.861   1.00 38.25  ? 144 ASN A ND2 1 
ATOM   1137 N  N   . ARG A 1 145 ? -1.404  10.808  4.121   1.00 12.44  ? 145 ARG A N   1 
ATOM   1138 C  CA  . ARG A 1 145 ? -1.069  9.867   3.070   1.00 8.77   ? 145 ARG A CA  1 
ATOM   1139 C  C   . ARG A 1 145 ? -2.205  9.820   2.029   1.00 12.01  ? 145 ARG A C   1 
ATOM   1140 O  O   . ARG A 1 145 ? -1.987  9.850   0.818   1.00 10.70  ? 145 ARG A O   1 
ATOM   1141 C  CB  . ARG A 1 145 ? -0.943  8.463   3.654   1.00 11.88  ? 145 ARG A CB  1 
ATOM   1142 C  CG  . ARG A 1 145 ? -0.313  7.513   2.598   1.00 19.30  ? 145 ARG A CG  1 
ATOM   1143 C  CD  . ARG A 1 145 ? -0.386  6.098   3.027   1.00 21.06  ? 145 ARG A CD  1 
ATOM   1144 N  NE  . ARG A 1 145 ? 0.034   5.167   2.029   1.00 17.17  ? 145 ARG A NE  1 
ATOM   1145 C  CZ  . ARG A 1 145 ? 0.663   4.083   2.416   1.00 14.56  ? 145 ARG A CZ  1 
ATOM   1146 N  NH1 . ARG A 1 145 ? 0.899   3.874   3.693   1.00 13.11  ? 145 ARG A NH1 1 
ATOM   1147 N  NH2 . ARG A 1 145 ? 1.055   3.173   1.540   1.00 10.63  ? 145 ARG A NH2 1 
ATOM   1148 N  N   . ALA A 1 146 ? -3.457  9.695   2.495   1.00 12.94  ? 146 ALA A N   1 
ATOM   1149 C  CA  . ALA A 1 146 ? -4.563  9.646   1.569   1.00 10.20  ? 146 ALA A CA  1 
ATOM   1150 C  C   . ALA A 1 146 ? -4.563  10.854  0.631   1.00 12.84  ? 146 ALA A C   1 
ATOM   1151 O  O   . ALA A 1 146 ? -4.829  10.719  -0.570  1.00 10.99  ? 146 ALA A O   1 
ATOM   1152 C  CB  . ALA A 1 146 ? -5.890  9.439   2.302   1.00 18.24  ? 146 ALA A CB  1 
ATOM   1153 N  N   . LYS A 1 147 ? -4.301  12.047  1.198   1.00 15.34  ? 147 LYS A N   1 
ATOM   1154 C  CA  . LYS A 1 147 ? -4.231  13.303  0.434   1.00 18.17  ? 147 LYS A CA  1 
ATOM   1155 C  C   . LYS A 1 147 ? -3.226  13.179  -0.674  1.00 22.12  ? 147 LYS A C   1 
ATOM   1156 O  O   . LYS A 1 147 ? -3.492  13.616  -1.800  1.00 10.40  ? 147 LYS A O   1 
ATOM   1157 C  CB  . LYS A 1 147 ? -3.890  14.578  1.213   1.00 10.89  ? 147 LYS A CB  1 
ATOM   1158 C  CG  . LYS A 1 147 ? -5.134  15.093  1.918   1.00 37.10  ? 147 LYS A CG  1 
ATOM   1159 C  CD  . LYS A 1 147 ? -4.917  15.979  3.141   1.00 29.95  ? 147 LYS A CD  1 
ATOM   1160 C  CE  . LYS A 1 147 ? -6.092  15.916  4.119   1.00 72.76  ? 147 LYS A CE  1 
ATOM   1161 N  NZ  . LYS A 1 147 ? -6.619  17.237  4.518   1.00 100.00 ? 147 LYS A NZ  1 
ATOM   1162 N  N   . ARG A 1 148 ? -2.061  12.603  -0.367  1.00 12.21  ? 148 ARG A N   1 
ATOM   1163 C  CA  . ARG A 1 148 ? -1.065  12.489  -1.425  1.00 16.43  ? 148 ARG A CA  1 
ATOM   1164 C  C   . ARG A 1 148 ? -1.528  11.531  -2.524  1.00 12.71  ? 148 ARG A C   1 
ATOM   1165 O  O   . ARG A 1 148 ? -1.351  11.787  -3.703  1.00 15.85  ? 148 ARG A O   1 
ATOM   1166 C  CB  . ARG A 1 148 ? 0.260   11.946  -0.922  1.00 9.82   ? 148 ARG A CB  1 
ATOM   1167 C  CG  . ARG A 1 148 ? 0.955   12.912  0.004   1.00 7.32   ? 148 ARG A CG  1 
ATOM   1168 C  CD  . ARG A 1 148 ? 2.376   12.494  0.284   1.00 11.39  ? 148 ARG A CD  1 
ATOM   1169 N  NE  . ARG A 1 148 ? 2.471   11.347  1.199   1.00 18.11  ? 148 ARG A NE  1 
ATOM   1170 C  CZ  . ARG A 1 148 ? 2.472   11.451  2.563   1.00 13.45  ? 148 ARG A CZ  1 
ATOM   1171 N  NH1 . ARG A 1 148 ? 2.358   12.629  3.192   1.00 16.22  ? 148 ARG A NH1 1 
ATOM   1172 N  NH2 . ARG A 1 148 ? 2.539   10.348  3.318   1.00 13.16  ? 148 ARG A NH2 1 
ATOM   1173 N  N   . VAL A 1 149 ? -2.150  10.402  -2.115  1.00 6.88   ? 149 VAL A N   1 
ATOM   1174 C  CA  . VAL A 1 149 ? -2.537  9.429   -3.140  1.00 5.27   ? 149 VAL A CA  1 
ATOM   1175 C  C   . VAL A 1 149 ? -3.658  10.017  -3.991  1.00 11.88  ? 149 VAL A C   1 
ATOM   1176 O  O   . VAL A 1 149 ? -3.694  9.900   -5.228  1.00 13.82  ? 149 VAL A O   1 
ATOM   1177 C  CB  . VAL A 1 149 ? -2.945  8.093   -2.476  1.00 9.39   ? 149 VAL A CB  1 
ATOM   1178 C  CG1 . VAL A 1 149 ? -3.493  7.113   -3.505  1.00 5.85   ? 149 VAL A CG1 1 
ATOM   1179 C  CG2 . VAL A 1 149 ? -1.720  7.448   -1.812  1.00 10.22  ? 149 VAL A CG2 1 
ATOM   1180 N  N   . ILE A 1 150 ? -4.603  10.652  -3.288  1.00 11.35  ? 150 ILE A N   1 
ATOM   1181 C  CA  . ILE A 1 150 ? -5.754  11.303  -3.939  1.00 10.56  ? 150 ILE A CA  1 
ATOM   1182 C  C   . ILE A 1 150 ? -5.301  12.349  -4.913  1.00 11.77  ? 150 ILE A C   1 
ATOM   1183 O  O   . ILE A 1 150 ? -5.881  12.477  -5.992  1.00 13.90  ? 150 ILE A O   1 
ATOM   1184 C  CB  . ILE A 1 150 ? -6.798  11.866  -2.971  1.00 10.07  ? 150 ILE A CB  1 
ATOM   1185 C  CG1 . ILE A 1 150 ? -7.483  10.714  -2.223  1.00 13.02  ? 150 ILE A CG1 1 
ATOM   1186 C  CG2 . ILE A 1 150 ? -7.841  12.662  -3.746  1.00 19.36  ? 150 ILE A CG2 1 
ATOM   1187 C  CD1 . ILE A 1 150 ? -8.374  11.184  -1.093  1.00 10.43  ? 150 ILE A CD1 1 
ATOM   1188 N  N   . THR A 1 151 ? -4.290  13.144  -4.539  1.00 11.26  ? 151 THR A N   1 
ATOM   1189 C  CA  . THR A 1 151 ? -3.809  14.191  -5.465  1.00 11.92  ? 151 THR A CA  1 
ATOM   1190 C  C   . THR A 1 151 ? -3.198  13.555  -6.720  1.00 8.30   ? 151 THR A C   1 
ATOM   1191 O  O   . THR A 1 151 ? -3.235  14.078  -7.821  1.00 10.17  ? 151 THR A O   1 
ATOM   1192 C  CB  . THR A 1 151 ? -2.740  15.025  -4.773  1.00 18.26  ? 151 THR A CB  1 
ATOM   1193 O  OG1 . THR A 1 151 ? -3.363  15.785  -3.743  1.00 19.42  ? 151 THR A OG1 1 
ATOM   1194 C  CG2 . THR A 1 151 ? -2.064  15.966  -5.766  1.00 17.55  ? 151 THR A CG2 1 
ATOM   1195 N  N   . THR A 1 152 ? -2.585  12.429  -6.514  1.00 11.52  ? 152 THR A N   1 
ATOM   1196 C  CA  . THR A 1 152 ? -1.957  11.704  -7.586  1.00 11.60  ? 152 THR A CA  1 
ATOM   1197 C  C   . THR A 1 152 ? -3.041  11.234  -8.576  1.00 14.84  ? 152 THR A C   1 
ATOM   1198 O  O   . THR A 1 152 ? -2.896  11.294  -9.783  1.00 11.35  ? 152 THR A O   1 
ATOM   1199 C  CB  . THR A 1 152 ? -1.115  10.522  -6.980  1.00 7.51   ? 152 THR A CB  1 
ATOM   1200 O  OG1 . THR A 1 152 ? -0.161  11.071  -6.054  1.00 10.79  ? 152 THR A OG1 1 
ATOM   1201 C  CG2 . THR A 1 152 ? -0.407  9.758   -8.084  1.00 9.58   ? 152 THR A CG2 1 
ATOM   1202 N  N   . PHE A 1 153 ? -4.156  10.730  -8.056  1.00 5.41   ? 153 PHE A N   1 
ATOM   1203 C  CA  . PHE A 1 153 ? -5.161  10.264  -9.010  1.00 8.82   ? 153 PHE A CA  1 
ATOM   1204 C  C   . PHE A 1 153 ? -5.826  11.449  -9.683  1.00 13.67  ? 153 PHE A C   1 
ATOM   1205 O  O   . PHE A 1 153 ? -6.242  11.429  -10.835 1.00 12.96  ? 153 PHE A O   1 
ATOM   1206 C  CB  . PHE A 1 153 ? -6.278  9.519   -8.247  1.00 8.18   ? 153 PHE A CB  1 
ATOM   1207 C  CG  . PHE A 1 153 ? -6.036  8.052   -7.959  1.00 12.16  ? 153 PHE A CG  1 
ATOM   1208 C  CD1 . PHE A 1 153 ? -5.832  7.101   -8.970  1.00 15.79  ? 153 PHE A CD1 1 
ATOM   1209 C  CD2 . PHE A 1 153 ? -6.063  7.609   -6.636  1.00 15.69  ? 153 PHE A CD2 1 
ATOM   1210 C  CE1 . PHE A 1 153 ? -5.681  5.733   -8.691  1.00 8.79   ? 153 PHE A CE1 1 
ATOM   1211 C  CE2 . PHE A 1 153 ? -5.889  6.250   -6.350  1.00 14.47  ? 153 PHE A CE2 1 
ATOM   1212 C  CZ  . PHE A 1 153 ? -5.691  5.304   -7.363  1.00 9.56   ? 153 PHE A CZ  1 
ATOM   1213 N  N   . ARG A 1 154 ? -5.942  12.529  -8.899  1.00 12.82  ? 154 ARG A N   1 
ATOM   1214 C  CA  . ARG A 1 154 ? -6.553  13.747  -9.436  1.00 21.29  ? 154 ARG A CA  1 
ATOM   1215 C  C   . ARG A 1 154 ? -5.796  14.351  -10.563 1.00 24.19  ? 154 ARG A C   1 
ATOM   1216 O  O   . ARG A 1 154 ? -6.416  14.732  -11.533 1.00 22.15  ? 154 ARG A O   1 
ATOM   1217 C  CB  . ARG A 1 154 ? -6.813  14.872  -8.430  1.00 14.95  ? 154 ARG A CB  1 
ATOM   1218 C  CG  . ARG A 1 154 ? -8.065  15.706  -8.789  1.00 21.53  ? 154 ARG A CG  1 
ATOM   1219 C  CD  . ARG A 1 154 ? -8.398  16.822  -7.791  1.00 25.43  ? 154 ARG A CD  1 
ATOM   1220 N  NE  . ARG A 1 154 ? -7.238  17.264  -7.037  1.00 39.74  ? 154 ARG A NE  1 
ATOM   1221 C  CZ  . ARG A 1 154 ? -6.438  18.288  -7.393  1.00 100.00 ? 154 ARG A CZ  1 
ATOM   1222 N  NH1 . ARG A 1 154 ? -6.657  19.000  -8.505  1.00 100.00 ? 154 ARG A NH1 1 
ATOM   1223 N  NH2 . ARG A 1 154 ? -5.385  18.607  -6.617  1.00 100.00 ? 154 ARG A NH2 1 
ATOM   1224 N  N   . THR A 1 155 ? -4.473  14.491  -10.379 1.00 19.02  ? 155 THR A N   1 
ATOM   1225 C  CA  . THR A 1 155 ? -3.637  15.158  -11.350 1.00 20.08  ? 155 THR A CA  1 
ATOM   1226 C  C   . THR A 1 155 ? -2.920  14.293  -12.346 1.00 18.30  ? 155 THR A C   1 
ATOM   1227 O  O   . THR A 1 155 ? -2.520  14.770  -13.371 1.00 26.70  ? 155 THR A O   1 
ATOM   1228 C  CB  . THR A 1 155 ? -2.548  16.004  -10.618 1.00 18.48  ? 155 THR A CB  1 
ATOM   1229 O  OG1 . THR A 1 155 ? -1.678  15.168  -9.845  1.00 17.50  ? 155 THR A OG1 1 
ATOM   1230 C  CG2 . THR A 1 155 ? -3.198  17.057  -9.751  1.00 11.88  ? 155 THR A CG2 1 
ATOM   1231 N  N   . GLY A 1 156 ? -2.626  13.071  -12.002 1.00 16.72  ? 156 GLY A N   1 
ATOM   1232 C  CA  . GLY A 1 156 ? -1.833  12.280  -12.880 1.00 13.68  ? 156 GLY A CA  1 
ATOM   1233 C  C   . GLY A 1 156 ? -0.370  12.720  -12.806 1.00 26.46  ? 156 GLY A C   1 
ATOM   1234 O  O   . GLY A 1 156 ? 0.370   12.414  -13.702 1.00 16.54  ? 156 GLY A O   1 
ATOM   1235 N  N   . THR A 1 157 ? 0.071   13.420  -11.729 1.00 14.19  ? 157 THR A N   1 
ATOM   1236 C  CA  . THR A 1 157 ? 1.474   13.848  -11.611 1.00 15.86  ? 157 THR A CA  1 
ATOM   1237 C  C   . THR A 1 157 ? 2.017   13.450  -10.253 1.00 16.01  ? 157 THR A C   1 
ATOM   1238 O  O   . THR A 1 157 ? 1.281   13.068  -9.390  1.00 17.28  ? 157 THR A O   1 
ATOM   1239 C  CB  . THR A 1 157 ? 1.589   15.398  -11.639 1.00 23.88  ? 157 THR A CB  1 
ATOM   1240 O  OG1 . THR A 1 157 ? 1.044   15.958  -10.442 1.00 15.67  ? 157 THR A OG1 1 
ATOM   1241 C  CG2 . THR A 1 157 ? 0.927   16.002  -12.864 1.00 19.79  ? 157 THR A CG2 1 
ATOM   1242 N  N   . TRP A 1 158 ? 3.304   13.609  -10.038 1.00 20.81  ? 158 TRP A N   1 
ATOM   1243 C  CA  . TRP A 1 158 ? 3.916   13.296  -8.731  1.00 8.81   ? 158 TRP A CA  1 
ATOM   1244 C  C   . TRP A 1 158 ? 4.012   14.540  -7.865  1.00 19.78  ? 158 TRP A C   1 
ATOM   1245 O  O   . TRP A 1 158 ? 4.775   14.539  -6.934  1.00 16.65  ? 158 TRP A O   1 
ATOM   1246 C  CB  . TRP A 1 158 ? 5.356   12.781  -8.916  1.00 12.41  ? 158 TRP A CB  1 
ATOM   1247 C  CG  . TRP A 1 158 ? 5.422   11.502  -9.668  1.00 7.83   ? 158 TRP A CG  1 
ATOM   1248 C  CD1 . TRP A 1 158 ? 5.868   11.364  -10.937 1.00 17.36  ? 158 TRP A CD1 1 
ATOM   1249 C  CD2 . TRP A 1 158 ? 5.123   10.136  -9.198  1.00 14.71  ? 158 TRP A CD2 1 
ATOM   1250 N  NE1 . TRP A 1 158 ? 5.841   10.050  -11.314 1.00 15.60  ? 158 TRP A NE1 1 
ATOM   1251 C  CE2 . TRP A 1 158 ? 5.366   9.266   -10.272 1.00 19.23  ? 158 TRP A CE2 1 
ATOM   1252 C  CE3 . TRP A 1 158 ? 4.580   9.594   -8.028  1.00 12.51  ? 158 TRP A CE3 1 
ATOM   1253 C  CZ2 . TRP A 1 158 ? 5.120   7.886   -10.213 1.00 19.23  ? 158 TRP A CZ2 1 
ATOM   1254 C  CZ3 . TRP A 1 158 ? 4.417   8.229   -7.958  1.00 13.24  ? 158 TRP A CZ3 1 
ATOM   1255 C  CH2 . TRP A 1 158 ? 4.655   7.377   -9.036  1.00 15.80  ? 158 TRP A CH2 1 
ATOM   1256 N  N   . ASP A 1 159 ? 3.293   15.604  -8.168  1.00 14.42  ? 159 ASP A N   1 
ATOM   1257 C  CA  . ASP A 1 159 ? 3.470   16.792  -7.354  1.00 15.82  ? 159 ASP A CA  1 
ATOM   1258 C  C   . ASP A 1 159 ? 3.375   16.600  -5.827  1.00 17.78  ? 159 ASP A C   1 
ATOM   1259 O  O   . ASP A 1 159 ? 4.077   17.235  -5.086  1.00 22.37  ? 159 ASP A O   1 
ATOM   1260 C  CB  . ASP A 1 159 ? 2.569   17.916  -7.835  1.00 24.68  ? 159 ASP A CB  1 
ATOM   1261 C  CG  . ASP A 1 159 ? 2.788   18.295  -9.278  1.00 42.43  ? 159 ASP A CG  1 
ATOM   1262 O  OD1 . ASP A 1 159 ? 4.015   18.079  -9.686  1.00 43.71  ? 159 ASP A OD1 1 
ATOM   1263 O  OD2 . ASP A 1 159 ? 1.915   18.815  -9.962  1.00 45.44  ? 159 ASP A OD2 1 
ATOM   1264 N  N   . ALA A 1 160 ? 2.464   15.752  -5.354  1.00 16.77  ? 160 ALA A N   1 
ATOM   1265 C  CA  . ALA A 1 160 ? 2.276   15.538  -3.927  1.00 11.97  ? 160 ALA A CA  1 
ATOM   1266 C  C   . ALA A 1 160 ? 3.509   14.914  -3.316  1.00 9.20   ? 160 ALA A C   1 
ATOM   1267 O  O   . ALA A 1 160 ? 3.707   14.967  -2.115  1.00 19.46  ? 160 ALA A O   1 
ATOM   1268 C  CB  . ALA A 1 160 ? 1.087   14.617  -3.671  1.00 14.29  ? 160 ALA A CB  1 
ATOM   1269 N  N   . TYR A 1 161 ? 4.324   14.276  -4.131  1.00 14.93  ? 161 TYR A N   1 
ATOM   1270 C  CA  . TYR A 1 161 ? 5.505   13.601  -3.620  1.00 16.33  ? 161 TYR A CA  1 
ATOM   1271 C  C   . TYR A 1 161 ? 6.777   14.449  -3.749  1.00 41.77  ? 161 TYR A C   1 
ATOM   1272 O  O   . TYR A 1 161 ? 7.868   14.009  -3.374  1.00 24.01  ? 161 TYR A O   1 
ATOM   1273 C  CB  . TYR A 1 161 ? 5.675   12.159  -4.174  1.00 8.64   ? 161 TYR A CB  1 
ATOM   1274 C  CG  . TYR A 1 161 ? 4.619   11.260  -3.602  1.00 13.98  ? 161 TYR A CG  1 
ATOM   1275 C  CD1 . TYR A 1 161 ? 3.343   11.258  -4.161  1.00 9.05   ? 161 TYR A CD1 1 
ATOM   1276 C  CD2 . TYR A 1 161 ? 4.860   10.495  -2.457  1.00 10.77  ? 161 TYR A CD2 1 
ATOM   1277 C  CE1 . TYR A 1 161 ? 2.334   10.476  -3.592  1.00 10.10  ? 161 TYR A CE1 1 
ATOM   1278 C  CE2 . TYR A 1 161 ? 3.854   9.704   -1.894  1.00 9.72   ? 161 TYR A CE2 1 
ATOM   1279 C  CZ  . TYR A 1 161 ? 2.587   9.688   -2.473  1.00 13.83  ? 161 TYR A CZ  1 
ATOM   1280 O  OH  . TYR A 1 161 ? 1.555   8.872   -1.923  1.00 8.72   ? 161 TYR A OH  1 
ATOM   1281 N  N   . LYS A 1 162 ? 6.659   15.686  -4.221  1.00 44.12  ? 162 LYS A N   1 
ATOM   1282 C  CA  . LYS A 1 162 ? 7.842   16.516  -4.330  1.00 57.61  ? 162 LYS A CA  1 
ATOM   1283 C  C   . LYS A 1 162 ? 7.840   17.652  -3.331  1.00 32.93  ? 162 LYS A C   1 
ATOM   1284 O  O   . LYS A 1 162 ? 8.856   17.836  -2.644  1.00 56.75  ? 162 LYS A O   1 
ATOM   1285 C  CB  . LYS A 1 162 ? 8.137   16.955  -5.743  1.00 41.42  ? 162 LYS A CB  1 
ATOM   1286 C  CG  . LYS A 1 162 ? 8.091   15.793  -6.739  1.00 53.91  ? 162 LYS A CG  1 
ATOM   1287 C  CD  . LYS A 1 162 ? 7.982   16.237  -8.207  1.00 100.00 ? 162 LYS A CD  1 
ATOM   1288 C  CE  . LYS A 1 162 ? 6.786   17.154  -8.512  1.00 100.00 ? 162 LYS A CE  1 
ATOM   1289 N  NZ  . LYS A 1 162 ? 6.199   16.982  -9.865  1.00 100.00 ? 162 LYS A NZ  1 
HETATM 1290 CL CL  . CL  B 2 .   ? -1.296  10.058  7.339   1.00 25.72  ? 173 CL  A CL  1 
HETATM 1291 CL CL  . CL  C 2 .   ? 6.454   -13.174 3.400   0.50 30.88  ? 178 CL  A CL  1 
HETATM 1292 C  C1  . HED D 3 .   ? 5.805   -2.924  -12.458 1.00 32.76  ? 170 HED A C1  1 
HETATM 1293 O  O1  . HED D 3 .   ? 6.879   -2.478  -11.609 1.00 40.51  ? 170 HED A O1  1 
HETATM 1294 C  C2  . HED D 3 .   ? 4.740   -1.872  -12.358 1.00 45.43  ? 170 HED A C2  1 
HETATM 1295 S  S3  . HED D 3 .   ? 5.535   -0.264  -12.458 1.00 52.31  ? 170 HED A S3  1 
HETATM 1296 S  S4  . HED D 3 .   ? 4.011   0.982   -11.854 1.00 100.00 ? 170 HED A S4  1 
HETATM 1297 C  C5  . HED D 3 .   ? 3.297   1.725   -13.349 1.00 26.28  ? 170 HED A C5  1 
HETATM 1298 C  C6  . HED D 3 .   ? 4.136   2.912   -13.863 1.00 70.92  ? 170 HED A C6  1 
HETATM 1299 O  O6  . HED D 3 .   ? 4.226   3.888   -12.838 1.00 67.70  ? 170 HED A O6  1 
HETATM 1300 O  O1  . BZF E 4 .   ? -7.963  2.331   -8.152  1.00 33.44  ? 401 BZF A O1  1 
HETATM 1301 C  C2  . BZF E 4 .   ? -7.783  2.474   -6.789  1.00 26.11  ? 401 BZF A C2  1 
HETATM 1302 C  C3  . BZF E 4 .   ? -7.279  1.343   -6.253  1.00 23.78  ? 401 BZF A C3  1 
HETATM 1303 C  C3A . BZF E 4 .   ? -7.049  0.470   -7.363  1.00 14.43  ? 401 BZF A C3A 1 
HETATM 1304 C  C4  . BZF E 4 .   ? -6.544  -0.794  -7.474  1.00 17.35  ? 401 BZF A C4  1 
HETATM 1305 C  C5  . BZF E 4 .   ? -6.521  -1.391  -8.694  1.00 18.16  ? 401 BZF A C5  1 
HETATM 1306 C  C6  . BZF E 4 .   ? -6.998  -0.757  -9.823  1.00 17.75  ? 401 BZF A C6  1 
HETATM 1307 C  C7  . BZF E 4 .   ? -7.504  0.500   -9.763  1.00 19.68  ? 401 BZF A C7  1 
HETATM 1308 C  C7A . BZF E 4 .   ? -7.498  1.118   -8.536  1.00 21.90  ? 401 BZF A C7A 1 
HETATM 1309 O  O   . HOH F 5 .   ? 7.556   -4.328  2.608   1.00 13.34  ? 171 HOH A O   1 
HETATM 1310 O  O   . HOH F 5 .   ? -6.277  4.402   6.992   1.00 39.02  ? 172 HOH A O   1 
HETATM 1311 O  O   . HOH F 5 .   ? -4.835  8.507   12.793  1.00 16.68  ? 174 HOH A O   1 
HETATM 1312 O  O   . HOH F 5 .   ? 0.963   13.549  -6.690  1.00 18.66  ? 175 HOH A O   1 
HETATM 1313 O  O   . HOH F 5 .   ? 12.301  -13.780 16.768  1.00 52.09  ? 176 HOH A O   1 
HETATM 1314 O  O   . HOH F 5 .   ? 1.364   7.186   -18.634 1.00 25.80  ? 177 HOH A O   1 
HETATM 1315 O  O   . HOH F 5 .   ? 9.996   -4.432  4.007   1.00 12.16  ? 179 HOH A O   1 
HETATM 1316 O  O   . HOH F 5 .   ? -0.835  15.424  2.530   1.00 32.03  ? 180 HOH A O   1 
HETATM 1317 O  O   . HOH F 5 .   ? -1.901  3.478   -19.737 1.00 19.73  ? 181 HOH A O   1 
HETATM 1318 O  O   . HOH F 5 .   ? 6.940   -10.740 1.076   1.00 18.33  ? 182 HOH A O   1 
HETATM 1319 O  O   . HOH F 5 .   ? 12.518  -14.716 0.240   1.00 27.04  ? 183 HOH A O   1 
HETATM 1320 O  O   . HOH F 5 .   ? 21.697  -4.710  5.053   1.00 45.63  ? 184 HOH A O   1 
HETATM 1321 O  O   . HOH F 5 .   ? 8.427   -11.306 -6.191  1.00 37.81  ? 185 HOH A O   1 
HETATM 1322 O  O   . HOH F 5 .   ? 13.431  -2.903  -3.029  1.00 37.99  ? 186 HOH A O   1 
HETATM 1323 O  O   . HOH F 5 .   ? 12.883  8.482   -9.779  1.00 37.81  ? 187 HOH A O   1 
HETATM 1324 O  O   . HOH F 5 .   ? -11.791 12.876  10.918  1.00 32.35  ? 188 HOH A O   1 
HETATM 1325 O  O   . HOH F 5 .   ? 15.192  1.367   12.537  1.00 38.19  ? 189 HOH A O   1 
HETATM 1326 O  O   . HOH F 5 .   ? -0.436  -7.187  15.429  1.00 25.28  ? 190 HOH A O   1 
HETATM 1327 O  O   . HOH F 5 .   ? -0.959  -5.842  17.744  1.00 36.10  ? 191 HOH A O   1 
HETATM 1328 O  O   . HOH F 5 .   ? 1.371   2.440   16.381  1.00 26.51  ? 192 HOH A O   1 
HETATM 1329 O  O   . HOH F 5 .   ? -10.117 -1.246  -19.110 1.00 25.57  ? 193 HOH A O   1 
HETATM 1330 O  O   . HOH F 5 .   ? -11.736 17.300  -6.631  1.00 36.57  ? 194 HOH A O   1 
HETATM 1331 O  O   . HOH F 5 .   ? 6.207   3.368   -10.899 1.00 13.20  ? 195 HOH A O   1 
HETATM 1332 O  O   . HOH F 5 .   ? 18.923  -10.004 13.377  1.00 44.82  ? 196 HOH A O   1 
HETATM 1333 O  O   . HOH F 5 .   ? -17.734 2.784   -3.320  1.00 26.26  ? 197 HOH A O   1 
HETATM 1334 O  O   . HOH F 5 .   ? 5.076   -12.290 6.024   1.00 35.09  ? 200 HOH A O   1 
HETATM 1335 O  O   . HOH F 5 .   ? 6.118   -11.603 -4.648  1.00 24.42  ? 201 HOH A O   1 
HETATM 1336 O  O   . HOH F 5 .   ? 4.390   -11.315 -0.293  1.00 49.39  ? 202 HOH A O   1 
HETATM 1337 O  O   . HOH F 5 .   ? 1.317   -2.589  8.371   1.00 21.50  ? 203 HOH A O   1 
HETATM 1338 O  O   . HOH F 5 .   ? 2.411   -0.027  7.403   1.00 25.81  ? 204 HOH A O   1 
HETATM 1339 O  O   . HOH F 5 .   ? 2.688   4.213   6.999   1.00 44.88  ? 207 HOH A O   1 
HETATM 1340 O  O   . HOH F 5 .   ? -2.732  4.265   -0.013  1.00 11.39  ? 208 HOH A O   1 
HETATM 1341 O  O   . HOH F 5 .   ? 0.316   7.470   7.430   1.00 30.39  ? 209 HOH A O   1 
HETATM 1342 O  O   . HOH F 5 .   ? -0.432  10.636  -15.999 1.00 34.65  ? 210 HOH A O   1 
HETATM 1343 O  O   . HOH F 5 .   ? 2.075   15.161  2.348   1.00 30.11  ? 211 HOH A O   1 
HETATM 1344 O  O   . HOH F 5 .   ? -9.068  5.528   -16.367 1.00 17.65  ? 213 HOH A O   1 
HETATM 1345 O  O   . HOH F 5 .   ? -11.122 4.292   -19.604 1.00 41.02  ? 214 HOH A O   1 
HETATM 1346 O  O   . HOH F 5 .   ? 9.179   -13.934 2.511   1.00 16.70  ? 215 HOH A O   1 
HETATM 1347 O  O   . HOH F 5 .   ? -10.819 14.940  -2.095  1.00 35.77  ? 216 HOH A O   1 
HETATM 1348 O  O   . HOH F 5 .   ? -9.767  16.825  -13.597 1.00 29.20  ? 217 HOH A O   1 
HETATM 1349 O  O   . HOH F 5 .   ? -17.829 12.643  -6.374  1.00 24.97  ? 218 HOH A O   1 
HETATM 1350 O  O   . HOH F 5 .   ? -18.930 11.412  -4.014  1.00 27.60  ? 219 HOH A O   1 
HETATM 1351 O  O   . HOH F 5 .   ? -14.855 12.238  4.835   1.00 39.53  ? 220 HOH A O   1 
HETATM 1352 O  O   . HOH F 5 .   ? 13.998  1.763   -0.446  1.00 49.00  ? 221 HOH A O   1 
HETATM 1353 O  O   . HOH F 5 .   ? -2.723  -12.232 10.567  1.00 46.28  ? 222 HOH A O   1 
HETATM 1354 O  O   . HOH F 5 .   ? 12.514  6.304   -11.712 1.00 26.38  ? 223 HOH A O   1 
HETATM 1355 O  O   . HOH F 5 .   ? 1.408   -2.604  5.701   1.00 27.67  ? 224 HOH A O   1 
HETATM 1356 O  O   . HOH F 5 .   ? -1.077  -3.664  4.987   1.00 55.96  ? 225 HOH A O   1 
HETATM 1357 O  O   . HOH F 5 .   ? -2.365  -5.751  -18.015 1.00 31.39  ? 226 HOH A O   1 
HETATM 1358 O  O   . HOH F 5 .   ? 12.373  8.304   1.375   1.00 46.65  ? 227 HOH A O   1 
HETATM 1359 O  O   . HOH F 5 .   ? 9.160   7.966   4.873   1.00 51.68  ? 228 HOH A O   1 
HETATM 1360 O  O   . HOH F 5 .   ? 4.628   1.715   7.807   1.00 28.06  ? 229 HOH A O   1 
HETATM 1361 O  O   . HOH F 5 .   ? 2.572   8.003   5.589   1.00 35.96  ? 230 HOH A O   1 
HETATM 1362 O  O   . HOH F 5 .   ? 5.078   14.635  -12.287 1.00 33.70  ? 231 HOH A O   1 
HETATM 1363 O  O   . HOH F 5 .   ? 2.168   16.447  -0.456  1.00 36.83  ? 232 HOH A O   1 
HETATM 1364 O  O   . HOH F 5 .   ? -0.423  16.404  -0.509  1.00 43.90  ? 233 HOH A O   1 
HETATM 1365 O  O   . HOH F 5 .   ? -10.069 14.359  7.939   1.00 47.91  ? 234 HOH A O   1 
HETATM 1366 O  O   . HOH F 5 .   ? -12.778 15.992  -13.330 1.00 26.39  ? 235 HOH A O   1 
HETATM 1367 O  O   . HOH F 5 .   ? 6.389   4.130   12.318  1.00 49.50  ? 236 HOH A O   1 
HETATM 1368 O  O   . HOH F 5 .   ? 0.142   4.973   6.289   1.00 28.89  ? 237 HOH A O   1 
HETATM 1369 O  O   . HOH F 5 .   ? -7.118  16.471  -13.831 1.00 29.97  ? 238 HOH A O   1 
HETATM 1370 O  O   . HOH F 5 .   ? 13.060  -13.518 2.362   1.00 27.57  ? 239 HOH A O   1 
HETATM 1371 O  O   . HOH F 5 .   ? 18.324  -4.459  -1.533  1.00 27.73  ? 240 HOH A O   1 
HETATM 1372 O  O   . HOH F 5 .   ? -0.284  -11.570 -5.502  1.00 34.10  ? 242 HOH A O   1 
HETATM 1373 O  O   . HOH F 5 .   ? 11.925  7.740   -1.693  1.00 38.38  ? 244 HOH A O   1 
HETATM 1374 O  O   . HOH F 5 .   ? 2.833   12.339  6.468   1.00 53.40  ? 245 HOH A O   1 
HETATM 1375 O  O   . HOH F 5 .   ? 3.021   -11.843 2.976   1.00 41.83  ? 246 HOH A O   1 
HETATM 1376 O  O   . HOH F 5 .   ? 5.884   0.527   17.818  1.00 38.42  ? 247 HOH A O   1 
HETATM 1377 O  O   . HOH F 5 .   ? 6.481   9.312   -14.109 1.00 45.41  ? 248 HOH A O   1 
HETATM 1378 O  O   . HOH F 5 .   ? -8.294  15.565  -0.738  1.00 43.83  ? 249 HOH A O   1 
HETATM 1379 O  O   . HOH F 5 .   ? -12.644 16.435  -0.795  1.00 49.91  ? 250 HOH A O   1 
HETATM 1380 O  O   . HOH F 5 .   ? -15.124 14.632  -0.050  1.00 29.25  ? 251 HOH A O   1 
HETATM 1381 O  O   . HOH F 5 .   ? -14.686 -3.086  -11.917 1.00 48.04  ? 253 HOH A O   1 
HETATM 1382 O  O   . HOH F 5 .   ? -6.329  -8.817  0.505   1.00 64.36  ? 254 HOH A O   1 
HETATM 1383 O  O   . HOH F 5 .   ? 0.635   -0.435  4.776   1.00 32.42  ? 256 HOH A O   1 
HETATM 1384 O  O   . HOH F 5 .   ? 15.188  3.196   2.033   1.00 59.43  ? 257 HOH A O   1 
HETATM 1385 O  O   . HOH F 5 .   ? 19.114  -12.987 4.827   1.00 35.76  ? 259 HOH A O   1 
HETATM 1386 O  O   . HOH F 5 .   ? 21.593  -8.595  5.296   1.00 50.72  ? 260 HOH A O   1 
HETATM 1387 O  O   . HOH F 5 .   ? -5.886  16.484  -4.873  1.00 70.93  ? 261 HOH A O   1 
HETATM 1388 O  O   . HOH F 5 .   ? 4.927   5.675   8.737   1.00 77.93  ? 263 HOH A O   1 
HETATM 1389 O  O   . HOH F 5 .   ? 2.366   -5.967  4.009   1.00 36.19  ? 266 HOH A O   1 
HETATM 1390 O  O   . HOH F 5 .   ? 1.552   -3.346  3.529   1.00 27.80  ? 267 HOH A O   1 
HETATM 1391 O  O   . HOH F 5 .   ? -11.641 -11.679 -9.515  1.00 38.99  ? 268 HOH A O   1 
HETATM 1392 O  O   . HOH F 5 .   ? 3.064   3.348   13.208  1.00 36.84  ? 269 HOH A O   1 
HETATM 1393 O  O   . HOH F 5 .   ? -12.162 3.083   3.876   1.00 16.72  ? 270 HOH A O   1 
HETATM 1394 O  O   . HOH F 5 .   ? -9.787  16.766  -4.256  1.00 53.41  ? 271 HOH A O   1 
HETATM 1395 O  O   . HOH F 5 .   ? -22.224 0.231   -6.181  1.00 36.72  ? 272 HOH A O   1 
HETATM 1396 O  O   . HOH F 5 .   ? 2.680   12.904  -15.736 1.00 48.50  ? 273 HOH A O   1 
HETATM 1397 O  O   . HOH F 5 .   ? 1.569   -6.575  -0.992  1.00 46.73  ? 274 HOH A O   1 
HETATM 1398 O  O   . HOH F 5 .   ? -5.367  14.620  -16.014 1.00 33.27  ? 277 HOH A O   1 
HETATM 1399 O  O   . HOH F 5 .   ? 13.953  -15.352 16.538  1.00 35.44  ? 278 HOH A O   1 
HETATM 1400 O  O   . HOH F 5 .   ? -18.768 -2.291  -1.862  1.00 69.79  ? 279 HOH A O   1 
HETATM 1401 O  O   . HOH F 5 .   ? 2.530   -9.349  5.427   1.00 51.49  ? 280 HOH A O   1 
HETATM 1402 O  O   . HOH F 5 .   ? 3.020   -12.846 7.916   1.00 32.30  ? 281 HOH A O   1 
HETATM 1403 O  O   . HOH F 5 .   ? 5.740   -14.371 7.403   1.00 26.23  ? 282 HOH A O   1 
HETATM 1404 O  O   . HOH F 5 .   ? 13.002  2.828   -2.361  1.00 41.06  ? 283 HOH A O   1 
HETATM 1405 O  O   . HOH F 5 .   ? 21.291  -3.176  8.065   1.00 35.85  ? 284 HOH A O   1 
HETATM 1406 O  O   . HOH F 5 .   ? 7.586   0.369   7.408   1.00 53.81  ? 285 HOH A O   1 
HETATM 1407 O  O   . HOH F 5 .   ? 20.044  -4.427  11.718  1.00 68.70  ? 286 HOH A O   1 
HETATM 1408 O  O   . HOH F 5 .   ? 14.528  4.574   -7.710  1.00 31.72  ? 288 HOH A O   1 
HETATM 1409 O  O   . HOH F 5 .   ? -6.408  -11.188 -6.903  1.00 38.99  ? 289 HOH A O   1 
HETATM 1410 O  O   . HOH F 5 .   ? -6.474  -0.557  -21.657 1.00 43.79  ? 290 HOH A O   1 
HETATM 1411 O  O   . HOH F 5 .   ? -14.812 15.076  -14.824 1.00 39.20  ? 293 HOH A O   1 
HETATM 1412 O  O   . HOH F 5 .   ? 14.013  5.553   -2.353  1.00 36.86  ? 295 HOH A O   1 
HETATM 1413 O  O   . HOH F 5 .   ? 7.665   11.371  -14.204 1.00 39.44  ? 296 HOH A O   1 
HETATM 1414 O  O   . HOH F 5 .   ? 8.679   1.913   8.686   1.00 37.08  ? 298 HOH A O   1 
HETATM 1415 O  O   . HOH F 5 .   ? 1.403   -5.190  1.377   1.00 35.41  ? 299 HOH A O   1 
HETATM 1416 O  O   . HOH F 5 .   ? -14.093 14.266  7.467   1.00 57.72  ? 300 HOH A O   1 
HETATM 1417 O  O   . HOH F 5 .   ? -15.479 -0.035  -12.254 1.00 49.05  ? 301 HOH A O   1 
HETATM 1418 O  O   . HOH F 5 .   ? -7.376  2.155   6.019   1.00 46.67  ? 303 HOH A O   1 
HETATM 1419 O  O   . HOH F 5 .   ? 3.082   2.866   9.578   1.00 57.38  ? 304 HOH A O   1 
HETATM 1420 O  O   . HOH F 5 .   ? -2.525  -2.274  8.670   1.00 32.78  ? 306 HOH A O   1 
HETATM 1421 O  O   . HOH F 5 .   ? 17.863  -16.009 5.599   1.00 55.36  ? 308 HOH A O   1 
HETATM 1422 O  O   . HOH F 5 .   ? -14.654 14.985  -12.553 1.00 21.24  ? 311 HOH A O   1 
HETATM 1423 O  O   . HOH F 5 .   ? -9.013  16.819  1.309   1.00 49.73  ? 312 HOH A O   1 
HETATM 1424 O  O   . HOH F 5 .   ? -5.876  15.740  -1.838  1.00 48.77  ? 313 HOH A O   1 
HETATM 1425 O  O   . HOH F 5 .   ? 12.272  6.982   7.220   1.00 72.16  ? 315 HOH A O   1 
HETATM 1426 O  O   . HOH F 5 .   ? -20.161 4.870   -9.271  1.00 56.39  ? 318 HOH A O   1 
HETATM 1427 O  O   . HOH F 5 .   ? -0.521  1.825   7.707   1.00 78.31  ? 321 HOH A O   1 
HETATM 1428 O  O   . HOH F 5 .   ? 12.083  0.019   15.394  1.00 68.38  ? 322 HOH A O   1 
HETATM 1429 O  O   . HOH F 5 .   ? 7.762   3.831   10.119  1.00 49.25  ? 323 HOH A O   1 
HETATM 1430 O  O   . HOH F 5 .   ? 5.621   -9.236  -11.457 1.00 37.33  ? 324 HOH A O   1 
HETATM 1431 O  O   . HOH F 5 .   ? -6.262  4.404   14.057  1.00 75.29  ? 325 HOH A O   1 
HETATM 1432 O  O   . HOH F 5 .   ? -4.336  5.777   12.697  1.00 52.81  ? 326 HOH A O   1 
HETATM 1433 O  O   . HOH F 5 .   ? 10.388  -16.817 17.102  1.00 54.07  ? 327 HOH A O   1 
HETATM 1434 O  O   . HOH F 5 .   ? -10.561 0.853   4.609   1.00 71.57  ? 328 HOH A O   1 
HETATM 1435 O  O   . HOH F 5 .   ? 16.344  -13.237 2.787   1.00 47.37  ? 330 HOH A O   1 
HETATM 1436 O  O   . HOH F 5 .   ? -0.587  -14.495 11.171  1.00 61.75  ? 331 HOH A O   1 
# 
